data_8G9Y
#
_entry.id   8G9Y
#
_cell.length_a   1.00
_cell.length_b   1.00
_cell.length_c   1.00
_cell.angle_alpha   90.00
_cell.angle_beta   90.00
_cell.angle_gamma   90.00
#
_symmetry.space_group_name_H-M   'P 1'
#
loop_
_entity.id
_entity.type
_entity.pdbx_description
1 polymer 'Envelope glycoprotein gp41'
2 polymer 'Envelope glycoprotein gp120'
3 polymer 'vFP49.02 heavy chain'
4 polymer 'vFP49.02 light chain'
5 branched 2-acetamido-2-deoxy-beta-D-glucopyranose-(1-4)-2-acetamido-2-deoxy-beta-D-glucopyranose
6 branched beta-D-mannopyranose-(1-4)-2-acetamido-2-deoxy-beta-D-glucopyranose-(1-4)-2-acetamido-2-deoxy-beta-D-glucopyranose
7 branched alpha-D-mannopyranose-(1-3)-beta-D-mannopyranose-(1-4)-2-acetamido-2-deoxy-beta-D-glucopyranose-(1-4)-2-acetamido-2-deoxy-beta-D-glucopyranose
8 branched alpha-D-mannopyranose-(1-3)-[alpha-D-mannopyranose-(1-6)]beta-D-mannopyranose-(1-4)-2-acetamido-2-deoxy-beta-D-glucopyranose-(1-4)-2-acetamido-2-deoxy-beta-D-glucopyranose
9 non-polymer 2-acetamido-2-deoxy-beta-D-glucopyranose
#
loop_
_entity_poly.entity_id
_entity_poly.type
_entity_poly.pdbx_seq_one_letter_code
_entity_poly.pdbx_strand_id
1 'polypeptide(L)'
;AVGIGAVFLGFLGAAGSTMGAASMTLTVQARNLLSGIVQQQSNLLRAPEAQQHLLKLTVWGIKQLQARVLAVERYLRDQQ
LLGIWGCSGKLICCTNVPWNSSWSNRNLSEIWDNMTWLQWDKEISNYTQIIYGLLEESQNQQEKNEQDLLALD
;
B,D,O
2 'polypeptide(L)'
;AENLWVTVYYGVPVWKDAETTLFCASDAKAYETEKHNVWATHACVPTDPNPQEIHLENVTEEFNMWKNNMVEQMHTDIIS
LWDQSLKPCVKLTPLCVTLQCTNVTNNITDDMRGELKNCSFNMTTELRDKKQKVYSLFYRLDVVQINENQGNRSNNSNKE
YRLINCNTSACTQACPKVSFEPIPIHYCAPAGFAILKCKDKKFNGTGPCPSVSTVQCTHGIKPVVSTQLLLNGSLAEEEV
MIRSENITNNAKNILVQFNTPVQINCTRPNNNTRKSIRIGPGQAFYATGDIIGDIRQAHCNVSKATWNETLGKVVKQLRK
HFGNNTIIRFANSSGGDLEVTTHSFNCGGEFFYCNTSGLFNSTWISNTSVQGSNSTGSNDSITLPCRIKQIINMWQRIGQ
CMYAPPIQGVIRCVSNITGLILTRDGGSTNSTTETFRPGGGDMRDNWRSELYKYKVVKIEPLGVAPTRCKRRVVGRRRRR
R
;
E,G,P
3 'polypeptide(L)'
;EVMLVESGGGLVKPGGSLKLSCEASGFSFGFYSLSWVRQTPEKRLEWVATIAGSGVGGQTYYPDSVKGRFTISRDNAKNT
LYLQMSSLRSEDTAVFYCARHGEGKYGSNFAYWGQGTTLTVSSASTTPPSVYPLAPGSAAQTNSMVTLGCLVKGYFPEPV
TVTWNSGSLSSGVHTFPAVLQSDLYTLSSSVTVPSSTWPSETVTCNVAHPASSTKVDKKIVPRDCDKGLEVLFQG
;
H
4 'polypeptide(L)'
;DVVLTQSPATLSVTPGDSVSLSCRASQTISDNLHWYLQKSHESPRLLIKYSSQSISGIPSRFSGSGSGTDFTLNINSVET
EDFGMYFCQQTNSWPLTFGAGTKLELKRTDAAPTVSIFPPSSEQLTSGGASVVCFLNNFYPKDINVKWKIDGSERQNGVL
NSWTDQDSKDSTYSMSSTLTLTKDEYERHNSYTCEATHKTSTSPIVKSFNRNEC
;
L
#
loop_
_chem_comp.id
_chem_comp.type
_chem_comp.name
_chem_comp.formula
BMA D-saccharide, beta linking beta-D-mannopyranose 'C6 H12 O6'
MAN D-saccharide, alpha linking alpha-D-mannopyranose 'C6 H12 O6'
NAG D-saccharide, beta linking 2-acetamido-2-deoxy-beta-D-glucopyranose 'C8 H15 N O6'
#
# COMPACT_ATOMS: atom_id res chain seq x y z
N ALA A 1 -40.58 26.54 18.03
CA ALA A 1 -40.42 26.88 16.63
C ALA A 1 -40.53 25.64 15.76
N VAL A 2 -40.01 25.74 14.54
CA VAL A 2 -40.00 24.63 13.59
C VAL A 2 -38.56 24.14 13.48
N GLY A 3 -38.36 22.86 13.75
CA GLY A 3 -37.02 22.30 13.84
C GLY A 3 -36.57 22.14 15.27
N ILE A 4 -36.67 20.92 15.79
CA ILE A 4 -36.34 20.62 17.17
C ILE A 4 -35.48 19.37 17.21
N GLY A 5 -34.79 19.19 18.32
CA GLY A 5 -33.87 18.08 18.51
C GLY A 5 -34.51 16.87 19.16
N ALA A 6 -35.85 16.86 19.26
CA ALA A 6 -36.57 15.78 19.92
C ALA A 6 -36.69 14.57 19.01
N VAL A 7 -37.36 14.74 17.87
CA VAL A 7 -37.62 13.62 16.96
C VAL A 7 -36.48 13.42 15.97
N PHE A 8 -35.47 14.30 15.99
CA PHE A 8 -34.31 14.18 15.12
C PHE A 8 -33.18 13.48 15.87
N LEU A 9 -33.23 12.17 15.87
CA LEU A 9 -32.31 11.36 16.68
C LEU A 9 -30.97 11.26 15.97
N GLY A 10 -30.08 10.41 16.48
CA GLY A 10 -28.76 10.32 15.90
C GLY A 10 -28.43 8.92 15.41
N PHE A 11 -27.13 8.62 15.35
CA PHE A 11 -26.67 7.32 14.88
C PHE A 11 -27.13 6.22 15.82
N LEU A 12 -27.69 5.16 15.24
CA LEU A 12 -28.28 4.05 15.97
C LEU A 12 -29.36 4.54 16.92
N GLY A 13 -30.09 5.56 16.48
CA GLY A 13 -30.99 6.26 17.37
C GLY A 13 -32.20 5.43 17.75
N ALA A 14 -32.83 4.78 16.77
CA ALA A 14 -34.02 3.98 17.03
C ALA A 14 -33.68 2.50 17.22
N ALA A 15 -32.52 2.22 17.82
CA ALA A 15 -32.03 0.85 17.91
C ALA A 15 -32.83 0.01 18.88
N GLY A 16 -33.69 0.64 19.67
CA GLY A 16 -34.57 -0.08 20.58
C GLY A 16 -36.00 0.07 20.14
N SER A 17 -36.24 0.98 19.20
CA SER A 17 -37.58 1.27 18.75
C SER A 17 -38.14 0.12 17.94
N THR A 18 -39.44 0.19 17.69
CA THR A 18 -40.10 -0.84 16.91
C THR A 18 -39.71 -0.73 15.45
N MET A 19 -40.04 -1.78 14.71
CA MET A 19 -39.66 -1.88 13.32
C MET A 19 -40.38 -0.85 12.47
N GLY A 20 -41.63 -0.55 12.83
CA GLY A 20 -42.37 0.47 12.12
C GLY A 20 -41.83 1.86 12.38
N ALA A 21 -41.03 2.01 13.44
CA ALA A 21 -40.34 3.25 13.72
C ALA A 21 -38.85 3.17 13.45
N ALA A 22 -38.31 1.99 13.24
CA ALA A 22 -36.91 1.89 12.87
C ALA A 22 -36.73 2.10 11.38
N SER A 23 -37.70 1.65 10.60
CA SER A 23 -37.70 1.86 9.16
C SER A 23 -38.04 3.27 8.71
N MET A 24 -38.39 4.20 9.59
CA MET A 24 -38.53 5.58 9.13
C MET A 24 -37.18 6.17 8.72
N THR A 25 -36.14 5.96 9.53
CA THR A 25 -34.80 6.45 9.24
C THR A 25 -33.85 5.26 9.22
N LEU A 26 -33.59 4.74 8.03
CA LEU A 26 -32.56 3.72 7.88
C LEU A 26 -31.26 4.29 7.36
N THR A 27 -31.30 5.51 6.81
CA THR A 27 -30.13 6.11 6.19
C THR A 27 -29.09 6.55 7.21
N VAL A 28 -29.50 6.75 8.46
CA VAL A 28 -28.59 7.28 9.47
C VAL A 28 -27.60 6.21 9.89
N GLN A 29 -28.02 4.94 9.90
CA GLN A 29 -27.06 3.89 10.09
C GLN A 29 -26.32 3.58 8.80
N ALA A 30 -26.85 4.05 7.67
CA ALA A 30 -26.24 3.74 6.39
C ALA A 30 -25.02 4.61 6.09
N ARG A 31 -25.12 5.93 6.32
CA ARG A 31 -24.02 6.76 5.84
C ARG A 31 -22.80 6.72 6.75
N ASN A 32 -22.96 6.42 8.02
CA ASN A 32 -21.78 6.27 8.87
C ASN A 32 -21.30 4.82 8.90
N LEU A 33 -21.13 4.26 7.72
CA LEU A 33 -20.69 2.90 7.54
C LEU A 33 -19.45 2.83 6.66
N LEU A 34 -19.10 3.92 5.99
CA LEU A 34 -17.95 3.98 5.12
C LEU A 34 -16.92 5.02 5.55
N SER A 35 -17.37 6.25 5.83
CA SER A 35 -16.42 7.28 6.25
C SER A 35 -16.08 7.16 7.72
N GLY A 36 -17.07 7.28 8.59
CA GLY A 36 -16.84 7.19 10.02
C GLY A 36 -18.12 7.16 10.82
N THR A 58 5.74 4.83 11.54
CA THR A 58 5.49 4.24 10.24
C THR A 58 4.96 2.81 10.37
N VAL A 59 4.62 2.43 11.60
CA VAL A 59 3.96 1.16 11.86
C VAL A 59 2.50 1.35 12.26
N TRP A 60 2.14 2.49 12.82
CA TRP A 60 0.77 2.87 13.12
C TRP A 60 0.04 3.48 11.93
N GLY A 61 0.69 3.51 10.77
CA GLY A 61 -0.03 3.67 9.51
C GLY A 61 -0.60 2.41 8.92
N ILE A 62 -0.05 1.24 9.23
CA ILE A 62 -0.66 0.03 8.71
C ILE A 62 -1.87 -0.39 9.51
N LYS A 63 -2.03 0.12 10.74
CA LYS A 63 -3.32 -0.04 11.40
C LYS A 63 -4.38 0.88 10.85
N GLN A 64 -3.99 1.92 10.12
CA GLN A 64 -5.00 2.70 9.42
C GLN A 64 -5.37 2.03 8.12
N LEU A 65 -4.36 1.44 7.48
CA LEU A 65 -4.58 0.80 6.19
C LEU A 65 -5.39 -0.48 6.34
N GLN A 66 -5.03 -1.32 7.30
CA GLN A 66 -5.76 -2.57 7.45
C GLN A 66 -7.07 -2.41 8.21
N ALA A 67 -7.39 -1.22 8.68
CA ALA A 67 -8.74 -0.94 9.16
C ALA A 67 -9.60 -0.37 8.05
N ARG A 68 -8.94 0.31 7.12
CA ARG A 68 -9.68 0.91 6.02
C ARG A 68 -10.03 -0.18 5.02
N VAL A 69 -9.06 -1.03 4.68
CA VAL A 69 -9.38 -2.06 3.71
C VAL A 69 -10.14 -3.22 4.31
N LEU A 70 -10.43 -3.22 5.61
CA LEU A 70 -11.45 -4.15 6.09
C LEU A 70 -12.82 -3.49 6.08
N ALA A 71 -12.84 -2.17 6.19
CA ALA A 71 -14.13 -1.48 6.18
C ALA A 71 -14.67 -1.43 4.77
N VAL A 72 -13.81 -1.17 3.80
CA VAL A 72 -14.35 -1.07 2.45
C VAL A 72 -14.59 -2.45 1.85
N GLU A 73 -14.00 -3.49 2.43
CA GLU A 73 -14.29 -4.81 1.87
C GLU A 73 -15.63 -5.27 2.43
N ARG A 74 -15.84 -5.07 3.73
CA ARG A 74 -17.10 -5.52 4.25
C ARG A 74 -18.23 -4.56 3.91
N TYR A 75 -17.92 -3.38 3.37
CA TYR A 75 -18.97 -2.57 2.79
C TYR A 75 -19.33 -3.10 1.41
N LEU A 76 -18.31 -3.45 0.61
CA LEU A 76 -18.60 -3.98 -0.71
C LEU A 76 -19.28 -5.34 -0.67
N ARG A 77 -19.03 -6.14 0.36
CA ARG A 77 -19.71 -7.43 0.42
C ARG A 77 -21.21 -7.25 0.63
N ASP A 78 -21.63 -6.26 1.43
CA ASP A 78 -23.06 -6.04 1.52
C ASP A 78 -23.60 -5.33 0.30
N GLN A 79 -22.77 -4.58 -0.42
CA GLN A 79 -23.33 -3.97 -1.62
C GLN A 79 -23.34 -4.95 -2.78
N GLN A 80 -22.67 -6.07 -2.61
CA GLN A 80 -22.68 -7.11 -3.61
C GLN A 80 -23.81 -8.09 -3.33
N LEU A 81 -23.98 -8.47 -2.06
CA LEU A 81 -25.12 -9.29 -1.69
C LEU A 81 -26.43 -8.56 -1.96
N LEU A 82 -26.44 -7.24 -1.82
CA LEU A 82 -27.60 -6.47 -2.23
C LEU A 82 -27.69 -6.41 -3.75
N GLY A 83 -26.53 -6.33 -4.41
CA GLY A 83 -26.51 -6.11 -5.85
C GLY A 83 -27.06 -7.27 -6.66
N ILE A 84 -26.82 -8.51 -6.22
CA ILE A 84 -27.25 -9.64 -7.02
C ILE A 84 -28.70 -10.02 -6.82
N TRP A 85 -29.42 -9.36 -5.94
CA TRP A 85 -30.87 -9.44 -6.00
C TRP A 85 -31.40 -8.34 -6.91
N GLY A 86 -32.71 -8.13 -6.88
CA GLY A 86 -33.30 -7.12 -7.73
C GLY A 86 -33.15 -5.71 -7.21
N CYS A 87 -32.40 -5.53 -6.12
CA CYS A 87 -32.41 -4.31 -5.34
C CYS A 87 -31.00 -3.76 -5.47
N SER A 88 -30.80 -2.87 -6.45
CA SER A 88 -29.46 -2.33 -6.68
C SER A 88 -29.02 -1.40 -5.56
N GLY A 89 -29.74 -0.30 -5.38
CA GLY A 89 -29.45 0.58 -4.26
C GLY A 89 -30.72 1.19 -3.71
N LYS A 90 -31.82 0.48 -3.90
CA LYS A 90 -33.14 1.03 -3.60
C LYS A 90 -33.47 1.00 -2.12
N LEU A 91 -32.77 0.15 -1.34
CA LEU A 91 -32.76 0.18 0.12
C LEU A 91 -34.05 -0.31 0.78
N ILE A 92 -35.12 -0.48 0.02
CA ILE A 92 -36.34 -1.15 0.46
C ILE A 92 -36.99 -1.77 -0.76
N CYS A 93 -37.24 -3.08 -0.72
CA CYS A 93 -37.75 -3.73 -1.91
C CYS A 93 -38.50 -5.01 -1.60
N CYS A 94 -39.65 -5.17 -2.24
CA CYS A 94 -40.41 -6.40 -2.14
C CYS A 94 -39.74 -7.45 -3.01
N THR A 95 -40.10 -8.71 -2.80
CA THR A 95 -39.54 -9.78 -3.62
C THR A 95 -40.70 -10.74 -3.91
N ASN A 96 -40.43 -11.94 -4.41
CA ASN A 96 -41.48 -12.83 -4.83
C ASN A 96 -41.58 -14.12 -4.03
N VAL A 97 -40.57 -14.47 -3.22
CA VAL A 97 -40.68 -15.72 -2.48
C VAL A 97 -41.64 -15.52 -1.32
N PRO A 98 -42.55 -16.46 -1.09
CA PRO A 98 -43.44 -16.37 0.06
C PRO A 98 -42.70 -16.66 1.36
N TRP A 99 -43.35 -16.27 2.44
CA TRP A 99 -42.79 -16.40 3.79
C TRP A 99 -43.34 -17.66 4.42
N ASN A 100 -42.54 -18.72 4.38
CA ASN A 100 -42.93 -19.98 5.00
C ASN A 100 -42.94 -19.81 6.51
N SER A 101 -44.05 -20.24 7.11
CA SER A 101 -44.28 -20.05 8.53
C SER A 101 -43.42 -20.98 9.37
N SER A 102 -42.68 -21.89 8.75
CA SER A 102 -41.73 -22.68 9.50
C SER A 102 -40.56 -21.84 9.97
N TRP A 103 -40.34 -20.69 9.32
CA TRP A 103 -39.25 -19.82 9.71
C TRP A 103 -39.58 -19.10 11.02
N SER A 104 -40.66 -18.35 11.05
CA SER A 104 -40.95 -17.45 12.16
C SER A 104 -42.22 -17.78 12.90
N ASN A 105 -43.26 -18.25 12.20
CA ASN A 105 -44.59 -18.65 12.71
C ASN A 105 -45.28 -17.56 13.53
N ARG A 106 -44.84 -16.31 13.42
CA ARG A 106 -45.45 -15.26 14.20
C ARG A 106 -46.54 -14.53 13.42
N ASN A 107 -47.44 -13.88 14.16
CA ASN A 107 -48.46 -13.06 13.55
C ASN A 107 -47.81 -11.77 13.02
N LEU A 108 -48.48 -11.18 12.04
CA LEU A 108 -48.02 -9.94 11.42
C LEU A 108 -48.31 -8.69 12.25
N SER A 109 -49.46 -8.62 12.92
CA SER A 109 -49.86 -7.39 13.60
C SER A 109 -49.02 -7.02 14.80
N GLU A 110 -48.19 -7.92 15.33
CA GLU A 110 -47.31 -7.52 16.42
C GLU A 110 -45.96 -7.07 15.90
N ILE A 111 -45.45 -7.76 14.88
CA ILE A 111 -44.04 -7.75 14.54
C ILE A 111 -43.67 -6.52 13.75
N TRP A 112 -44.56 -5.53 13.72
CA TRP A 112 -44.19 -4.21 13.29
C TRP A 112 -44.29 -3.18 14.40
N ASP A 113 -44.88 -3.53 15.54
CA ASP A 113 -44.89 -2.63 16.68
C ASP A 113 -44.71 -3.28 18.05
N ASN A 114 -44.60 -4.60 18.16
CA ASN A 114 -44.34 -5.18 19.48
C ASN A 114 -42.87 -5.48 19.75
N MET A 115 -42.27 -6.33 18.94
CA MET A 115 -40.92 -6.80 19.19
C MET A 115 -39.91 -5.75 18.71
N THR A 116 -38.62 -6.02 18.83
CA THR A 116 -37.62 -5.14 18.23
C THR A 116 -36.61 -5.89 17.37
N TRP A 117 -35.80 -5.11 16.66
CA TRP A 117 -34.98 -5.65 15.58
C TRP A 117 -33.88 -6.54 16.13
N LEU A 118 -33.33 -6.18 17.28
CA LEU A 118 -32.32 -7.03 17.87
C LEU A 118 -32.92 -8.33 18.34
N GLN A 119 -34.17 -8.31 18.79
CA GLN A 119 -34.86 -9.55 19.12
C GLN A 119 -35.17 -10.35 17.87
N TRP A 120 -35.27 -9.67 16.74
CA TRP A 120 -35.51 -10.36 15.49
C TRP A 120 -34.26 -11.06 15.04
N ASP A 121 -33.10 -10.43 15.25
CA ASP A 121 -31.89 -11.02 14.71
C ASP A 121 -31.57 -12.32 15.45
N LYS A 122 -31.96 -12.43 16.72
CA LYS A 122 -31.88 -13.73 17.36
C LYS A 122 -32.99 -14.63 16.86
N GLU A 123 -34.16 -14.06 16.55
CA GLU A 123 -35.30 -14.91 16.25
C GLU A 123 -35.25 -15.52 14.87
N ILE A 124 -34.28 -15.16 14.03
CA ILE A 124 -34.33 -15.60 12.62
C ILE A 124 -32.97 -16.15 12.20
N SER A 125 -31.94 -15.96 13.04
CA SER A 125 -30.56 -16.16 12.62
C SER A 125 -30.23 -17.59 12.18
N ASN A 126 -31.05 -18.58 12.55
CA ASN A 126 -30.85 -19.90 11.99
C ASN A 126 -31.27 -19.94 10.53
N TYR A 127 -32.26 -19.14 10.17
CA TYR A 127 -32.95 -19.31 8.90
C TYR A 127 -32.37 -18.41 7.83
N THR A 128 -31.44 -17.53 8.21
CA THR A 128 -30.60 -16.88 7.22
C THR A 128 -29.64 -17.88 6.61
N GLN A 129 -29.16 -17.53 5.42
CA GLN A 129 -28.45 -18.37 4.45
C GLN A 129 -29.35 -19.44 3.83
N ILE A 130 -30.59 -19.54 4.28
CA ILE A 130 -31.65 -20.17 3.50
C ILE A 130 -32.41 -19.12 2.73
N ILE A 131 -32.65 -17.98 3.37
CA ILE A 131 -33.28 -16.86 2.70
C ILE A 131 -32.33 -16.26 1.69
N TYR A 132 -31.06 -16.14 2.04
CA TYR A 132 -30.08 -15.57 1.12
C TYR A 132 -29.85 -16.48 -0.08
N GLY A 133 -30.00 -17.79 0.11
CA GLY A 133 -29.94 -18.69 -1.02
C GLY A 133 -31.23 -18.67 -1.80
N LEU A 134 -32.34 -18.37 -1.14
CA LEU A 134 -33.61 -18.30 -1.83
C LEU A 134 -33.70 -17.05 -2.69
N LEU A 135 -33.03 -15.98 -2.26
CA LEU A 135 -33.18 -14.71 -2.96
C LEU A 135 -32.45 -14.72 -4.28
N GLU A 136 -31.31 -15.40 -4.34
CA GLU A 136 -30.55 -15.40 -5.59
C GLU A 136 -31.28 -16.21 -6.66
N GLU A 137 -31.86 -17.36 -6.28
CA GLU A 137 -32.57 -18.14 -7.29
C GLU A 137 -33.89 -17.46 -7.65
N SER A 138 -34.51 -16.74 -6.71
CA SER A 138 -35.74 -16.05 -7.04
C SER A 138 -35.48 -14.80 -7.83
N GLN A 139 -34.25 -14.33 -7.85
CA GLN A 139 -33.93 -13.20 -8.70
C GLN A 139 -33.53 -13.69 -10.09
N ASN A 140 -32.66 -14.69 -10.19
CA ASN A 140 -32.20 -15.12 -11.51
C ASN A 140 -33.31 -15.84 -12.27
N GLN A 141 -34.23 -16.49 -11.56
CA GLN A 141 -35.42 -17.04 -12.21
C GLN A 141 -36.33 -15.93 -12.70
N GLN A 142 -36.44 -14.86 -11.93
CA GLN A 142 -37.26 -13.75 -12.38
C GLN A 142 -36.56 -13.02 -13.51
N GLU A 143 -35.24 -13.18 -13.59
CA GLU A 143 -34.39 -12.50 -14.55
C GLU A 143 -34.56 -13.17 -15.89
N LYS A 144 -34.50 -14.49 -15.88
CA LYS A 144 -34.68 -15.18 -17.14
C LYS A 144 -36.14 -15.09 -17.54
N ASN A 145 -37.06 -14.92 -16.58
CA ASN A 145 -38.43 -14.74 -17.02
C ASN A 145 -38.66 -13.36 -17.64
N GLU A 146 -37.89 -12.33 -17.24
CA GLU A 146 -37.95 -11.08 -18.01
C GLU A 146 -37.31 -11.26 -19.37
N GLN A 147 -36.30 -12.12 -19.47
CA GLN A 147 -35.67 -12.31 -20.77
C GLN A 147 -36.59 -13.08 -21.69
N ASP A 148 -37.31 -14.06 -21.14
CA ASP A 148 -38.24 -14.82 -21.97
C ASP A 148 -39.42 -13.95 -22.36
N LEU A 149 -39.78 -12.97 -21.53
CA LEU A 149 -40.77 -11.97 -21.92
C LEU A 149 -40.25 -11.03 -23.00
N LEU A 150 -38.98 -10.63 -22.91
CA LEU A 150 -38.39 -9.71 -23.88
C LEU A 150 -38.02 -10.38 -25.19
N ALA A 151 -37.84 -11.70 -25.20
CA ALA A 151 -37.40 -12.38 -26.40
C ALA A 151 -38.54 -12.53 -27.39
N LEU A 152 -39.74 -12.83 -26.88
CA LEU A 152 -40.90 -13.02 -27.75
C LEU A 152 -41.34 -11.72 -28.41
N ASP A 153 -41.12 -10.59 -27.75
CA ASP A 153 -41.30 -9.30 -28.41
C ASP A 153 -39.99 -8.53 -28.52
N ALA B 1 -15.70 8.32 -42.11
CA ALA B 1 -14.26 8.12 -42.03
C ALA B 1 -13.55 9.44 -42.23
N VAL B 2 -14.24 10.38 -42.86
CA VAL B 2 -13.72 11.71 -43.14
C VAL B 2 -13.39 12.49 -41.86
N GLY B 3 -13.88 12.04 -40.71
CA GLY B 3 -13.62 12.72 -39.45
C GLY B 3 -14.18 14.13 -39.40
N ILE B 4 -15.49 14.23 -39.26
CA ILE B 4 -16.17 15.52 -39.22
C ILE B 4 -16.89 15.74 -37.89
N GLY B 5 -17.00 14.69 -37.06
CA GLY B 5 -17.65 14.76 -35.75
C GLY B 5 -17.23 15.90 -34.85
N ALA B 6 -18.07 16.23 -33.88
CA ALA B 6 -17.79 17.32 -32.95
C ALA B 6 -17.17 16.80 -31.67
N VAL B 7 -16.15 17.49 -31.19
CA VAL B 7 -15.48 17.10 -29.96
C VAL B 7 -15.67 18.25 -28.97
N PHE B 8 -15.86 17.88 -27.71
CA PHE B 8 -16.06 18.79 -26.59
C PHE B 8 -14.96 18.53 -25.58
N LEU B 9 -13.86 19.31 -25.66
CA LEU B 9 -12.66 19.26 -24.82
C LEU B 9 -12.45 17.97 -24.02
N GLY B 10 -11.93 18.07 -22.81
CA GLY B 10 -11.74 16.84 -22.08
C GLY B 10 -11.94 16.98 -20.58
N PHE B 11 -10.92 16.68 -19.79
CA PHE B 11 -11.10 16.80 -18.35
C PHE B 11 -11.18 18.27 -17.99
N LEU B 12 -11.99 18.55 -16.95
CA LEU B 12 -12.25 19.89 -16.42
C LEU B 12 -12.35 21.00 -17.47
N GLY B 13 -12.92 20.68 -18.63
CA GLY B 13 -12.84 21.60 -19.76
C GLY B 13 -13.69 22.85 -19.59
N ALA B 14 -14.93 22.69 -19.14
CA ALA B 14 -15.85 23.81 -18.98
C ALA B 14 -15.87 24.33 -17.55
N ALA B 15 -14.73 24.28 -16.87
CA ALA B 15 -14.69 24.58 -15.45
C ALA B 15 -14.88 26.05 -15.14
N GLY B 16 -14.85 26.92 -16.13
CA GLY B 16 -15.14 28.33 -15.90
C GLY B 16 -16.42 28.77 -16.56
N SER B 17 -16.97 27.93 -17.43
CA SER B 17 -18.16 28.29 -18.17
C SER B 17 -19.39 28.33 -17.28
N THR B 18 -20.45 28.89 -17.85
CA THR B 18 -21.75 29.06 -17.24
C THR B 18 -22.45 27.71 -17.15
N MET B 19 -23.55 27.68 -16.40
CA MET B 19 -24.24 26.41 -16.17
C MET B 19 -24.84 25.89 -17.44
N GLY B 20 -25.27 26.80 -18.32
CA GLY B 20 -25.82 26.40 -19.59
C GLY B 20 -24.79 25.82 -20.54
N ALA B 21 -23.51 26.05 -20.27
CA ALA B 21 -22.46 25.40 -21.03
C ALA B 21 -21.73 24.30 -20.28
N ALA B 22 -21.89 24.21 -18.97
CA ALA B 22 -21.30 23.14 -18.19
C ALA B 22 -22.09 21.84 -18.15
N SER B 23 -23.42 21.91 -18.17
CA SER B 23 -24.24 20.69 -18.17
C SER B 23 -24.32 19.90 -19.48
N MET B 24 -23.77 20.30 -20.62
CA MET B 24 -23.77 19.35 -21.73
C MET B 24 -22.88 18.13 -21.51
N THR B 25 -21.65 18.33 -21.04
CA THR B 25 -20.74 17.19 -20.82
C THR B 25 -20.23 17.11 -19.38
N LEU B 26 -20.90 16.28 -18.57
CA LEU B 26 -20.43 15.95 -17.25
C LEU B 26 -19.76 14.58 -17.18
N THR B 27 -19.96 13.74 -18.19
CA THR B 27 -19.50 12.37 -18.19
C THR B 27 -17.99 12.23 -18.35
N VAL B 28 -17.32 13.26 -18.89
CA VAL B 28 -15.90 13.13 -19.17
C VAL B 28 -15.11 13.21 -17.87
N GLN B 29 -15.60 13.96 -16.91
CA GLN B 29 -15.02 13.93 -15.58
C GLN B 29 -15.52 12.72 -14.80
N ALA B 30 -16.58 12.07 -15.26
CA ALA B 30 -17.14 10.95 -14.55
C ALA B 30 -16.31 9.70 -14.79
N ARG B 31 -15.92 9.45 -16.03
CA ARG B 31 -15.27 8.19 -16.36
C ARG B 31 -13.81 8.15 -15.94
N ASN B 32 -13.18 9.30 -15.78
CA ASN B 32 -11.81 9.37 -15.27
C ASN B 32 -11.76 9.51 -13.75
N LEU B 33 -12.45 8.60 -13.07
CA LEU B 33 -12.52 8.61 -11.62
C LEU B 33 -12.09 7.30 -10.97
N LEU B 34 -11.90 6.23 -11.73
CA LEU B 34 -11.47 4.96 -11.16
C LEU B 34 -10.15 4.46 -11.72
N SER B 35 -10.00 4.46 -13.03
CA SER B 35 -8.74 3.99 -13.62
C SER B 35 -7.70 5.09 -13.58
N GLY B 36 -7.98 6.21 -14.23
CA GLY B 36 -7.06 7.32 -14.25
C GLY B 36 -7.69 8.56 -14.87
N THR B 58 10.49 -0.89 -0.89
CA THR B 58 9.34 -1.51 -0.27
C THR B 58 8.60 -0.52 0.61
N VAL B 59 9.00 0.74 0.50
CA VAL B 59 8.31 1.84 1.16
C VAL B 59 7.57 2.72 0.15
N TRP B 60 7.99 2.74 -1.10
CA TRP B 60 7.28 3.42 -2.16
C TRP B 60 6.18 2.59 -2.78
N GLY B 61 5.93 1.40 -2.22
CA GLY B 61 4.65 0.77 -2.43
C GLY B 61 3.57 1.22 -1.48
N ILE B 62 3.93 1.71 -0.29
CA ILE B 62 2.85 2.20 0.56
C ILE B 62 2.45 3.61 0.18
N LYS B 63 3.28 4.34 -0.56
CA LYS B 63 2.79 5.57 -1.17
C LYS B 63 1.91 5.25 -2.36
N GLN B 64 2.00 4.03 -2.89
CA GLN B 64 1.07 3.56 -3.91
C GLN B 64 -0.20 3.05 -3.25
N LEU B 65 -0.05 2.41 -2.10
CA LEU B 65 -1.19 1.86 -1.40
C LEU B 65 -2.07 2.96 -0.83
N GLN B 66 -1.47 3.95 -0.19
CA GLN B 66 -2.28 5.00 0.39
C GLN B 66 -2.72 6.04 -0.62
N ALA B 67 -2.31 5.91 -1.89
CA ALA B 67 -2.95 6.69 -2.93
C ALA B 67 -4.08 5.92 -3.58
N ARG B 68 -3.98 4.60 -3.57
CA ARG B 68 -5.02 3.81 -4.17
C ARG B 68 -6.21 3.73 -3.24
N VAL B 69 -5.97 3.45 -1.97
CA VAL B 69 -7.11 3.34 -1.05
C VAL B 69 -7.61 4.70 -0.62
N LEU B 70 -6.99 5.79 -1.09
CA LEU B 70 -7.65 7.08 -0.97
C LEU B 70 -8.46 7.40 -2.21
N ALA B 71 -8.08 6.83 -3.35
CA ALA B 71 -8.84 7.08 -4.57
C ALA B 71 -10.12 6.26 -4.56
N VAL B 72 -10.03 5.02 -4.10
CA VAL B 72 -11.22 4.19 -4.10
C VAL B 72 -12.11 4.54 -2.93
N GLU B 73 -11.55 5.24 -1.95
CA GLU B 73 -12.36 5.66 -0.82
C GLU B 73 -13.15 6.88 -1.21
N ARG B 74 -12.50 7.84 -1.87
CA ARG B 74 -13.28 9.01 -2.22
C ARG B 74 -14.14 8.76 -3.43
N TYR B 75 -13.95 7.66 -4.15
CA TYR B 75 -14.96 7.29 -5.13
C TYR B 75 -16.16 6.63 -4.46
N LEU B 76 -15.91 5.74 -3.50
CA LEU B 76 -17.05 5.09 -2.88
C LEU B 76 -17.88 6.04 -2.02
N ARG B 77 -17.28 7.06 -1.38
CA ARG B 77 -18.15 7.94 -0.60
C ARG B 77 -19.11 8.77 -1.45
N ASP B 78 -18.68 9.26 -2.61
CA ASP B 78 -19.64 9.96 -3.45
C ASP B 78 -20.54 9.00 -4.19
N GLN B 79 -20.10 7.76 -4.40
CA GLN B 79 -21.03 6.87 -5.07
C GLN B 79 -22.02 6.28 -4.07
N GLN B 80 -21.76 6.47 -2.79
CA GLN B 80 -22.72 6.03 -1.80
C GLN B 80 -23.72 7.13 -1.49
N LEU B 81 -23.24 8.37 -1.32
CA LEU B 81 -24.17 9.48 -1.15
C LEU B 81 -25.04 9.67 -2.38
N LEU B 82 -24.51 9.35 -3.57
CA LEU B 82 -25.34 9.34 -4.75
C LEU B 82 -26.28 8.14 -4.73
N GLY B 83 -25.79 7.01 -4.22
CA GLY B 83 -26.55 5.77 -4.28
C GLY B 83 -27.77 5.77 -3.40
N ILE B 84 -27.68 6.38 -2.22
CA ILE B 84 -28.79 6.35 -1.25
C ILE B 84 -29.87 7.37 -1.50
N TRP B 85 -29.74 8.23 -2.48
CA TRP B 85 -30.91 8.97 -2.93
C TRP B 85 -31.62 8.16 -4.02
N GLY B 86 -32.57 8.77 -4.72
CA GLY B 86 -33.32 8.07 -5.74
C GLY B 86 -32.60 7.88 -7.05
N CYS B 87 -31.34 8.26 -7.11
CA CYS B 87 -30.57 8.43 -8.34
C CYS B 87 -29.47 7.39 -8.28
N SER B 88 -29.73 6.22 -8.89
CA SER B 88 -28.77 5.13 -8.86
C SER B 88 -27.53 5.44 -9.70
N GLY B 89 -27.70 5.65 -10.99
CA GLY B 89 -26.56 6.06 -11.80
C GLY B 89 -26.93 7.04 -12.88
N LYS B 90 -27.99 7.79 -12.65
CA LYS B 90 -28.57 8.64 -13.69
C LYS B 90 -27.77 9.93 -13.90
N LEU B 91 -27.00 10.36 -12.90
CA LEU B 91 -25.98 11.40 -12.96
C LEU B 91 -26.54 12.81 -13.09
N ILE B 92 -27.83 12.93 -13.40
CA ILE B 92 -28.60 14.18 -13.35
C ILE B 92 -30.03 13.74 -13.09
N CYS B 93 -30.64 14.25 -12.03
CA CYS B 93 -31.96 13.74 -11.67
C CYS B 93 -32.73 14.77 -10.87
N CYS B 94 -34.01 14.91 -11.20
CA CYS B 94 -34.87 15.78 -10.43
C CYS B 94 -35.22 15.10 -9.12
N THR B 95 -35.72 15.89 -8.17
CA THR B 95 -36.12 15.37 -6.88
C THR B 95 -37.43 16.09 -6.53
N ASN B 96 -37.87 16.01 -5.28
CA ASN B 96 -39.15 16.53 -4.86
C ASN B 96 -39.05 17.66 -3.84
N VAL B 97 -37.88 17.91 -3.26
CA VAL B 97 -37.75 18.96 -2.25
C VAL B 97 -37.78 20.35 -2.89
N PRO B 98 -38.53 21.27 -2.30
CA PRO B 98 -38.54 22.64 -2.79
C PRO B 98 -37.27 23.39 -2.43
N TRP B 99 -37.07 24.50 -3.12
CA TRP B 99 -35.89 25.33 -2.99
C TRP B 99 -36.21 26.49 -2.05
N ASN B 100 -35.83 26.36 -0.79
CA ASN B 100 -36.04 27.42 0.17
C ASN B 100 -35.15 28.61 -0.19
N SER B 101 -35.76 29.79 -0.26
CA SER B 101 -35.03 30.96 -0.70
C SER B 101 -34.05 31.46 0.34
N SER B 102 -34.06 30.86 1.54
CA SER B 102 -33.04 31.17 2.52
C SER B 102 -31.70 30.62 2.10
N TRP B 103 -31.69 29.65 1.20
CA TRP B 103 -30.44 29.08 0.73
C TRP B 103 -29.74 30.05 -0.21
N SER B 104 -30.38 30.40 -1.32
CA SER B 104 -29.69 31.13 -2.37
C SER B 104 -30.24 32.52 -2.64
N ASN B 105 -31.56 32.70 -2.54
CA ASN B 105 -32.30 33.97 -2.75
C ASN B 105 -32.01 34.63 -4.11
N ARG B 106 -31.45 33.89 -5.06
CA ARG B 106 -31.10 34.40 -6.37
C ARG B 106 -32.22 34.16 -7.37
N ASN B 107 -32.19 34.92 -8.45
CA ASN B 107 -33.15 34.68 -9.51
C ASN B 107 -32.79 33.40 -10.24
N LEU B 108 -33.81 32.80 -10.86
CA LEU B 108 -33.56 31.57 -11.61
C LEU B 108 -32.94 31.87 -12.96
N SER B 109 -33.40 32.92 -13.62
CA SER B 109 -32.97 33.24 -14.97
C SER B 109 -31.52 33.70 -15.07
N GLU B 110 -30.88 34.00 -13.94
CA GLU B 110 -29.47 34.37 -13.97
C GLU B 110 -28.57 33.17 -13.72
N ILE B 111 -28.92 32.32 -12.77
CA ILE B 111 -27.96 31.39 -12.18
C ILE B 111 -27.80 30.15 -13.04
N TRP B 112 -28.34 30.17 -14.26
CA TRP B 112 -28.02 29.17 -15.27
C TRP B 112 -27.28 29.71 -16.48
N ASP B 113 -27.13 31.01 -16.62
CA ASP B 113 -26.32 31.53 -17.71
C ASP B 113 -25.44 32.72 -17.38
N ASN B 114 -25.49 33.27 -16.17
CA ASN B 114 -24.60 34.36 -15.79
C ASN B 114 -23.37 33.86 -15.05
N MET B 115 -23.58 33.20 -13.93
CA MET B 115 -22.51 32.80 -13.02
C MET B 115 -21.83 31.50 -13.51
N THR B 116 -20.84 31.03 -12.75
CA THR B 116 -20.19 29.74 -12.98
C THR B 116 -20.13 28.92 -11.69
N TRP B 117 -19.71 27.67 -11.84
CA TRP B 117 -19.89 26.66 -10.79
C TRP B 117 -19.07 26.93 -9.55
N LEU B 118 -17.85 27.46 -9.69
CA LEU B 118 -17.08 27.74 -8.49
C LEU B 118 -17.66 28.87 -7.65
N GLN B 119 -18.28 29.88 -8.26
CA GLN B 119 -18.96 30.83 -7.39
C GLN B 119 -20.21 30.20 -6.79
N TRP B 120 -20.77 29.18 -7.41
CA TRP B 120 -21.93 28.56 -6.78
C TRP B 120 -21.47 27.73 -5.58
N ASP B 121 -20.35 27.03 -5.74
CA ASP B 121 -19.93 26.14 -4.67
C ASP B 121 -19.50 26.96 -3.47
N LYS B 122 -19.03 28.20 -3.72
CA LYS B 122 -18.82 29.09 -2.60
C LYS B 122 -20.15 29.63 -2.08
N GLU B 123 -21.12 29.83 -2.96
CA GLU B 123 -22.37 30.48 -2.61
C GLU B 123 -23.32 29.56 -1.87
N ILE B 124 -22.98 28.28 -1.72
CA ILE B 124 -23.95 27.34 -1.18
C ILE B 124 -23.34 26.49 -0.09
N SER B 125 -22.02 26.57 0.07
CA SER B 125 -21.28 25.59 0.87
C SER B 125 -21.68 25.58 2.34
N ASN B 126 -22.33 26.64 2.81
CA ASN B 126 -22.90 26.60 4.15
C ASN B 126 -24.11 25.69 4.20
N TYR B 127 -24.87 25.61 3.12
CA TYR B 127 -26.19 25.02 3.14
C TYR B 127 -26.19 23.57 2.73
N THR B 128 -25.04 23.06 2.30
CA THR B 128 -24.85 21.63 2.20
C THR B 128 -24.80 21.02 3.60
N GLN B 129 -25.09 19.71 3.68
CA GLN B 129 -25.40 18.89 4.85
C GLN B 129 -26.72 19.26 5.50
N ILE B 130 -27.38 20.30 5.03
CA ILE B 130 -28.81 20.48 5.24
C ILE B 130 -29.61 19.95 4.05
N ILE B 131 -29.08 20.17 2.85
CA ILE B 131 -29.68 19.66 1.64
C ILE B 131 -29.55 18.15 1.55
N TYR B 132 -28.40 17.59 1.93
CA TYR B 132 -28.23 16.14 1.83
C TYR B 132 -29.12 15.39 2.81
N GLY B 133 -29.42 15.99 3.96
CA GLY B 133 -30.36 15.36 4.86
C GLY B 133 -31.77 15.52 4.38
N LEU B 134 -32.03 16.61 3.65
CA LEU B 134 -33.37 16.78 3.13
C LEU B 134 -33.58 15.80 1.99
N LEU B 135 -32.50 15.47 1.28
CA LEU B 135 -32.65 14.62 0.12
C LEU B 135 -32.84 13.19 0.58
N GLU B 136 -32.15 12.83 1.67
CA GLU B 136 -32.28 11.45 2.14
C GLU B 136 -33.66 11.23 2.75
N GLU B 137 -34.17 12.21 3.51
CA GLU B 137 -35.50 11.99 4.07
C GLU B 137 -36.57 12.08 3.00
N SER B 138 -36.35 12.87 1.95
CA SER B 138 -37.33 12.94 0.88
C SER B 138 -37.27 11.73 -0.03
N GLN B 139 -36.19 10.97 0.06
CA GLN B 139 -36.16 9.73 -0.68
C GLN B 139 -36.78 8.62 0.16
N ASN B 140 -36.41 8.55 1.44
CA ASN B 140 -36.91 7.47 2.28
C ASN B 140 -38.39 7.60 2.61
N GLN B 141 -38.91 8.82 2.63
CA GLN B 141 -40.36 8.99 2.74
C GLN B 141 -41.06 8.52 1.48
N GLN B 142 -40.46 8.79 0.32
CA GLN B 142 -41.06 8.32 -0.92
C GLN B 142 -40.88 6.83 -1.06
N GLU B 143 -39.90 6.29 -0.35
CA GLU B 143 -39.58 4.89 -0.45
C GLU B 143 -40.60 4.11 0.34
N LYS B 144 -40.86 4.55 1.57
CA LYS B 144 -41.84 3.84 2.37
C LYS B 144 -43.24 4.12 1.84
N ASN B 145 -43.47 5.28 1.20
CA ASN B 145 -44.78 5.48 0.62
C ASN B 145 -44.97 4.63 -0.64
N GLU B 146 -43.88 4.30 -1.33
CA GLU B 146 -43.95 3.31 -2.40
C GLU B 146 -44.22 1.93 -1.84
N GLN B 147 -43.69 1.65 -0.66
CA GLN B 147 -43.92 0.35 -0.06
C GLN B 147 -45.35 0.26 0.42
N ASP B 148 -45.88 1.35 0.94
CA ASP B 148 -47.24 1.39 1.41
C ASP B 148 -48.21 1.31 0.23
N LEU B 149 -47.78 1.80 -0.93
CA LEU B 149 -48.55 1.61 -2.16
C LEU B 149 -48.51 0.15 -2.61
N LEU B 150 -47.37 -0.51 -2.45
CA LEU B 150 -47.26 -1.90 -2.87
C LEU B 150 -47.91 -2.85 -1.88
N ALA B 151 -48.08 -2.40 -0.64
CA ALA B 151 -48.61 -3.24 0.42
C ALA B 151 -50.12 -3.39 0.30
N LEU B 152 -50.81 -2.30 -0.05
CA LEU B 152 -52.26 -2.33 -0.16
C LEU B 152 -52.74 -3.18 -1.33
N ASP B 153 -51.96 -3.26 -2.40
CA ASP B 153 -52.25 -4.24 -3.44
C ASP B 153 -51.14 -5.28 -3.58
N ALA C 1 -36.20 -11.84 -35.49
CA ALA C 1 -35.54 -12.89 -36.26
C ALA C 1 -34.05 -12.60 -36.34
N GLU C 2 -33.63 -12.02 -37.47
CA GLU C 2 -32.23 -11.70 -37.73
C GLU C 2 -31.75 -10.50 -36.94
N ASN C 3 -32.65 -9.78 -36.27
CA ASN C 3 -32.26 -8.64 -35.45
C ASN C 3 -31.69 -9.12 -34.12
N LEU C 4 -30.46 -9.62 -34.20
CA LEU C 4 -29.78 -10.12 -33.02
C LEU C 4 -29.20 -8.93 -32.26
N TRP C 5 -29.24 -9.01 -30.95
CA TRP C 5 -28.77 -7.92 -30.11
C TRP C 5 -27.77 -8.42 -29.08
N VAL C 6 -26.84 -7.54 -28.73
CA VAL C 6 -25.83 -7.84 -27.74
C VAL C 6 -26.45 -7.93 -26.36
N THR C 7 -26.14 -9.00 -25.64
CA THR C 7 -26.51 -9.14 -24.24
C THR C 7 -25.27 -9.53 -23.45
N VAL C 8 -24.87 -8.68 -22.52
CA VAL C 8 -23.69 -8.97 -21.72
C VAL C 8 -24.07 -9.93 -20.60
N TYR C 9 -23.08 -10.65 -20.08
CA TYR C 9 -23.34 -11.64 -19.06
C TYR C 9 -22.25 -11.51 -18.01
N TYR C 10 -22.60 -10.95 -16.86
CA TYR C 10 -21.64 -10.79 -15.78
C TYR C 10 -21.60 -12.05 -14.92
N GLY C 11 -20.41 -12.38 -14.43
CA GLY C 11 -20.26 -13.57 -13.60
C GLY C 11 -20.35 -14.82 -14.44
N VAL C 12 -19.38 -15.01 -15.33
CA VAL C 12 -19.45 -16.07 -16.31
C VAL C 12 -18.14 -16.86 -16.27
N PRO C 13 -18.19 -18.18 -16.28
CA PRO C 13 -16.95 -18.95 -16.07
C PRO C 13 -16.02 -19.01 -17.28
N VAL C 14 -14.97 -18.20 -17.23
CA VAL C 14 -13.82 -18.32 -18.12
C VAL C 14 -12.62 -17.83 -17.31
N TRP C 15 -11.43 -18.28 -17.70
CA TRP C 15 -10.22 -17.89 -17.01
C TRP C 15 -9.08 -17.71 -17.99
N LYS C 16 -8.11 -16.90 -17.58
CA LYS C 16 -6.82 -16.77 -18.25
C LYS C 16 -5.66 -17.08 -17.32
N ASP C 17 -4.51 -17.36 -17.92
CA ASP C 17 -3.32 -17.62 -17.11
C ASP C 17 -2.80 -16.29 -16.58
N ALA C 18 -2.38 -16.31 -15.31
CA ALA C 18 -1.88 -15.12 -14.66
C ALA C 18 -0.90 -15.52 -13.57
N GLU C 19 -0.53 -14.54 -12.74
CA GLU C 19 0.35 -14.77 -11.60
C GLU C 19 0.10 -13.66 -10.58
N THR C 20 -0.29 -14.08 -9.38
CA THR C 20 -0.45 -13.16 -8.27
C THR C 20 0.11 -13.80 -7.01
N THR C 21 0.12 -13.02 -5.94
CA THR C 21 0.73 -13.45 -4.69
C THR C 21 -0.17 -14.44 -3.97
N LEU C 22 0.34 -15.63 -3.70
CA LEU C 22 -0.40 -16.60 -2.91
C LEU C 22 0.05 -16.53 -1.46
N PHE C 23 -0.71 -17.18 -0.59
CA PHE C 23 -0.39 -17.16 0.83
C PHE C 23 -0.42 -18.58 1.39
N CYS C 24 0.03 -18.69 2.64
CA CYS C 24 0.05 -19.97 3.33
C CYS C 24 -1.37 -20.49 3.59
N ALA C 25 -1.41 -21.73 4.05
CA ALA C 25 -2.45 -22.19 4.95
C ALA C 25 -1.80 -23.31 5.75
N SER C 26 -1.27 -22.94 6.92
CA SER C 26 -0.68 -23.94 7.78
C SER C 26 -1.80 -24.79 8.39
N ASP C 27 -1.49 -26.05 8.63
CA ASP C 27 -2.47 -26.95 9.21
C ASP C 27 -2.72 -26.59 10.66
N ALA C 28 -3.98 -26.69 11.08
CA ALA C 28 -4.35 -26.24 12.41
C ALA C 28 -3.80 -27.14 13.50
N LYS C 29 -3.50 -28.40 13.16
CA LYS C 29 -2.96 -29.33 14.15
C LYS C 29 -1.55 -28.92 14.56
N ALA C 30 -0.81 -28.25 13.68
CA ALA C 30 0.50 -27.78 14.06
C ALA C 30 0.45 -26.46 14.82
N TYR C 31 -0.75 -26.01 15.21
CA TYR C 31 -0.85 -24.78 15.97
C TYR C 31 -0.75 -25.01 17.47
N GLU C 32 -0.78 -26.27 17.91
CA GLU C 32 -0.73 -26.54 19.33
C GLU C 32 0.68 -26.30 19.88
N THR C 33 1.69 -26.51 19.05
CA THR C 33 3.06 -26.29 19.50
C THR C 33 3.32 -24.79 19.54
N GLU C 34 3.71 -24.29 20.70
CA GLU C 34 3.54 -22.88 21.00
C GLU C 34 4.69 -22.03 20.45
N LYS C 35 4.33 -20.98 19.72
CA LYS C 35 5.19 -19.83 19.44
C LYS C 35 6.48 -20.23 18.71
N HIS C 36 6.30 -20.78 17.51
CA HIS C 36 7.38 -20.99 16.54
C HIS C 36 8.49 -21.92 17.04
N ASN C 37 8.12 -23.15 17.39
CA ASN C 37 9.15 -24.16 17.59
C ASN C 37 9.72 -24.61 16.26
N VAL C 38 8.94 -24.43 15.20
CA VAL C 38 9.39 -24.48 13.82
C VAL C 38 9.03 -23.13 13.22
N TRP C 39 9.71 -22.78 12.13
CA TRP C 39 9.37 -21.59 11.38
C TRP C 39 7.97 -21.68 10.79
N ALA C 40 7.31 -20.52 10.73
CA ALA C 40 6.02 -20.31 10.07
C ALA C 40 4.93 -21.23 10.63
N THR C 41 4.65 -21.06 11.92
CA THR C 41 3.48 -21.66 12.52
C THR C 41 2.57 -20.63 13.17
N HIS C 42 3.10 -19.46 13.51
CA HIS C 42 2.32 -18.31 13.91
C HIS C 42 2.26 -17.24 12.84
N ALA C 43 3.24 -17.20 11.92
CA ALA C 43 3.31 -16.08 10.99
C ALA C 43 2.18 -16.08 9.97
N CYS C 44 1.86 -17.24 9.40
CA CYS C 44 0.85 -17.26 8.35
C CYS C 44 -0.33 -18.16 8.71
N VAL C 45 -1.27 -18.24 7.79
CA VAL C 45 -2.71 -18.36 8.03
C VAL C 45 -3.06 -19.79 8.44
N PRO C 46 -3.94 -19.98 9.42
CA PRO C 46 -4.50 -21.32 9.67
C PRO C 46 -5.39 -21.78 8.52
N THR C 47 -5.33 -23.08 8.24
CA THR C 47 -5.94 -23.62 7.03
C THR C 47 -7.45 -23.74 7.20
N ASP C 48 -8.09 -24.35 6.21
CA ASP C 48 -9.49 -24.70 6.20
C ASP C 48 -9.61 -26.23 6.17
N PRO C 49 -10.71 -26.77 6.68
CA PRO C 49 -11.03 -28.17 6.42
C PRO C 49 -11.63 -28.35 5.03
N ASN C 50 -11.56 -29.60 4.56
CA ASN C 50 -12.14 -30.17 3.34
C ASN C 50 -12.12 -29.20 2.15
N PRO C 51 -10.95 -28.96 1.54
CA PRO C 51 -10.87 -27.99 0.45
C PRO C 51 -11.69 -28.47 -0.74
N GLN C 52 -12.43 -27.53 -1.35
CA GLN C 52 -13.51 -27.88 -2.28
C GLN C 52 -12.90 -28.30 -3.62
N GLU C 53 -12.36 -29.51 -3.62
CA GLU C 53 -11.85 -30.13 -4.83
C GLU C 53 -13.03 -30.60 -5.67
N ILE C 54 -13.34 -29.87 -6.73
CA ILE C 54 -14.55 -30.10 -7.50
C ILE C 54 -14.15 -30.36 -8.94
N HIS C 55 -14.71 -31.41 -9.52
CA HIS C 55 -14.30 -31.82 -10.85
C HIS C 55 -14.82 -30.83 -11.88
N LEU C 56 -14.16 -30.82 -13.03
CA LEU C 56 -14.54 -29.95 -14.14
C LEU C 56 -14.68 -30.89 -15.32
N GLU C 57 -15.88 -31.43 -15.47
CA GLU C 57 -16.15 -32.43 -16.49
C GLU C 57 -16.15 -31.80 -17.87
N ASN C 58 -15.73 -32.59 -18.85
CA ASN C 58 -15.68 -32.17 -20.25
C ASN C 58 -14.78 -30.94 -20.45
N VAL C 59 -13.67 -30.91 -19.71
CA VAL C 59 -12.73 -29.80 -19.73
C VAL C 59 -11.34 -30.33 -20.07
N THR C 60 -10.72 -29.75 -21.09
CA THR C 60 -9.30 -29.96 -21.36
C THR C 60 -8.54 -28.66 -21.18
N GLU C 61 -7.29 -28.78 -20.71
CA GLU C 61 -6.50 -27.60 -20.37
C GLU C 61 -5.02 -27.81 -20.65
N GLU C 62 -4.39 -26.85 -21.30
CA GLU C 62 -3.00 -26.96 -21.70
C GLU C 62 -2.14 -26.64 -20.48
N PHE C 63 -1.67 -27.67 -19.79
CA PHE C 63 -0.82 -27.41 -18.65
C PHE C 63 0.62 -27.17 -19.07
N ASN C 64 1.40 -26.75 -18.08
CA ASN C 64 2.85 -26.62 -18.17
C ASN C 64 3.40 -26.54 -16.76
N MET C 65 4.58 -27.09 -16.59
CA MET C 65 5.25 -27.08 -15.31
C MET C 65 6.63 -26.43 -15.39
N TRP C 66 7.10 -26.14 -16.59
CA TRP C 66 8.40 -25.51 -16.81
C TRP C 66 8.29 -24.01 -16.96
N LYS C 67 7.32 -23.53 -17.73
CA LYS C 67 7.02 -22.11 -17.73
C LYS C 67 5.98 -21.76 -16.67
N ASN C 68 5.78 -22.61 -15.67
CA ASN C 68 4.85 -22.30 -14.61
C ASN C 68 5.39 -21.20 -13.71
N ASN C 69 4.49 -20.36 -13.22
CA ASN C 69 4.77 -19.44 -12.14
C ASN C 69 4.50 -20.15 -10.83
N MET C 70 4.50 -19.39 -9.72
CA MET C 70 4.16 -19.83 -8.36
C MET C 70 5.10 -20.89 -7.79
N VAL C 71 6.03 -21.39 -8.61
CA VAL C 71 7.19 -22.09 -8.08
C VAL C 71 8.38 -21.16 -7.98
N GLU C 72 8.30 -19.98 -8.55
CA GLU C 72 9.30 -18.96 -8.28
C GLU C 72 8.96 -18.17 -7.03
N GLN C 73 7.67 -17.91 -6.83
CA GLN C 73 7.24 -17.23 -5.61
C GLN C 73 7.41 -18.11 -4.38
N MET C 74 7.17 -19.42 -4.50
CA MET C 74 7.35 -20.26 -3.31
C MET C 74 8.82 -20.35 -2.94
N HIS C 75 9.70 -20.31 -3.93
CA HIS C 75 11.12 -20.28 -3.61
C HIS C 75 11.52 -18.94 -3.05
N THR C 76 10.78 -17.90 -3.43
CA THR C 76 11.13 -16.57 -2.97
C THR C 76 10.76 -16.44 -1.50
N ASP C 77 9.54 -16.81 -1.15
CA ASP C 77 9.14 -16.58 0.22
C ASP C 77 9.74 -17.64 1.14
N ILE C 78 10.06 -18.84 0.64
CA ILE C 78 10.69 -19.79 1.54
C ILE C 78 12.11 -19.35 1.86
N ILE C 79 12.77 -18.68 0.89
CA ILE C 79 14.00 -17.96 1.20
C ILE C 79 13.72 -16.88 2.23
N SER C 80 12.58 -16.21 2.10
CA SER C 80 12.37 -15.04 2.94
C SER C 80 12.04 -15.44 4.38
N LEU C 81 11.19 -16.43 4.59
CA LEU C 81 10.95 -16.80 5.98
C LEU C 81 12.08 -17.64 6.56
N TRP C 82 12.94 -18.20 5.71
CA TRP C 82 14.18 -18.74 6.24
C TRP C 82 15.09 -17.64 6.71
N ASP C 83 15.05 -16.48 6.05
CA ASP C 83 15.83 -15.39 6.56
C ASP C 83 15.14 -14.69 7.72
N GLN C 84 13.83 -14.86 7.82
CA GLN C 84 13.08 -14.29 8.92
C GLN C 84 13.30 -15.04 10.23
N SER C 85 13.60 -16.33 10.17
CA SER C 85 13.73 -17.04 11.43
C SER C 85 15.15 -17.09 12.03
N LEU C 86 16.14 -16.38 11.49
CA LEU C 86 17.44 -16.38 12.14
C LEU C 86 17.88 -15.00 12.61
N LYS C 87 17.23 -13.95 12.17
CA LYS C 87 17.56 -12.60 12.63
C LYS C 87 17.28 -12.25 14.08
N PRO C 88 16.25 -12.73 14.79
CA PRO C 88 16.26 -12.46 16.22
C PRO C 88 17.35 -13.21 16.97
N CYS C 89 17.76 -14.37 16.48
CA CYS C 89 18.66 -15.23 17.21
C CYS C 89 20.08 -14.64 17.11
N VAL C 90 21.01 -15.12 17.94
CA VAL C 90 22.30 -14.44 18.16
C VAL C 90 23.33 -14.66 17.05
N LYS C 91 23.88 -13.53 16.58
CA LYS C 91 24.99 -13.42 15.64
C LYS C 91 26.34 -13.86 16.23
N LEU C 92 27.15 -14.52 15.41
CA LEU C 92 28.40 -15.16 15.84
C LEU C 92 29.62 -14.51 15.20
N THR C 93 29.66 -13.18 15.19
CA THR C 93 30.85 -12.48 14.69
C THR C 93 32.15 -12.73 15.45
N PRO C 94 32.24 -12.63 16.79
CA PRO C 94 33.57 -12.62 17.42
C PRO C 94 34.26 -13.97 17.49
N LEU C 95 33.80 -14.95 16.72
CA LEU C 95 34.48 -16.24 16.66
C LEU C 95 35.58 -16.34 15.60
N CYS C 96 35.69 -15.41 14.65
CA CYS C 96 36.81 -15.48 13.71
C CYS C 96 38.12 -15.11 14.41
N VAL C 97 38.59 -16.00 15.27
CA VAL C 97 39.82 -15.84 16.02
C VAL C 97 40.77 -16.92 15.54
N THR C 98 42.07 -16.63 15.60
CA THR C 98 43.07 -17.62 15.21
C THR C 98 43.09 -18.84 16.11
N LEU C 99 42.62 -19.96 15.57
CA LEU C 99 42.48 -21.19 16.32
C LEU C 99 43.84 -21.85 16.51
N GLN C 100 43.88 -22.89 17.33
CA GLN C 100 45.04 -23.77 17.43
C GLN C 100 44.51 -25.20 17.51
N CYS C 101 44.72 -25.97 16.45
CA CYS C 101 44.02 -27.23 16.30
C CYS C 101 44.99 -28.39 16.15
N THR C 102 44.72 -29.47 16.87
CA THR C 102 45.43 -30.72 16.68
C THR C 102 44.43 -31.77 16.23
N ASN C 103 44.96 -32.97 16.03
CA ASN C 103 44.13 -34.13 15.71
C ASN C 103 43.28 -34.49 16.92
N VAL C 104 42.09 -35.01 16.65
CA VAL C 104 41.28 -35.58 17.72
C VAL C 104 41.91 -36.89 18.19
N THR C 105 41.67 -37.24 19.45
CA THR C 105 42.28 -38.42 20.04
C THR C 105 41.61 -39.69 19.48
N ASN C 106 42.38 -40.43 18.69
CA ASN C 106 41.84 -41.47 17.84
C ASN C 106 43.00 -42.31 17.34
N ASN C 107 42.67 -43.49 16.86
CA ASN C 107 43.67 -44.40 16.33
C ASN C 107 43.85 -43.96 14.88
N ILE C 108 44.81 -43.09 14.63
CA ILE C 108 44.96 -42.50 13.30
C ILE C 108 45.59 -43.56 12.41
N THR C 109 44.78 -44.15 11.54
CA THR C 109 45.25 -45.04 10.50
C THR C 109 45.51 -44.21 9.24
N ASP C 110 46.45 -44.68 8.41
CA ASP C 110 46.75 -43.93 7.19
C ASP C 110 45.59 -44.03 6.21
N ASP C 111 44.81 -45.11 6.30
CA ASP C 111 43.67 -45.27 5.41
C ASP C 111 42.57 -44.29 5.79
N MET C 112 42.24 -44.20 7.08
CA MET C 112 41.28 -43.21 7.52
C MET C 112 42.00 -41.85 7.52
N ARG C 113 41.25 -40.77 7.61
CA ARG C 113 41.90 -39.47 7.75
C ARG C 113 41.29 -38.78 8.97
N GLY C 114 41.99 -37.79 9.51
CA GLY C 114 41.45 -37.16 10.69
C GLY C 114 40.27 -36.33 10.21
N GLU C 115 39.09 -36.74 10.65
CA GLU C 115 37.87 -36.03 10.28
C GLU C 115 37.61 -34.85 11.18
N LEU C 116 38.03 -34.95 12.44
CA LEU C 116 37.76 -33.95 13.45
C LEU C 116 39.04 -33.36 14.03
N LYS C 117 39.11 -32.04 14.02
CA LYS C 117 40.23 -31.29 14.58
C LYS C 117 39.82 -30.70 15.93
N ASN C 118 40.81 -30.44 16.77
CA ASN C 118 40.57 -30.06 18.16
C ASN C 118 40.21 -28.59 18.34
N CYS C 119 41.11 -27.68 17.95
CA CYS C 119 40.86 -26.24 17.83
C CYS C 119 40.50 -25.60 19.17
N SER C 120 41.51 -25.50 20.03
CA SER C 120 41.42 -24.74 21.27
C SER C 120 41.82 -23.29 21.03
N PHE C 121 40.96 -22.36 21.43
CA PHE C 121 41.21 -20.94 21.16
C PHE C 121 40.98 -20.03 22.37
N ASN C 122 40.98 -18.72 22.10
CA ASN C 122 40.68 -17.67 23.06
C ASN C 122 39.35 -17.03 22.66
N MET C 123 38.57 -16.63 23.66
CA MET C 123 37.29 -15.98 23.39
C MET C 123 36.92 -15.07 24.55
N THR C 124 36.37 -13.91 24.22
CA THR C 124 35.91 -12.97 25.24
C THR C 124 34.82 -13.61 26.08
N THR C 125 34.81 -13.31 27.37
CA THR C 125 33.71 -13.77 28.19
C THR C 125 32.64 -12.68 28.11
N GLU C 126 31.63 -12.72 28.98
CA GLU C 126 30.62 -11.68 28.97
C GLU C 126 31.16 -10.36 29.51
N LEU C 127 32.15 -10.41 30.39
CA LEU C 127 32.88 -9.21 30.79
C LEU C 127 33.85 -8.78 29.71
N ARG C 128 33.97 -7.45 29.54
CA ARG C 128 34.86 -6.93 28.51
C ARG C 128 36.31 -7.03 28.92
N ASP C 129 36.57 -7.20 30.20
CA ASP C 129 37.95 -7.28 30.65
C ASP C 129 38.48 -8.69 30.49
N LYS C 130 37.75 -9.67 31.00
CA LYS C 130 38.24 -11.04 30.99
C LYS C 130 38.15 -11.66 29.61
N LYS C 131 39.01 -12.63 29.37
CA LYS C 131 39.00 -13.39 28.13
C LYS C 131 39.22 -14.85 28.51
N GLN C 132 38.20 -15.67 28.38
CA GLN C 132 38.40 -17.07 28.69
C GLN C 132 39.16 -17.76 27.56
N LYS C 133 39.81 -18.87 27.90
CA LYS C 133 40.48 -19.71 26.92
C LYS C 133 39.70 -21.01 26.86
N VAL C 134 38.96 -21.20 25.77
CA VAL C 134 38.07 -22.34 25.70
C VAL C 134 38.53 -23.23 24.57
N TYR C 135 38.08 -24.48 24.59
CA TYR C 135 38.39 -25.41 23.53
C TYR C 135 37.07 -26.00 23.04
N SER C 136 37.15 -26.67 21.90
CA SER C 136 35.95 -27.16 21.24
C SER C 136 36.35 -28.45 20.53
N LEU C 137 35.55 -28.84 19.54
CA LEU C 137 35.96 -29.82 18.56
C LEU C 137 35.42 -29.36 17.21
N PHE C 138 36.15 -29.63 16.14
CA PHE C 138 35.75 -29.14 14.83
C PHE C 138 36.06 -30.11 13.70
N TYR C 139 35.17 -30.12 12.72
CA TYR C 139 35.31 -30.92 11.51
C TYR C 139 36.31 -30.28 10.55
N ARG C 140 36.81 -31.09 9.63
CA ARG C 140 37.78 -30.64 8.65
C ARG C 140 37.17 -29.72 7.60
N LEU C 141 35.85 -29.76 7.41
CA LEU C 141 35.19 -28.85 6.49
C LEU C 141 34.87 -27.51 7.10
N ASP C 142 35.53 -27.14 8.19
CA ASP C 142 35.32 -25.83 8.80
C ASP C 142 36.59 -25.06 9.13
N VAL C 143 37.77 -25.64 8.96
CA VAL C 143 39.01 -24.94 9.28
C VAL C 143 39.92 -24.90 8.06
N VAL C 144 40.63 -23.78 7.94
CA VAL C 144 41.67 -23.58 6.94
C VAL C 144 42.95 -23.13 7.62
N GLN C 145 44.06 -23.27 6.89
CA GLN C 145 45.37 -23.11 7.47
C GLN C 145 45.80 -21.65 7.36
N ILE C 146 46.24 -21.09 8.47
CA ILE C 146 46.82 -19.76 8.48
C ILE C 146 48.30 -19.89 8.13
N ASN C 147 48.70 -19.32 7.01
CA ASN C 147 50.05 -19.54 6.51
C ASN C 147 50.71 -18.22 6.14
N SER C 157 57.89 -25.08 13.12
CA SER C 157 57.16 -23.86 13.44
C SER C 157 55.95 -24.16 14.32
N ASN C 158 54.76 -23.83 13.84
CA ASN C 158 53.52 -24.04 14.56
C ASN C 158 52.42 -24.29 13.55
N LYS C 159 51.19 -24.45 14.04
CA LYS C 159 50.08 -24.77 13.16
C LYS C 159 48.80 -24.21 13.77
N GLU C 160 48.32 -23.11 13.19
CA GLU C 160 47.15 -22.41 13.68
C GLU C 160 46.15 -22.22 12.54
N TYR C 161 44.89 -22.53 12.80
CA TYR C 161 43.90 -22.52 11.75
C TYR C 161 43.00 -21.32 11.92
N ARG C 162 41.95 -21.27 11.11
CA ARG C 162 40.88 -20.32 11.35
C ARG C 162 39.63 -20.88 10.70
N LEU C 163 38.50 -20.22 10.97
CA LEU C 163 37.26 -20.64 10.35
C LEU C 163 37.27 -20.28 8.88
N ILE C 164 36.58 -21.08 8.07
CA ILE C 164 36.64 -20.85 6.63
C ILE C 164 35.75 -19.70 6.16
N ASN C 165 34.55 -19.55 6.73
CA ASN C 165 33.71 -18.47 6.24
C ASN C 165 33.94 -17.11 6.88
N CYS C 166 34.86 -16.96 7.83
CA CYS C 166 35.04 -15.64 8.44
C CYS C 166 35.60 -14.66 7.41
N ASN C 167 36.28 -15.16 6.39
CA ASN C 167 36.51 -14.31 5.24
C ASN C 167 35.17 -14.14 4.55
N THR C 168 34.78 -12.88 4.34
CA THR C 168 33.71 -12.44 3.45
C THR C 168 32.30 -12.77 3.97
N SER C 169 32.16 -13.51 5.06
CA SER C 169 30.80 -13.83 5.53
C SER C 169 30.81 -14.17 7.03
N ALA C 170 30.58 -13.15 7.85
CA ALA C 170 30.34 -13.37 9.27
C ALA C 170 28.94 -13.91 9.43
N CYS C 171 28.78 -15.01 10.17
CA CYS C 171 27.50 -15.67 10.09
C CYS C 171 27.03 -16.17 11.45
N THR C 172 25.72 -16.38 11.47
CA THR C 172 24.87 -16.49 12.62
C THR C 172 24.99 -17.86 13.24
N GLN C 173 24.49 -17.97 14.45
CA GLN C 173 24.22 -19.24 15.07
C GLN C 173 22.88 -19.73 14.52
N ALA C 174 22.49 -20.93 14.86
CA ALA C 174 21.15 -21.35 14.53
C ALA C 174 20.52 -21.53 15.89
N CYS C 175 19.44 -20.83 16.05
CA CYS C 175 18.78 -20.75 17.33
C CYS C 175 18.15 -22.09 17.70
N PRO C 176 18.44 -22.63 18.89
CA PRO C 176 17.89 -23.95 19.25
C PRO C 176 16.40 -23.98 19.54
N LYS C 177 15.73 -22.83 19.57
CA LYS C 177 14.28 -22.83 19.65
C LYS C 177 13.64 -23.40 18.38
N VAL C 178 14.11 -22.95 17.22
CA VAL C 178 13.57 -23.43 15.96
C VAL C 178 14.04 -24.84 15.67
N SER C 179 13.32 -25.48 14.75
CA SER C 179 13.53 -26.86 14.36
C SER C 179 13.44 -26.92 12.84
N PHE C 180 14.24 -27.78 12.24
CA PHE C 180 14.31 -27.84 10.78
C PHE C 180 13.38 -28.87 10.19
N GLU C 181 12.40 -29.35 10.95
CA GLU C 181 11.49 -30.33 10.40
C GLU C 181 10.57 -29.67 9.36
N PRO C 182 10.15 -30.43 8.35
CA PRO C 182 9.19 -29.90 7.38
C PRO C 182 7.77 -30.03 7.93
N ILE C 183 7.01 -28.94 7.83
CA ILE C 183 5.58 -28.99 8.11
C ILE C 183 4.80 -28.84 6.80
N PRO C 184 3.58 -29.35 6.70
CA PRO C 184 2.82 -29.17 5.47
C PRO C 184 2.44 -27.72 5.26
N ILE C 185 2.38 -27.33 3.99
CA ILE C 185 2.00 -25.97 3.59
C ILE C 185 0.93 -26.06 2.52
N HIS C 186 -0.23 -25.50 2.78
CA HIS C 186 -1.31 -25.47 1.80
C HIS C 186 -1.28 -24.11 1.11
N TYR C 187 -0.83 -24.06 -0.13
CA TYR C 187 -0.92 -22.83 -0.88
C TYR C 187 -2.36 -22.56 -1.29
N CYS C 188 -2.83 -21.34 -1.07
CA CYS C 188 -4.19 -21.00 -1.45
C CYS C 188 -4.17 -19.76 -2.33
N ALA C 189 -5.08 -19.75 -3.31
CA ALA C 189 -5.26 -18.60 -4.18
C ALA C 189 -6.09 -17.51 -3.49
N PRO C 190 -5.86 -16.26 -3.84
CA PRO C 190 -6.71 -15.18 -3.32
C PRO C 190 -8.05 -15.15 -4.04
N ALA C 191 -8.85 -14.15 -3.71
CA ALA C 191 -10.18 -14.03 -4.29
C ALA C 191 -10.07 -13.61 -5.76
N GLY C 192 -10.81 -14.28 -6.63
CA GLY C 192 -10.75 -13.99 -8.05
C GLY C 192 -9.81 -14.87 -8.83
N PHE C 193 -9.15 -15.82 -8.19
CA PHE C 193 -8.22 -16.71 -8.84
C PHE C 193 -8.54 -18.14 -8.47
N ALA C 194 -8.52 -19.03 -9.45
CA ALA C 194 -8.72 -20.44 -9.18
C ALA C 194 -7.40 -21.19 -9.34
N ILE C 195 -7.37 -22.40 -8.80
CA ILE C 195 -6.20 -23.27 -8.92
C ILE C 195 -6.63 -24.57 -9.59
N LEU C 196 -6.20 -24.73 -10.84
CA LEU C 196 -6.48 -25.95 -11.58
C LEU C 196 -5.51 -27.04 -11.18
N LYS C 197 -6.03 -28.24 -10.93
CA LYS C 197 -5.24 -29.39 -10.52
C LYS C 197 -5.48 -30.48 -11.56
N CYS C 198 -4.40 -30.99 -12.13
CA CYS C 198 -4.51 -31.99 -13.18
C CYS C 198 -4.64 -33.35 -12.54
N LYS C 199 -5.79 -33.98 -12.77
CA LYS C 199 -6.11 -35.27 -12.18
C LYS C 199 -5.70 -36.44 -13.06
N ASP C 200 -4.87 -36.20 -14.06
CA ASP C 200 -4.54 -37.26 -15.01
C ASP C 200 -3.54 -38.23 -14.40
N LYS C 201 -3.85 -39.52 -14.49
CA LYS C 201 -2.93 -40.51 -13.96
C LYS C 201 -1.81 -40.81 -14.94
N LYS C 202 -1.86 -40.26 -16.14
CA LYS C 202 -0.75 -40.35 -17.10
C LYS C 202 -0.54 -38.94 -17.60
N PHE C 203 0.42 -38.23 -17.02
CA PHE C 203 0.61 -36.82 -17.35
C PHE C 203 2.07 -36.48 -17.13
N ASN C 204 2.80 -36.26 -18.22
CA ASN C 204 4.14 -35.70 -18.12
C ASN C 204 4.06 -34.18 -17.95
N GLY C 205 5.17 -33.49 -18.19
CA GLY C 205 5.26 -32.05 -17.95
C GLY C 205 4.22 -31.20 -18.66
N THR C 206 4.31 -31.11 -19.97
CA THR C 206 3.43 -30.24 -20.72
C THR C 206 2.20 -31.05 -21.15
N GLY C 207 1.42 -30.51 -22.07
CA GLY C 207 0.39 -31.29 -22.72
C GLY C 207 -0.98 -31.06 -22.10
N PRO C 208 -2.02 -31.25 -22.91
CA PRO C 208 -3.39 -31.04 -22.40
C PRO C 208 -3.78 -32.13 -21.41
N CYS C 209 -4.23 -31.71 -20.25
CA CYS C 209 -4.67 -32.65 -19.23
C CYS C 209 -6.18 -32.74 -19.31
N PRO C 210 -6.75 -33.83 -19.82
CA PRO C 210 -8.19 -33.84 -20.11
C PRO C 210 -9.05 -34.18 -18.90
N SER C 211 -8.51 -34.08 -17.70
CA SER C 211 -9.30 -34.32 -16.49
C SER C 211 -8.73 -33.42 -15.40
N VAL C 212 -9.32 -32.25 -15.27
CA VAL C 212 -8.88 -31.24 -14.31
C VAL C 212 -9.88 -31.16 -13.18
N SER C 213 -9.52 -30.38 -12.16
CA SER C 213 -10.40 -30.14 -11.02
C SER C 213 -9.96 -28.86 -10.35
N THR C 214 -10.92 -28.12 -9.83
CA THR C 214 -10.63 -26.80 -9.26
C THR C 214 -10.56 -26.91 -7.74
N VAL C 215 -9.47 -26.41 -7.17
CA VAL C 215 -9.40 -26.29 -5.72
C VAL C 215 -9.24 -24.85 -5.30
N GLN C 216 -9.19 -24.62 -4.00
CA GLN C 216 -8.82 -23.35 -3.43
C GLN C 216 -7.57 -23.43 -2.58
N CYS C 217 -7.22 -24.60 -2.06
CA CYS C 217 -6.00 -24.77 -1.29
C CYS C 217 -5.34 -26.07 -1.68
N THR C 218 -4.02 -26.02 -1.88
CA THR C 218 -3.30 -27.22 -2.27
C THR C 218 -3.18 -28.20 -1.11
N HIS C 219 -2.81 -29.42 -1.46
CA HIS C 219 -2.53 -30.46 -0.49
C HIS C 219 -1.23 -30.16 0.24
N GLY C 220 -0.99 -30.86 1.34
CA GLY C 220 0.11 -30.56 2.23
C GLY C 220 1.46 -30.78 1.59
N ILE C 221 2.13 -29.69 1.24
CA ILE C 221 3.45 -29.76 0.65
C ILE C 221 4.49 -29.72 1.76
N LYS C 222 5.42 -30.68 1.72
CA LYS C 222 6.53 -30.69 2.65
C LYS C 222 7.73 -29.99 2.01
N PRO C 223 8.16 -28.88 2.55
CA PRO C 223 9.40 -28.26 2.08
C PRO C 223 10.60 -29.00 2.64
N VAL C 224 11.24 -29.78 1.80
CA VAL C 224 12.44 -30.51 2.19
C VAL C 224 13.59 -29.84 1.45
N VAL C 225 14.82 -30.19 1.83
CA VAL C 225 16.02 -29.67 1.19
C VAL C 225 16.91 -30.87 0.87
N SER C 226 16.75 -31.40 -0.34
CA SER C 226 17.68 -32.37 -0.88
C SER C 226 18.11 -31.87 -2.25
N THR C 227 19.37 -32.12 -2.58
CA THR C 227 19.93 -31.62 -3.83
C THR C 227 19.72 -32.66 -4.92
N GLN C 228 20.34 -33.81 -4.74
CA GLN C 228 20.03 -35.01 -5.47
C GLN C 228 19.18 -35.89 -4.56
N LEU C 229 18.54 -36.91 -5.15
CA LEU C 229 17.74 -37.88 -4.41
C LEU C 229 16.60 -37.21 -3.63
N LEU C 230 15.57 -36.75 -4.36
CA LEU C 230 14.38 -36.19 -3.71
C LEU C 230 13.82 -37.12 -2.64
N LEU C 231 13.35 -36.52 -1.55
CA LEU C 231 12.97 -37.28 -0.37
C LEU C 231 11.55 -36.95 0.08
N ASN C 232 10.88 -37.96 0.65
CA ASN C 232 9.74 -37.77 1.54
C ASN C 232 8.53 -37.13 0.88
N GLY C 233 8.30 -37.32 -0.41
CA GLY C 233 7.15 -36.63 -0.97
C GLY C 233 6.57 -37.08 -2.30
N SER C 234 5.26 -37.29 -2.32
CA SER C 234 4.44 -37.29 -3.54
C SER C 234 4.89 -38.38 -4.51
N LEU C 235 4.65 -39.60 -4.10
CA LEU C 235 4.95 -40.75 -4.92
C LEU C 235 4.03 -40.80 -6.14
N ALA C 236 4.44 -41.58 -7.14
CA ALA C 236 3.70 -41.58 -8.37
C ALA C 236 2.56 -42.58 -8.32
N GLU C 237 1.72 -42.59 -9.37
CA GLU C 237 0.50 -43.39 -9.27
C GLU C 237 0.74 -44.85 -9.65
N GLU C 238 1.05 -45.12 -10.92
CA GLU C 238 1.11 -46.51 -11.37
C GLU C 238 2.51 -46.89 -11.84
N GLU C 239 3.06 -46.23 -12.85
CA GLU C 239 4.37 -46.59 -13.39
C GLU C 239 5.39 -45.62 -12.81
N VAL C 240 6.60 -45.64 -13.33
CA VAL C 240 7.57 -44.61 -13.04
C VAL C 240 7.55 -43.61 -14.21
N MET C 241 7.06 -42.41 -13.96
CA MET C 241 6.94 -41.44 -15.04
C MET C 241 8.20 -40.59 -15.00
N ILE C 242 8.82 -40.46 -16.16
CA ILE C 242 9.91 -39.53 -16.35
C ILE C 242 9.40 -38.37 -17.17
N ARG C 243 9.94 -37.19 -16.89
CA ARG C 243 9.41 -35.97 -17.49
C ARG C 243 10.50 -34.91 -17.47
N SER C 244 10.58 -34.17 -18.56
CA SER C 244 11.59 -33.14 -18.70
C SER C 244 11.04 -32.05 -19.62
N GLU C 245 11.93 -31.15 -20.02
CA GLU C 245 11.75 -30.34 -21.22
C GLU C 245 12.22 -31.16 -22.42
N ASN C 246 12.65 -30.47 -23.49
CA ASN C 246 13.22 -31.16 -24.64
C ASN C 246 14.27 -32.19 -24.28
N ILE C 247 13.94 -33.45 -24.57
CA ILE C 247 14.76 -34.56 -24.14
C ILE C 247 15.98 -34.76 -25.01
N THR C 248 16.06 -34.09 -26.16
CA THR C 248 17.32 -34.06 -26.89
C THR C 248 18.20 -32.88 -26.53
N ASN C 249 17.99 -32.28 -25.37
CA ASN C 249 18.91 -31.31 -24.79
C ASN C 249 19.61 -31.88 -23.57
N ASN C 250 20.75 -31.29 -23.26
CA ASN C 250 21.65 -31.77 -22.23
C ASN C 250 21.74 -30.82 -21.05
N ALA C 251 21.09 -29.66 -21.13
CA ALA C 251 21.14 -28.68 -20.06
C ALA C 251 19.88 -28.68 -19.22
N LYS C 252 18.88 -29.45 -19.60
CA LYS C 252 17.63 -29.53 -18.87
C LYS C 252 17.60 -30.84 -18.09
N ASN C 253 17.40 -30.74 -16.78
CA ASN C 253 17.47 -31.91 -15.92
C ASN C 253 16.28 -32.82 -16.16
N ILE C 254 16.46 -34.10 -15.87
CA ILE C 254 15.41 -35.08 -16.03
C ILE C 254 14.88 -35.47 -14.65
N LEU C 255 13.78 -34.84 -14.25
CA LEU C 255 13.20 -35.09 -12.93
C LEU C 255 12.44 -36.41 -12.97
N VAL C 256 13.11 -37.48 -12.59
CA VAL C 256 12.45 -38.78 -12.46
C VAL C 256 11.64 -38.78 -11.17
N GLN C 257 10.41 -39.26 -11.23
CA GLN C 257 9.61 -39.43 -10.01
C GLN C 257 8.96 -40.80 -10.05
N PHE C 258 9.39 -41.67 -9.16
CA PHE C 258 8.96 -43.06 -9.17
C PHE C 258 7.91 -43.32 -8.10
N ASN C 259 7.30 -44.50 -8.20
CA ASN C 259 6.00 -44.79 -7.60
C ASN C 259 6.11 -45.39 -6.21
N THR C 260 7.02 -46.32 -6.00
CA THR C 260 7.24 -46.90 -4.68
C THR C 260 8.48 -46.33 -4.01
N PRO C 261 8.42 -46.09 -2.70
CA PRO C 261 9.52 -45.42 -2.03
C PRO C 261 10.68 -46.35 -1.75
N VAL C 262 11.87 -45.78 -1.67
CA VAL C 262 13.05 -46.55 -1.33
C VAL C 262 13.50 -46.05 0.03
N GLN C 263 13.52 -46.94 1.01
CA GLN C 263 13.69 -46.50 2.38
C GLN C 263 15.16 -46.35 2.73
N ILE C 264 15.53 -45.18 3.24
CA ILE C 264 16.89 -44.86 3.63
C ILE C 264 16.97 -44.75 5.16
N ASN C 265 18.16 -45.02 5.69
CA ASN C 265 18.39 -45.26 7.11
C ASN C 265 19.60 -44.51 7.63
N CYS C 266 19.65 -43.22 7.37
CA CYS C 266 20.87 -42.47 7.68
C CYS C 266 21.04 -42.29 9.19
N THR C 267 22.30 -42.36 9.64
CA THR C 267 22.61 -42.28 11.05
C THR C 267 23.96 -41.62 11.24
N ARG C 268 24.29 -41.34 12.49
CA ARG C 268 25.61 -40.86 12.87
C ARG C 268 25.84 -41.37 14.28
N PRO C 269 26.76 -42.30 14.50
CA PRO C 269 26.80 -43.02 15.78
C PRO C 269 27.69 -42.40 16.85
N ASN C 270 28.27 -41.23 16.61
CA ASN C 270 28.95 -40.51 17.67
C ASN C 270 27.92 -39.90 18.63
N ASN C 271 28.30 -39.84 19.92
CA ASN C 271 27.43 -39.30 20.96
C ASN C 271 27.36 -37.77 20.97
N ASN C 272 28.51 -37.09 20.86
CA ASN C 272 28.62 -35.67 20.56
C ASN C 272 27.95 -34.80 21.62
N THR C 273 28.53 -34.82 22.82
CA THR C 273 28.00 -34.03 23.92
C THR C 273 28.18 -32.54 23.67
N ARG C 274 27.11 -31.77 23.93
CA ARG C 274 27.13 -30.32 23.74
C ARG C 274 27.65 -29.62 24.99
N LYS C 275 28.02 -28.36 24.82
CA LYS C 275 28.30 -27.49 25.95
C LYS C 275 28.11 -26.05 25.51
N SER C 276 27.87 -25.18 26.48
CA SER C 276 27.50 -23.79 26.22
C SER C 276 28.62 -22.88 26.69
N ILE C 277 29.22 -22.16 25.75
CA ILE C 277 30.19 -21.12 26.03
C ILE C 277 29.47 -19.78 25.97
N ARG C 278 29.72 -18.93 26.95
CA ARG C 278 29.01 -17.66 26.98
C ARG C 278 29.83 -16.61 26.26
N ILE C 279 29.28 -16.08 25.17
CA ILE C 279 29.99 -15.05 24.40
C ILE C 279 29.92 -13.72 25.10
N GLY C 280 28.71 -13.31 25.48
CA GLY C 280 28.50 -12.05 26.12
C GLY C 280 27.22 -12.03 26.93
N PRO C 281 26.53 -10.92 26.92
CA PRO C 281 25.25 -10.84 27.64
C PRO C 281 24.18 -11.61 26.90
N GLY C 282 23.82 -12.78 27.40
CA GLY C 282 22.73 -13.51 26.81
C GLY C 282 23.04 -14.06 25.45
N GLN C 283 24.31 -14.17 25.11
CA GLN C 283 24.71 -14.75 23.84
C GLN C 283 25.45 -16.04 24.11
N ALA C 284 24.72 -17.15 24.06
CA ALA C 284 25.34 -18.45 24.22
C ALA C 284 25.88 -18.91 22.88
N PHE C 285 26.87 -19.79 22.93
CA PHE C 285 27.41 -20.45 21.76
C PHE C 285 27.55 -21.93 22.09
N TYR C 286 26.92 -22.78 21.30
CA TYR C 286 26.92 -24.21 21.60
C TYR C 286 28.05 -24.87 20.83
N ALA C 287 29.01 -25.41 21.57
CA ALA C 287 30.12 -26.11 20.95
C ALA C 287 30.13 -27.54 21.45
N THR C 288 30.57 -28.45 20.58
CA THR C 288 30.68 -29.83 20.96
C THR C 288 31.88 -30.04 21.88
N GLY C 289 31.61 -30.60 23.05
CA GLY C 289 32.67 -30.82 24.02
C GLY C 289 33.26 -32.18 23.77
N ASP C 290 33.22 -33.04 24.78
CA ASP C 290 33.75 -34.38 24.64
C ASP C 290 32.79 -35.24 23.80
N ILE C 291 33.35 -36.29 23.22
CA ILE C 291 32.58 -37.31 22.50
C ILE C 291 32.68 -38.59 23.30
N ILE C 292 31.54 -39.14 23.68
CA ILE C 292 31.47 -40.30 24.56
C ILE C 292 31.34 -41.56 23.73
N GLY C 293 32.25 -42.50 23.95
CA GLY C 293 32.20 -43.77 23.27
C GLY C 293 33.32 -43.91 22.28
N ASP C 294 32.96 -44.15 21.02
CA ASP C 294 33.93 -44.36 19.96
C ASP C 294 33.67 -43.36 18.83
N ILE C 295 34.71 -43.14 18.05
CA ILE C 295 34.67 -42.25 16.91
C ILE C 295 34.44 -43.07 15.64
N ARG C 296 33.18 -43.09 15.20
CA ARG C 296 32.78 -43.89 14.05
C ARG C 296 32.22 -42.98 12.97
N GLN C 297 32.28 -43.44 11.73
CA GLN C 297 31.86 -42.63 10.60
C GLN C 297 30.36 -42.72 10.33
N ALA C 298 29.75 -41.58 10.02
CA ALA C 298 28.34 -41.51 9.70
C ALA C 298 28.06 -42.02 8.29
N HIS C 299 27.01 -42.82 8.15
CA HIS C 299 26.70 -43.49 6.90
C HIS C 299 25.20 -43.49 6.66
N CYS C 300 24.80 -44.05 5.52
CA CYS C 300 23.41 -44.25 5.15
C CYS C 300 23.27 -45.62 4.52
N ASN C 301 22.08 -46.21 4.58
CA ASN C 301 21.88 -47.52 3.99
C ASN C 301 20.68 -47.49 3.07
N VAL C 302 20.78 -48.19 1.93
CA VAL C 302 19.63 -48.54 1.11
C VAL C 302 19.67 -50.01 0.73
N SER C 303 18.50 -50.59 0.51
CA SER C 303 18.46 -52.00 0.12
C SER C 303 18.82 -52.15 -1.36
N LYS C 304 19.78 -53.03 -1.64
CA LYS C 304 20.24 -53.21 -3.02
C LYS C 304 19.20 -53.89 -3.89
N ALA C 305 18.37 -54.74 -3.30
CA ALA C 305 17.31 -55.41 -4.04
C ALA C 305 16.22 -54.43 -4.44
N THR C 306 16.02 -53.38 -3.65
CA THR C 306 14.97 -52.44 -3.98
C THR C 306 15.51 -51.46 -5.00
N TRP C 307 16.75 -51.04 -4.78
CA TRP C 307 17.35 -50.02 -5.62
C TRP C 307 17.62 -50.55 -7.00
N ASN C 308 18.09 -51.80 -7.08
CA ASN C 308 18.34 -52.41 -8.38
C ASN C 308 17.05 -52.67 -9.13
N GLU C 309 15.95 -52.93 -8.42
CA GLU C 309 14.67 -53.08 -9.10
C GLU C 309 14.15 -51.75 -9.61
N THR C 310 14.42 -50.67 -8.89
CA THR C 310 13.95 -49.38 -9.36
C THR C 310 14.77 -48.90 -10.54
N LEU C 311 16.07 -49.16 -10.53
CA LEU C 311 16.82 -48.83 -11.73
C LEU C 311 16.47 -49.76 -12.89
N GLY C 312 15.97 -50.96 -12.60
CA GLY C 312 15.45 -51.80 -13.67
C GLY C 312 14.15 -51.27 -14.23
N LYS C 313 13.42 -50.51 -13.44
CA LYS C 313 12.21 -49.89 -13.91
C LYS C 313 12.53 -48.65 -14.74
N VAL C 314 13.37 -47.78 -14.21
CA VAL C 314 13.64 -46.54 -14.89
C VAL C 314 14.51 -46.72 -16.12
N VAL C 315 15.14 -47.88 -16.29
CA VAL C 315 15.87 -48.08 -17.53
C VAL C 315 14.93 -48.63 -18.58
N LYS C 316 13.75 -49.08 -18.16
CA LYS C 316 12.73 -49.48 -19.11
C LYS C 316 11.98 -48.27 -19.59
N GLN C 317 11.65 -47.39 -18.65
CA GLN C 317 10.90 -46.20 -19.03
C GLN C 317 11.78 -45.19 -19.78
N LEU C 318 13.08 -45.22 -19.55
CA LEU C 318 13.97 -44.34 -20.32
C LEU C 318 14.10 -44.79 -21.77
N ARG C 319 13.96 -46.10 -22.00
CA ARG C 319 13.97 -46.60 -23.36
C ARG C 319 12.71 -46.26 -24.11
N LYS C 320 11.66 -45.82 -23.41
CA LYS C 320 10.47 -45.40 -24.13
C LYS C 320 10.72 -44.10 -24.88
N HIS C 321 11.67 -43.30 -24.40
CA HIS C 321 12.03 -42.06 -25.07
C HIS C 321 13.30 -42.18 -25.90
N PHE C 322 14.16 -43.15 -25.59
CA PHE C 322 15.40 -43.27 -26.34
C PHE C 322 15.50 -44.57 -27.11
N GLY C 323 14.38 -45.25 -27.31
CA GLY C 323 14.36 -46.47 -28.07
C GLY C 323 14.93 -47.66 -27.32
N ASN C 324 14.83 -48.83 -27.92
CA ASN C 324 15.41 -50.03 -27.36
C ASN C 324 16.84 -50.15 -27.89
N ASN C 325 17.50 -51.26 -27.53
CA ASN C 325 18.92 -51.54 -27.73
C ASN C 325 19.81 -50.32 -27.50
N THR C 326 19.54 -49.60 -26.41
CA THR C 326 20.31 -48.42 -26.06
C THR C 326 21.00 -48.72 -24.73
N ILE C 327 22.33 -48.76 -24.75
CA ILE C 327 23.05 -49.27 -23.59
C ILE C 327 23.13 -48.19 -22.54
N ILE C 328 22.14 -48.12 -21.66
CA ILE C 328 22.09 -47.06 -20.68
C ILE C 328 22.99 -47.41 -19.50
N ARG C 329 23.89 -46.49 -19.16
CA ARG C 329 24.76 -46.68 -18.01
C ARG C 329 24.69 -45.44 -17.14
N PHE C 330 25.19 -45.57 -15.92
CA PHE C 330 25.14 -44.46 -14.98
C PHE C 330 26.55 -44.14 -14.50
N ALA C 331 26.70 -42.92 -13.98
CA ALA C 331 27.97 -42.47 -13.45
C ALA C 331 27.69 -41.54 -12.29
N ASN C 332 28.71 -40.88 -11.78
CA ASN C 332 28.64 -40.29 -10.44
C ASN C 332 28.99 -38.81 -10.44
N SER C 333 28.38 -38.06 -11.36
CA SER C 333 28.35 -36.60 -11.35
C SER C 333 29.77 -36.02 -11.37
N SER C 334 30.41 -36.16 -12.53
CA SER C 334 31.85 -36.02 -12.76
C SER C 334 32.60 -34.99 -11.93
N GLY C 335 32.03 -33.79 -11.78
CA GLY C 335 32.69 -32.78 -11.00
C GLY C 335 31.68 -31.79 -10.46
N GLY C 336 32.20 -30.80 -9.75
CA GLY C 336 31.41 -29.71 -9.25
C GLY C 336 31.76 -29.40 -7.83
N ASP C 337 30.98 -28.51 -7.21
CA ASP C 337 31.20 -28.14 -5.83
C ASP C 337 30.70 -29.25 -4.91
N LEU C 338 30.87 -29.03 -3.60
CA LEU C 338 30.49 -30.01 -2.60
C LEU C 338 28.99 -30.12 -2.44
N GLU C 339 28.24 -29.15 -2.97
CA GLU C 339 26.80 -29.15 -2.80
C GLU C 339 26.12 -29.62 -4.06
N VAL C 340 26.89 -30.12 -5.03
CA VAL C 340 26.32 -30.66 -6.25
C VAL C 340 26.86 -32.07 -6.45
N THR C 341 28.08 -32.31 -6.00
CA THR C 341 28.61 -33.67 -6.04
C THR C 341 28.05 -34.57 -4.96
N THR C 342 27.22 -34.06 -4.07
CA THR C 342 26.81 -34.83 -2.91
C THR C 342 25.30 -34.85 -2.80
N HIS C 343 24.82 -35.79 -1.99
CA HIS C 343 23.41 -35.85 -1.65
C HIS C 343 23.28 -35.01 -0.40
N SER C 344 22.92 -33.76 -0.58
CA SER C 344 22.94 -32.80 0.51
C SER C 344 21.57 -32.75 1.15
N PHE C 345 21.49 -33.05 2.45
CA PHE C 345 20.19 -33.04 3.08
C PHE C 345 20.32 -32.75 4.56
N ASN C 346 19.16 -32.73 5.21
CA ASN C 346 19.01 -32.47 6.63
C ASN C 346 18.42 -33.70 7.31
N CYS C 347 18.84 -33.93 8.55
CA CYS C 347 18.39 -35.09 9.30
C CYS C 347 18.43 -34.71 10.78
N GLY C 348 17.25 -34.41 11.32
CA GLY C 348 17.12 -34.16 12.74
C GLY C 348 17.73 -32.86 13.19
N GLY C 349 18.14 -32.01 12.25
CA GLY C 349 18.77 -30.77 12.60
C GLY C 349 20.23 -30.74 12.27
N GLU C 350 20.75 -31.76 11.59
CA GLU C 350 22.15 -31.73 11.18
C GLU C 350 22.26 -32.12 9.71
N PHE C 351 23.32 -31.62 9.09
CA PHE C 351 23.35 -31.47 7.64
C PHE C 351 24.33 -32.47 7.06
N PHE C 352 23.78 -33.56 6.55
CA PHE C 352 24.60 -34.61 5.98
C PHE C 352 24.93 -34.33 4.52
N TYR C 353 26.19 -34.58 4.17
CA TYR C 353 26.64 -34.58 2.78
C TYR C 353 27.16 -35.98 2.48
N CYS C 354 26.40 -36.73 1.71
CA CYS C 354 26.73 -38.13 1.48
C CYS C 354 27.58 -38.25 0.23
N ASN C 355 27.71 -39.46 -0.30
CA ASN C 355 28.53 -39.73 -1.47
C ASN C 355 27.81 -40.79 -2.30
N THR C 356 26.98 -40.33 -3.21
CA THR C 356 26.24 -41.21 -4.12
C THR C 356 27.17 -41.65 -5.24
N SER C 357 28.01 -42.63 -4.94
CA SER C 357 28.83 -43.26 -5.95
C SER C 357 28.81 -44.78 -5.87
N GLY C 358 28.05 -45.36 -4.96
CA GLY C 358 27.83 -46.80 -4.95
C GLY C 358 26.47 -47.07 -5.52
N LEU C 359 25.73 -45.99 -5.72
CA LEU C 359 24.39 -46.04 -6.27
C LEU C 359 24.42 -45.87 -7.78
N PHE C 360 24.94 -44.73 -8.22
CA PHE C 360 24.88 -44.36 -9.61
C PHE C 360 26.08 -44.94 -10.36
N ASN C 361 26.14 -46.27 -10.42
CA ASN C 361 27.28 -46.94 -11.04
C ASN C 361 26.77 -48.27 -11.59
N SER C 362 26.37 -48.27 -12.85
CA SER C 362 25.82 -49.46 -13.48
C SER C 362 25.97 -49.32 -14.99
N THR C 363 25.51 -50.35 -15.72
CA THR C 363 25.35 -50.35 -17.17
C THR C 363 24.25 -51.35 -17.49
N TRP C 364 23.40 -50.99 -18.44
CA TRP C 364 22.17 -51.75 -18.69
C TRP C 364 22.02 -52.03 -20.18
N ILE C 365 21.82 -53.30 -20.51
CA ILE C 365 21.61 -53.72 -21.88
C ILE C 365 20.16 -54.17 -22.02
N SER C 366 19.63 -54.07 -23.23
CA SER C 366 18.20 -54.15 -23.49
C SER C 366 17.61 -55.55 -23.33
N ASN C 367 18.40 -56.54 -22.92
CA ASN C 367 17.88 -57.88 -22.72
C ASN C 367 17.03 -57.95 -21.46
N ASN C 379 19.51 -59.21 0.34
CA ASN C 379 19.13 -58.90 1.71
C ASN C 379 20.01 -57.80 2.28
N ASP C 380 21.27 -57.77 1.85
CA ASP C 380 22.23 -56.82 2.35
C ASP C 380 21.93 -55.41 1.84
N SER C 381 22.63 -54.44 2.42
CA SER C 381 22.40 -53.02 2.15
C SER C 381 23.65 -52.37 1.58
N ILE C 382 23.42 -51.37 0.76
CA ILE C 382 24.47 -50.53 0.21
C ILE C 382 24.66 -49.35 1.15
N THR C 383 25.88 -49.20 1.64
CA THR C 383 26.27 -48.18 2.59
C THR C 383 26.91 -46.98 1.89
N LEU C 384 26.40 -45.79 2.17
CA LEU C 384 26.93 -44.56 1.60
C LEU C 384 27.66 -43.80 2.70
N PRO C 385 28.96 -43.62 2.59
CA PRO C 385 29.72 -42.93 3.64
C PRO C 385 29.51 -41.42 3.56
N CYS C 386 28.79 -40.88 4.52
CA CYS C 386 28.49 -39.46 4.52
C CYS C 386 29.51 -38.68 5.34
N ARG C 387 29.37 -37.37 5.35
CA ARG C 387 30.23 -36.49 6.12
C ARG C 387 29.45 -35.22 6.44
N ILE C 388 29.75 -34.64 7.60
CA ILE C 388 28.93 -33.58 8.17
C ILE C 388 29.72 -32.29 8.17
N LYS C 389 29.04 -31.20 7.82
CA LYS C 389 29.56 -29.85 7.79
C LYS C 389 28.64 -28.97 8.61
N GLN C 390 29.21 -28.08 9.41
CA GLN C 390 28.40 -27.32 10.36
C GLN C 390 27.96 -25.95 9.86
N ILE C 391 28.84 -25.16 9.26
CA ILE C 391 28.37 -23.95 8.60
C ILE C 391 27.67 -24.32 7.31
N ILE C 392 26.68 -23.52 6.92
CA ILE C 392 25.77 -23.90 5.86
C ILE C 392 25.45 -22.71 4.98
N ASN C 393 25.58 -22.90 3.67
CA ASN C 393 25.34 -21.84 2.70
C ASN C 393 24.31 -22.34 1.71
N MET C 394 23.18 -22.84 2.22
CA MET C 394 22.10 -23.33 1.37
C MET C 394 21.65 -22.20 0.45
N TRP C 395 21.39 -22.56 -0.81
CA TRP C 395 21.03 -21.71 -1.95
C TRP C 395 22.20 -20.88 -2.41
N GLN C 396 23.37 -21.03 -1.76
CA GLN C 396 24.65 -20.48 -2.22
C GLN C 396 24.57 -18.97 -2.37
N ARG C 397 23.96 -18.31 -1.39
CA ARG C 397 23.99 -16.86 -1.44
C ARG C 397 25.34 -16.34 -1.02
N ILE C 398 25.58 -15.06 -1.34
CA ILE C 398 26.91 -14.49 -1.27
C ILE C 398 27.32 -14.20 0.16
N GLY C 399 26.45 -13.54 0.91
CA GLY C 399 26.74 -13.02 2.23
C GLY C 399 25.91 -13.58 3.35
N GLN C 400 25.63 -14.87 3.31
CA GLN C 400 24.86 -15.51 4.36
C GLN C 400 25.56 -16.80 4.76
N CYS C 401 25.39 -17.15 6.03
CA CYS C 401 25.63 -18.48 6.55
C CYS C 401 24.70 -18.81 7.72
N MET C 402 24.92 -19.99 8.31
CA MET C 402 24.08 -20.52 9.38
C MET C 402 24.91 -21.53 10.18
N TYR C 403 25.42 -21.13 11.34
CA TYR C 403 26.15 -22.10 12.15
C TYR C 403 25.16 -23.07 12.78
N ALA C 404 25.05 -24.27 12.25
CA ALA C 404 24.16 -25.24 12.89
C ALA C 404 24.83 -25.77 14.16
N PRO C 405 24.10 -25.80 15.28
CA PRO C 405 24.68 -26.24 16.53
C PRO C 405 24.82 -27.76 16.56
N PRO C 406 25.66 -28.28 17.43
CA PRO C 406 25.72 -29.74 17.59
C PRO C 406 24.46 -30.20 18.30
N ILE C 407 24.19 -31.50 18.24
CA ILE C 407 23.02 -32.04 18.90
C ILE C 407 23.45 -33.25 19.71
N GLN C 408 22.75 -33.46 20.82
CA GLN C 408 23.14 -34.48 21.78
C GLN C 408 22.84 -35.86 21.24
N GLY C 409 23.63 -36.84 21.67
CA GLY C 409 23.28 -38.24 21.47
C GLY C 409 23.48 -38.71 20.06
N VAL C 410 23.25 -40.01 19.87
CA VAL C 410 23.26 -40.61 18.55
C VAL C 410 22.06 -40.11 17.75
N ILE C 411 22.28 -39.73 16.50
CA ILE C 411 21.24 -39.22 15.62
C ILE C 411 20.98 -40.23 14.52
N ARG C 412 19.71 -40.51 14.27
CA ARG C 412 19.30 -41.52 13.31
C ARG C 412 17.97 -41.09 12.71
N CYS C 413 17.85 -41.20 11.39
CA CYS C 413 16.59 -40.90 10.74
C CYS C 413 16.28 -41.92 9.65
N VAL C 414 15.01 -41.92 9.24
CA VAL C 414 14.48 -42.84 8.24
C VAL C 414 13.66 -42.03 7.26
N SER C 415 14.00 -42.12 5.98
CA SER C 415 13.30 -41.30 4.98
C SER C 415 12.97 -42.13 3.75
N ASN C 416 12.03 -41.63 2.95
CA ASN C 416 11.66 -42.28 1.71
C ASN C 416 12.27 -41.51 0.55
N ILE C 417 13.17 -42.17 -0.17
CA ILE C 417 13.60 -41.70 -1.46
C ILE C 417 12.42 -41.82 -2.41
N THR C 418 11.98 -40.69 -2.96
CA THR C 418 10.82 -40.61 -3.84
C THR C 418 11.16 -40.36 -5.30
N GLY C 419 12.09 -39.47 -5.61
CA GLY C 419 12.40 -39.15 -6.99
C GLY C 419 13.87 -38.84 -7.19
N LEU C 420 14.33 -39.10 -8.40
CA LEU C 420 15.69 -38.73 -8.77
C LEU C 420 15.69 -37.44 -9.59
N ILE C 421 16.86 -36.84 -9.71
CA ILE C 421 17.10 -35.73 -10.64
C ILE C 421 18.28 -36.14 -11.50
N LEU C 422 18.01 -36.73 -12.66
CA LEU C 422 19.12 -37.14 -13.51
C LEU C 422 19.55 -35.99 -14.41
N THR C 423 20.58 -36.26 -15.21
CA THR C 423 21.15 -35.33 -16.16
C THR C 423 21.90 -36.13 -17.20
N ARG C 424 21.58 -35.87 -18.46
CA ARG C 424 22.19 -36.58 -19.57
C ARG C 424 23.65 -36.17 -19.75
N ASP C 425 24.30 -36.84 -20.70
CA ASP C 425 25.72 -36.66 -20.98
C ASP C 425 25.86 -36.16 -22.40
N GLY C 426 26.48 -35.00 -22.57
CA GLY C 426 26.38 -34.33 -23.84
C GLY C 426 27.28 -34.90 -24.90
N GLY C 427 26.87 -36.05 -25.45
CA GLY C 427 27.64 -36.68 -26.49
C GLY C 427 27.56 -35.92 -27.79
N SER C 428 28.51 -36.20 -28.68
CA SER C 428 28.44 -35.62 -30.02
C SER C 428 28.85 -36.64 -31.06
N THR C 429 28.69 -37.93 -30.76
CA THR C 429 29.10 -39.00 -31.64
C THR C 429 27.90 -39.93 -31.88
N ASN C 430 28.10 -40.86 -32.79
CA ASN C 430 27.06 -41.80 -33.18
C ASN C 430 27.12 -43.05 -32.32
N SER C 431 27.15 -42.84 -31.00
CA SER C 431 27.22 -43.93 -30.04
C SER C 431 25.81 -44.37 -29.66
N THR C 432 25.75 -45.44 -28.87
CA THR C 432 24.50 -45.94 -28.34
C THR C 432 24.33 -45.67 -26.87
N THR C 433 25.42 -45.69 -26.10
CA THR C 433 25.30 -45.51 -24.67
C THR C 433 24.92 -44.07 -24.34
N GLU C 434 24.32 -43.92 -23.17
CA GLU C 434 23.92 -42.60 -22.64
C GLU C 434 24.23 -42.58 -21.15
N THR C 435 25.41 -42.10 -20.78
CA THR C 435 25.88 -42.25 -19.41
C THR C 435 25.16 -41.18 -18.61
N PHE C 436 24.07 -41.57 -17.97
CA PHE C 436 23.33 -40.63 -17.16
C PHE C 436 24.05 -40.34 -15.85
N ARG C 437 23.88 -39.11 -15.37
CA ARG C 437 24.59 -38.66 -14.21
C ARG C 437 23.61 -37.84 -13.38
N PRO C 438 23.64 -38.00 -12.06
CA PRO C 438 22.75 -37.21 -11.21
C PRO C 438 23.31 -35.82 -11.00
N GLY C 439 22.41 -34.87 -10.75
CA GLY C 439 22.85 -33.52 -10.49
C GLY C 439 21.74 -32.62 -9.99
N GLY C 440 21.98 -31.94 -8.87
CA GLY C 440 20.96 -31.13 -8.23
C GLY C 440 20.74 -29.78 -8.87
N GLY C 441 21.75 -28.92 -8.81
CA GLY C 441 21.66 -27.59 -9.39
C GLY C 441 20.69 -26.72 -8.61
N ASP C 442 19.74 -26.12 -9.33
CA ASP C 442 18.83 -25.18 -8.70
C ASP C 442 17.86 -25.90 -7.78
N MET C 443 17.58 -25.28 -6.64
CA MET C 443 16.70 -25.91 -5.67
C MET C 443 15.23 -25.82 -6.06
N ARG C 444 14.91 -25.03 -7.08
CA ARG C 444 13.53 -24.89 -7.53
C ARG C 444 13.05 -26.15 -8.18
N ASP C 445 13.97 -26.89 -8.78
CA ASP C 445 13.64 -28.10 -9.51
C ASP C 445 13.16 -29.18 -8.56
N ASN C 446 13.46 -29.04 -7.27
CA ASN C 446 12.86 -29.94 -6.30
C ASN C 446 11.36 -29.69 -6.22
N TRP C 447 10.98 -28.42 -6.15
CA TRP C 447 9.59 -28.07 -5.98
C TRP C 447 8.80 -28.14 -7.27
N ARG C 448 9.48 -28.33 -8.40
CA ARG C 448 8.72 -28.64 -9.60
C ARG C 448 8.29 -30.09 -9.62
N SER C 449 8.77 -30.90 -8.69
CA SER C 449 8.24 -32.24 -8.55
C SER C 449 7.00 -32.27 -7.68
N GLU C 450 6.62 -31.13 -7.11
CA GLU C 450 5.45 -31.01 -6.29
C GLU C 450 4.41 -30.07 -6.85
N LEU C 451 4.80 -29.15 -7.74
CA LEU C 451 3.91 -28.12 -8.23
C LEU C 451 3.72 -28.22 -9.72
N TYR C 452 3.67 -29.44 -10.22
CA TYR C 452 3.37 -29.68 -11.61
C TYR C 452 1.90 -29.93 -11.85
N LYS C 453 1.17 -30.32 -10.80
CA LYS C 453 -0.26 -30.55 -10.96
C LYS C 453 -1.04 -29.26 -10.97
N TYR C 454 -0.51 -28.21 -10.37
CA TYR C 454 -1.28 -27.00 -10.08
C TYR C 454 -0.87 -25.89 -11.02
N LYS C 455 -1.87 -25.27 -11.65
CA LYS C 455 -1.68 -23.98 -12.29
C LYS C 455 -2.68 -22.99 -11.70
N VAL C 456 -2.40 -21.70 -11.84
CA VAL C 456 -3.24 -20.66 -11.24
C VAL C 456 -3.85 -19.80 -12.34
N VAL C 457 -5.17 -19.74 -12.37
CA VAL C 457 -5.88 -18.97 -13.37
C VAL C 457 -6.57 -17.78 -12.72
N LYS C 458 -6.93 -16.81 -13.57
CA LYS C 458 -7.62 -15.58 -13.19
C LYS C 458 -9.02 -15.61 -13.77
N ILE C 459 -10.00 -15.58 -12.88
CA ILE C 459 -11.41 -15.53 -13.25
C ILE C 459 -11.70 -14.20 -13.92
N GLU C 460 -12.22 -14.25 -15.14
CA GLU C 460 -12.50 -13.08 -15.97
C GLU C 460 -13.96 -13.07 -16.36
N PRO C 461 -14.83 -12.61 -15.49
CA PRO C 461 -16.26 -12.54 -15.83
C PRO C 461 -16.60 -11.43 -16.81
N LEU C 462 -17.89 -11.15 -16.97
CA LEU C 462 -18.43 -10.15 -17.89
C LEU C 462 -18.12 -10.52 -19.35
N GLY C 463 -18.71 -11.62 -19.76
CA GLY C 463 -18.71 -12.02 -21.16
C GLY C 463 -19.84 -11.35 -21.91
N VAL C 464 -20.02 -11.77 -23.16
CA VAL C 464 -20.97 -11.10 -24.04
C VAL C 464 -21.45 -12.06 -25.13
N ALA C 465 -22.77 -12.08 -25.36
CA ALA C 465 -23.33 -13.00 -26.33
C ALA C 465 -24.57 -12.41 -27.01
N PRO C 466 -24.78 -12.68 -28.30
CA PRO C 466 -25.96 -12.15 -28.98
C PRO C 466 -27.18 -13.04 -28.82
N THR C 467 -28.33 -12.39 -28.59
CA THR C 467 -29.62 -13.06 -28.57
C THR C 467 -30.70 -12.10 -29.04
N ARG C 468 -31.91 -12.63 -29.14
CA ARG C 468 -33.01 -11.93 -29.78
C ARG C 468 -33.85 -11.33 -28.67
N CYS C 469 -33.34 -10.26 -28.09
CA CYS C 469 -34.11 -9.44 -27.15
C CYS C 469 -33.49 -8.06 -27.20
N LYS C 470 -34.33 -7.06 -26.98
CA LYS C 470 -33.87 -5.69 -27.05
C LYS C 470 -34.34 -4.93 -25.83
N ARG C 471 -33.50 -4.04 -25.33
CA ARG C 471 -33.82 -3.28 -24.14
C ARG C 471 -34.95 -2.31 -24.43
N ARG C 472 -36.13 -2.62 -23.93
CA ARG C 472 -37.32 -1.84 -24.22
C ARG C 472 -37.29 -0.53 -23.46
N VAL C 473 -37.91 0.49 -24.06
CA VAL C 473 -37.98 1.79 -23.42
C VAL C 473 -39.42 2.11 -23.06
N ALA D 1 -52.87 -11.62 1.71
CA ALA D 1 -53.21 -12.00 3.07
C ALA D 1 -52.09 -12.83 3.67
N GLU D 2 -52.26 -14.16 3.64
CA GLU D 2 -51.28 -15.06 4.21
C GLU D 2 -50.05 -15.19 3.31
N ASN D 3 -50.11 -14.63 2.10
CA ASN D 3 -48.97 -14.62 1.19
C ASN D 3 -47.97 -13.55 1.63
N LEU D 4 -47.27 -13.85 2.71
CA LEU D 4 -46.30 -12.92 3.24
C LEU D 4 -45.05 -13.02 2.41
N TRP D 5 -44.39 -11.88 2.22
CA TRP D 5 -43.21 -11.82 1.36
C TRP D 5 -42.05 -11.19 2.09
N VAL D 6 -40.86 -11.64 1.69
CA VAL D 6 -39.62 -11.13 2.25
C VAL D 6 -39.39 -9.69 1.79
N THR D 7 -39.08 -8.81 2.75
CA THR D 7 -38.64 -7.46 2.46
C THR D 7 -37.37 -7.18 3.23
N VAL D 8 -36.30 -6.92 2.50
CA VAL D 8 -35.00 -6.66 3.11
C VAL D 8 -34.95 -5.21 3.58
N TYR D 9 -34.07 -4.95 4.52
CA TYR D 9 -33.95 -3.62 5.11
C TYR D 9 -32.48 -3.32 5.23
N TYR D 10 -31.96 -2.46 4.35
CA TYR D 10 -30.57 -2.11 4.43
C TYR D 10 -30.40 -0.94 5.39
N GLY D 11 -29.32 -0.94 6.14
CA GLY D 11 -29.10 0.13 7.08
C GLY D 11 -30.03 0.01 8.26
N VAL D 12 -29.89 -1.04 9.05
CA VAL D 12 -30.87 -1.31 10.10
C VAL D 12 -30.11 -1.52 11.42
N PRO D 13 -30.57 -0.93 12.51
CA PRO D 13 -29.75 -1.01 13.73
C PRO D 13 -29.85 -2.35 14.43
N VAL D 14 -28.82 -3.17 14.22
CA VAL D 14 -28.56 -4.34 15.02
C VAL D 14 -27.04 -4.46 15.03
N TRP D 15 -26.49 -5.15 16.01
CA TRP D 15 -25.06 -5.29 16.06
C TRP D 15 -24.72 -6.68 16.55
N LYS D 16 -23.52 -7.12 16.22
CA LYS D 16 -22.99 -8.33 16.81
C LYS D 16 -21.66 -8.04 17.49
N ASP D 17 -21.28 -8.93 18.39
CA ASP D 17 -20.00 -8.77 19.06
C ASP D 17 -18.89 -9.15 18.11
N ALA D 18 -17.81 -8.37 18.14
CA ALA D 18 -16.67 -8.61 17.28
C ALA D 18 -15.45 -8.04 17.97
N GLU D 19 -14.33 -8.01 17.26
CA GLU D 19 -13.08 -7.45 17.77
C GLU D 19 -12.24 -7.04 16.58
N THR D 20 -11.90 -5.76 16.50
CA THR D 20 -10.99 -5.28 15.46
C THR D 20 -10.00 -4.29 16.04
N THR D 21 -9.06 -3.89 15.20
CA THR D 21 -7.95 -3.03 15.61
C THR D 21 -8.43 -1.60 15.77
N LEU D 22 -8.26 -1.04 16.96
CA LEU D 22 -8.58 0.36 17.18
C LEU D 22 -7.31 1.20 17.05
N PHE D 23 -7.50 2.51 16.99
CA PHE D 23 -6.39 3.43 16.84
C PHE D 23 -6.51 4.56 17.86
N CYS D 24 -5.44 5.38 17.93
CA CYS D 24 -5.38 6.51 18.82
C CYS D 24 -6.38 7.59 18.45
N ALA D 25 -6.50 8.57 19.35
CA ALA D 25 -6.82 9.93 18.97
C ALA D 25 -6.19 10.82 20.05
N SER D 26 -4.96 11.27 19.78
CA SER D 26 -4.31 12.20 20.69
C SER D 26 -4.97 13.57 20.60
N ASP D 27 -4.99 14.27 21.73
CA ASP D 27 -5.58 15.61 21.72
C ASP D 27 -4.67 16.55 20.96
N ALA D 28 -5.27 17.47 20.20
CA ALA D 28 -4.46 18.30 19.31
C ALA D 28 -3.63 19.33 20.09
N LYS D 29 -4.06 19.66 21.31
CA LYS D 29 -3.33 20.61 22.12
C LYS D 29 -2.00 20.03 22.57
N ALA D 30 -1.92 18.71 22.69
CA ALA D 30 -0.67 18.06 23.04
C ALA D 30 0.23 17.87 21.83
N TYR D 31 -0.13 18.48 20.69
CA TYR D 31 0.67 18.42 19.48
C TYR D 31 1.69 19.54 19.41
N GLU D 32 1.63 20.50 20.33
CA GLU D 32 2.56 21.63 20.29
C GLU D 32 3.96 21.19 20.70
N THR D 33 4.07 20.19 21.56
CA THR D 33 5.38 19.74 21.98
C THR D 33 5.98 18.93 20.83
N GLU D 34 7.15 19.33 20.38
CA GLU D 34 7.59 18.98 19.04
C GLU D 34 8.26 17.61 19.00
N LYS D 35 7.79 16.78 18.07
CA LYS D 35 8.51 15.60 17.58
C LYS D 35 8.83 14.62 18.70
N HIS D 36 7.77 14.10 19.31
CA HIS D 36 7.83 12.96 20.21
C HIS D 36 8.70 13.19 21.45
N ASN D 37 8.34 14.20 22.23
CA ASN D 37 8.96 14.29 23.55
C ASN D 37 8.38 13.23 24.46
N VAL D 38 7.18 12.74 24.15
CA VAL D 38 6.64 11.53 24.70
C VAL D 38 6.33 10.65 23.50
N TRP D 39 6.24 9.34 23.74
CA TRP D 39 5.81 8.44 22.70
C TRP D 39 4.38 8.72 22.26
N ALA D 40 4.14 8.51 20.96
CA ALA D 40 2.84 8.56 20.31
C ALA D 40 2.17 9.92 20.51
N THR D 41 2.82 10.96 20.03
CA THR D 41 2.19 12.26 19.91
C THR D 41 2.23 12.81 18.49
N HIS D 42 3.16 12.34 17.67
CA HIS D 42 3.17 12.55 16.24
C HIS D 42 2.76 11.30 15.47
N ALA D 43 2.94 10.13 16.08
CA ALA D 43 2.75 8.87 15.37
C ALA D 43 1.29 8.62 15.03
N CYS D 44 0.39 8.86 15.97
CA CYS D 44 -1.01 8.52 15.73
C CYS D 44 -1.89 9.76 15.81
N VAL D 45 -3.19 9.53 15.61
CA VAL D 45 -4.10 10.44 14.93
C VAL D 45 -4.51 11.60 15.84
N PRO D 46 -4.57 12.83 15.31
CA PRO D 46 -5.19 13.92 16.06
C PRO D 46 -6.68 13.69 16.23
N THR D 47 -7.21 14.10 17.39
CA THR D 47 -8.57 13.74 17.79
C THR D 47 -9.59 14.59 17.04
N ASP D 48 -10.85 14.44 17.43
CA ASP D 48 -11.96 15.24 16.96
C ASP D 48 -12.51 16.07 18.11
N PRO D 49 -13.13 17.20 17.84
CA PRO D 49 -13.92 17.87 18.87
C PRO D 49 -15.29 17.22 19.04
N ASN D 50 -15.88 17.50 20.22
CA ASN D 50 -17.21 17.17 20.74
C ASN D 50 -17.70 15.80 20.29
N PRO D 51 -17.14 14.72 20.82
CA PRO D 51 -17.55 13.38 20.36
C PRO D 51 -19.00 13.09 20.72
N GLN D 52 -19.73 12.52 19.76
CA GLN D 52 -21.18 12.44 19.83
C GLN D 52 -21.59 11.33 20.80
N GLU D 53 -21.43 11.61 22.10
CA GLU D 53 -21.92 10.68 23.10
C GLU D 53 -23.42 10.78 23.14
N ILE D 54 -24.10 9.82 22.55
CA ILE D 54 -25.54 9.90 22.35
C ILE D 54 -26.21 8.69 23.00
N HIS D 55 -27.28 8.96 23.74
CA HIS D 55 -27.92 7.92 24.51
C HIS D 55 -28.66 6.95 23.60
N LEU D 56 -28.87 5.75 24.10
CA LEU D 56 -29.61 4.71 23.38
C LEU D 56 -30.66 4.29 24.39
N GLU D 57 -31.77 5.01 24.39
CA GLU D 57 -32.83 4.81 25.35
C GLU D 57 -33.55 3.49 25.04
N ASN D 58 -34.07 2.85 26.10
CA ASN D 58 -34.78 1.57 26.03
C ASN D 58 -33.92 0.48 25.44
N VAL D 59 -32.63 0.50 25.77
CA VAL D 59 -31.66 -0.47 25.28
C VAL D 59 -31.01 -1.12 26.48
N THR D 60 -31.05 -2.45 26.55
CA THR D 60 -30.24 -3.18 27.51
C THR D 60 -29.22 -4.04 26.78
N GLU D 61 -28.05 -4.21 27.39
CA GLU D 61 -26.96 -4.91 26.73
C GLU D 61 -26.09 -5.64 27.74
N GLU D 62 -25.79 -6.90 27.45
CA GLU D 62 -25.02 -7.75 28.35
C GLU D 62 -23.54 -7.44 28.20
N PHE D 63 -23.02 -6.63 29.10
CA PHE D 63 -21.60 -6.31 29.07
C PHE D 63 -20.77 -7.41 29.72
N ASN D 64 -19.46 -7.25 29.58
CA ASN D 64 -18.48 -8.07 30.27
C ASN D 64 -17.15 -7.35 30.22
N MET D 65 -16.38 -7.52 31.29
CA MET D 65 -15.07 -6.91 31.37
C MET D 65 -13.95 -7.91 31.63
N TRP D 66 -14.26 -9.18 31.91
CA TRP D 66 -13.25 -10.19 32.16
C TRP D 66 -12.92 -11.01 30.92
N LYS D 67 -13.91 -11.43 30.16
CA LYS D 67 -13.62 -11.98 28.85
C LYS D 67 -13.61 -10.91 27.79
N ASN D 68 -13.48 -9.65 28.21
CA ASN D 68 -13.42 -8.54 27.29
C ASN D 68 -12.09 -8.53 26.55
N ASN D 69 -12.16 -8.10 25.30
CA ASN D 69 -11.01 -7.73 24.50
C ASN D 69 -10.71 -6.25 24.73
N MET D 70 -9.87 -5.67 23.87
CA MET D 70 -9.47 -4.26 23.86
C MET D 70 -8.65 -3.85 25.08
N VAL D 71 -8.48 -4.76 26.03
CA VAL D 71 -7.41 -4.65 26.99
C VAL D 71 -6.21 -5.48 26.55
N GLU D 72 -6.39 -6.34 25.56
CA GLU D 72 -5.25 -7.01 24.96
C GLU D 72 -4.58 -6.22 23.84
N GLN D 73 -5.34 -5.54 22.98
CA GLN D 73 -4.69 -4.71 21.97
C GLN D 73 -4.02 -3.49 22.55
N MET D 74 -4.59 -2.87 23.57
CA MET D 74 -3.93 -1.70 24.12
C MET D 74 -2.64 -2.10 24.82
N HIS D 75 -2.62 -3.28 25.42
CA HIS D 75 -1.37 -3.76 26.01
C HIS D 75 -0.40 -4.17 24.93
N THR D 76 -0.93 -4.58 23.78
CA THR D 76 -0.07 -5.05 22.70
C THR D 76 0.65 -3.87 22.08
N ASP D 77 -0.10 -2.83 21.74
CA ASP D 77 0.56 -1.75 21.05
C ASP D 77 1.34 -0.89 22.04
N ILE D 78 0.95 -0.86 23.32
CA ILE D 78 1.78 -0.07 24.23
C ILE D 78 3.11 -0.77 24.44
N ILE D 79 3.14 -2.11 24.39
CA ILE D 79 4.40 -2.84 24.29
C ILE D 79 5.14 -2.46 23.02
N SER D 80 4.41 -2.31 21.92
CA SER D 80 5.10 -2.16 20.66
C SER D 80 5.69 -0.76 20.52
N LEU D 81 4.95 0.28 20.91
CA LEU D 81 5.56 1.59 20.84
C LEU D 81 6.51 1.84 21.99
N TRP D 82 6.46 1.04 23.05
CA TRP D 82 7.56 1.10 23.99
C TRP D 82 8.82 0.52 23.40
N ASP D 83 8.70 -0.46 22.53
CA ASP D 83 9.91 -0.91 21.87
C ASP D 83 10.29 0.01 20.72
N GLN D 84 9.32 0.77 20.21
CA GLN D 84 9.61 1.73 19.16
C GLN D 84 10.35 2.93 19.70
N SER D 85 10.13 3.25 20.97
CA SER D 85 10.79 4.41 21.56
C SER D 85 12.12 4.04 22.19
N LEU D 86 12.57 2.81 21.99
CA LEU D 86 13.86 2.36 22.48
C LEU D 86 14.80 1.97 21.36
N LYS D 87 14.29 1.80 20.16
CA LYS D 87 15.11 1.52 19.00
C LYS D 87 15.99 2.70 18.57
N PRO D 88 15.56 3.97 18.66
CA PRO D 88 16.53 5.04 18.42
C PRO D 88 17.59 5.18 19.50
N CYS D 89 17.29 4.80 20.75
CA CYS D 89 18.23 5.14 21.81
C CYS D 89 19.46 4.24 21.77
N VAL D 90 20.50 4.68 22.47
CA VAL D 90 21.83 4.09 22.35
C VAL D 90 21.91 2.81 23.17
N LYS D 91 22.37 1.75 22.54
CA LYS D 91 22.65 0.51 23.24
C LYS D 91 23.83 0.66 24.18
N LEU D 92 23.74 0.04 25.35
CA LEU D 92 24.68 0.24 26.43
C LEU D 92 25.45 -1.06 26.70
N THR D 93 25.85 -1.71 25.61
CA THR D 93 26.68 -2.91 25.71
C THR D 93 28.06 -2.72 26.34
N PRO D 94 28.89 -1.76 25.94
CA PRO D 94 30.29 -1.75 26.39
C PRO D 94 30.50 -1.30 27.82
N LEU D 95 29.45 -1.24 28.62
CA LEU D 95 29.57 -0.92 30.03
C LEU D 95 29.79 -2.15 30.90
N CYS D 96 29.62 -3.35 30.35
CA CYS D 96 29.90 -4.57 31.09
C CYS D 96 31.38 -4.85 31.35
N VAL D 97 31.97 -4.03 32.22
CA VAL D 97 33.37 -4.13 32.64
C VAL D 97 33.37 -4.46 34.12
N THR D 98 34.41 -5.15 34.57
CA THR D 98 34.58 -5.49 35.98
C THR D 98 34.77 -4.24 36.84
N LEU D 99 33.76 -3.90 37.64
CA LEU D 99 33.76 -2.68 38.42
C LEU D 99 34.70 -2.81 39.63
N GLN D 100 34.93 -1.68 40.30
CA GLN D 100 35.58 -1.67 41.61
C GLN D 100 34.87 -0.67 42.50
N CYS D 101 34.15 -1.16 43.51
CA CYS D 101 33.21 -0.34 44.26
C CYS D 101 33.52 -0.32 45.74
N THR D 102 33.48 0.86 46.33
CA THR D 102 33.56 1.03 47.78
C THR D 102 32.26 1.66 48.26
N ASN D 103 32.20 1.88 49.57
CA ASN D 103 31.07 2.59 50.18
C ASN D 103 31.07 4.04 49.72
N VAL D 104 29.87 4.61 49.60
CA VAL D 104 29.77 6.04 49.37
C VAL D 104 30.12 6.82 50.64
N THR D 105 30.62 8.04 50.46
CA THR D 105 31.07 8.85 51.58
C THR D 105 29.85 9.38 52.35
N ASN D 106 29.67 8.86 53.56
CA ASN D 106 28.43 9.00 54.29
C ASN D 106 28.71 8.56 55.71
N ASN D 107 27.81 8.90 56.61
CA ASN D 107 28.01 8.51 58.01
C ASN D 107 27.48 7.10 58.11
N ILE D 108 28.37 6.12 57.95
CA ILE D 108 27.97 4.71 57.87
C ILE D 108 27.63 4.25 59.29
N THR D 109 26.35 4.09 59.56
CA THR D 109 25.92 3.45 60.80
C THR D 109 25.78 1.96 60.53
N ASP D 110 25.98 1.16 61.58
CA ASP D 110 25.86 -0.29 61.40
C ASP D 110 24.42 -0.69 61.16
N ASP D 111 23.47 0.10 61.67
CA ASP D 111 22.06 -0.20 61.47
C ASP D 111 21.67 0.03 60.02
N MET D 112 22.05 1.19 59.46
CA MET D 112 21.78 1.43 58.06
C MET D 112 22.78 0.64 57.21
N ARG D 113 22.50 0.50 55.93
CA ARG D 113 23.46 -0.11 55.01
C ARG D 113 23.68 0.81 53.82
N GLY D 114 24.80 0.58 53.13
CA GLY D 114 25.13 1.45 52.03
C GLY D 114 24.19 1.17 50.89
N GLU D 115 23.37 2.17 50.59
CA GLU D 115 22.41 2.04 49.50
C GLU D 115 23.07 2.38 48.17
N LEU D 116 24.07 3.25 48.20
CA LEU D 116 24.72 3.73 46.99
C LEU D 116 26.19 3.37 47.07
N LYS D 117 26.68 2.72 46.03
CA LYS D 117 28.08 2.34 45.92
C LYS D 117 28.82 3.27 44.98
N ASN D 118 30.14 3.34 45.17
CA ASN D 118 30.97 4.32 44.48
C ASN D 118 31.31 3.86 43.06
N CYS D 119 31.99 2.73 42.91
CA CYS D 119 32.18 2.02 41.64
C CYS D 119 32.95 2.84 40.60
N SER D 120 34.24 3.01 40.85
CA SER D 120 35.15 3.60 39.86
C SER D 120 35.74 2.52 38.96
N PHE D 121 35.60 2.71 37.64
CA PHE D 121 36.06 1.72 36.66
C PHE D 121 36.84 2.31 35.49
N ASN D 122 37.07 1.49 34.47
CA ASN D 122 37.69 1.87 33.22
C ASN D 122 36.65 1.76 32.10
N MET D 123 36.75 2.65 31.11
CA MET D 123 35.84 2.64 29.99
C MET D 123 36.51 3.24 28.76
N THR D 124 36.23 2.63 27.61
CA THR D 124 36.76 3.12 26.34
C THR D 124 36.23 4.52 26.05
N THR D 125 37.08 5.33 25.46
CA THR D 125 36.64 6.65 25.01
C THR D 125 36.10 6.55 23.60
N GLU D 126 35.91 7.72 22.97
CA GLU D 126 35.43 7.74 21.59
C GLU D 126 36.52 7.27 20.63
N LEU D 127 37.78 7.42 20.98
CA LEU D 127 38.86 6.79 20.24
C LEU D 127 38.92 5.31 20.57
N ARG D 128 39.20 4.51 19.55
CA ARG D 128 39.22 3.07 19.75
C ARG D 128 40.48 2.61 20.46
N ASP D 129 41.52 3.41 20.48
CA ASP D 129 42.75 2.99 21.12
C ASP D 129 42.75 3.26 22.62
N LYS D 130 42.42 4.49 23.00
CA LYS D 130 42.52 4.91 24.38
C LYS D 130 41.38 4.35 25.23
N LYS D 131 41.65 4.25 26.54
CA LYS D 131 40.66 3.81 27.52
C LYS D 131 40.79 4.71 28.73
N GLN D 132 39.83 5.59 28.93
CA GLN D 132 39.83 6.47 30.09
C GLN D 132 39.40 5.70 31.34
N LYS D 133 39.76 6.23 32.51
CA LYS D 133 39.34 5.69 33.79
C LYS D 133 38.36 6.64 34.47
N VAL D 134 37.09 6.26 34.51
CA VAL D 134 36.04 7.15 35.01
C VAL D 134 35.42 6.54 36.26
N TYR D 135 34.74 7.38 37.04
CA TYR D 135 34.03 6.89 38.21
C TYR D 135 32.60 7.42 38.13
N SER D 136 31.75 6.86 38.96
CA SER D 136 30.32 7.14 38.90
C SER D 136 29.77 7.05 40.31
N LEU D 137 28.46 6.84 40.40
CA LEU D 137 27.81 6.37 41.61
C LEU D 137 26.73 5.40 41.19
N PHE D 138 26.49 4.40 42.03
CA PHE D 138 25.56 3.35 41.68
C PHE D 138 24.81 2.89 42.92
N TYR D 139 23.54 2.54 42.75
CA TYR D 139 22.81 2.02 43.88
C TYR D 139 23.21 0.59 44.16
N ARG D 140 22.95 0.14 45.38
CA ARG D 140 23.30 -1.21 45.77
C ARG D 140 22.39 -2.23 45.11
N LEU D 141 21.22 -1.81 44.64
CA LEU D 141 20.31 -2.68 43.92
C LEU D 141 20.63 -2.80 42.44
N ASP D 142 21.85 -2.45 42.02
CA ASP D 142 22.24 -2.63 40.62
C ASP D 142 23.58 -3.31 40.46
N VAL D 143 24.30 -3.59 41.54
CA VAL D 143 25.58 -4.27 41.49
C VAL D 143 25.53 -5.50 42.38
N VAL D 144 26.21 -6.55 41.94
CA VAL D 144 26.40 -7.75 42.74
C VAL D 144 27.88 -8.08 42.78
N GLN D 145 28.27 -8.88 43.76
CA GLN D 145 29.68 -9.08 44.04
C GLN D 145 30.18 -10.28 43.27
N ILE D 146 31.28 -10.09 42.56
CA ILE D 146 31.98 -11.17 41.87
C ILE D 146 32.92 -11.84 42.87
N ASN D 147 32.68 -13.11 43.15
CA ASN D 147 33.40 -13.80 44.20
C ASN D 147 33.92 -15.15 43.69
N SER D 157 41.12 -8.23 51.67
CA SER D 157 41.17 -8.58 50.26
C SER D 157 40.82 -7.37 49.40
N ASN D 158 39.77 -7.53 48.60
CA ASN D 158 39.31 -6.48 47.70
C ASN D 158 37.80 -6.61 47.55
N LYS D 159 37.21 -5.76 46.71
CA LYS D 159 35.76 -5.76 46.56
C LYS D 159 35.44 -5.29 45.15
N GLU D 160 35.05 -6.23 44.28
CA GLU D 160 34.77 -5.90 42.90
C GLU D 160 33.40 -6.43 42.53
N TYR D 161 32.59 -5.57 41.92
CA TYR D 161 31.22 -5.89 41.63
C TYR D 161 31.04 -6.10 40.13
N ARG D 162 29.78 -6.22 39.72
CA ARG D 162 29.39 -6.19 38.33
C ARG D 162 27.94 -5.75 38.31
N LEU D 163 27.46 -5.45 37.11
CA LEU D 163 26.06 -5.08 36.94
C LEU D 163 25.18 -6.30 37.10
N ILE D 164 23.96 -6.08 37.56
CA ILE D 164 23.12 -7.23 37.79
C ILE D 164 22.60 -7.76 36.46
N ASN D 165 22.30 -6.83 35.55
CA ASN D 165 21.79 -7.18 34.23
C ASN D 165 22.90 -7.52 33.26
N CYS D 166 24.16 -7.45 33.70
CA CYS D 166 25.26 -7.78 32.80
C CYS D 166 25.25 -9.24 32.44
N ASN D 167 24.71 -10.07 33.32
CA ASN D 167 24.34 -11.40 32.93
C ASN D 167 23.06 -11.34 32.10
N THR D 168 23.13 -11.93 30.91
CA THR D 168 21.99 -12.30 30.08
C THR D 168 21.22 -11.17 29.39
N SER D 169 21.50 -9.89 29.69
CA SER D 169 20.71 -8.86 29.00
C SER D 169 21.44 -7.52 28.98
N ALA D 170 22.18 -7.27 27.90
CA ALA D 170 22.70 -5.94 27.65
C ALA D 170 21.58 -5.05 27.11
N CYS D 171 21.37 -3.89 27.70
CA CYS D 171 20.18 -3.13 27.40
C CYS D 171 20.50 -1.65 27.37
N THR D 172 19.63 -0.91 26.68
CA THR D 172 19.93 0.43 26.20
C THR D 172 19.84 1.45 27.31
N GLN D 173 20.42 2.62 27.05
CA GLN D 173 20.17 3.81 27.84
C GLN D 173 18.86 4.42 27.35
N ALA D 174 18.38 5.47 28.01
CA ALA D 174 17.23 6.22 27.56
C ALA D 174 17.57 7.66 27.22
N CYS D 175 17.20 8.07 26.01
CA CYS D 175 17.53 9.38 25.51
C CYS D 175 16.78 10.42 26.34
N PRO D 176 17.46 11.43 26.89
CA PRO D 176 16.76 12.42 27.73
C PRO D 176 15.83 13.34 26.97
N LYS D 177 15.79 13.26 25.65
CA LYS D 177 14.77 13.97 24.89
C LYS D 177 13.38 13.42 25.18
N VAL D 178 13.22 12.10 25.14
CA VAL D 178 11.90 11.54 25.39
C VAL D 178 11.54 11.61 26.88
N SER D 179 10.24 11.47 27.15
CA SER D 179 9.69 11.57 28.49
C SER D 179 8.66 10.48 28.70
N PHE D 180 8.63 9.95 29.92
CA PHE D 180 7.78 8.83 30.28
C PHE D 180 6.43 9.26 30.86
N GLU D 181 6.05 10.51 30.70
CA GLU D 181 4.77 10.95 31.25
C GLU D 181 3.59 10.34 30.51
N PRO D 182 2.48 10.11 31.20
CA PRO D 182 1.26 9.63 30.54
C PRO D 182 0.51 10.78 29.91
N ILE D 183 0.13 10.63 28.66
CA ILE D 183 -0.78 11.56 28.00
C ILE D 183 -2.12 10.85 27.80
N PRO D 184 -3.24 11.57 27.71
CA PRO D 184 -4.52 10.90 27.45
C PRO D 184 -4.54 10.28 26.06
N ILE D 185 -5.24 9.17 25.94
CA ILE D 185 -5.39 8.46 24.68
C ILE D 185 -6.85 8.14 24.42
N HIS D 186 -7.40 8.64 23.32
CA HIS D 186 -8.77 8.35 22.95
C HIS D 186 -8.76 7.21 21.92
N TYR D 187 -9.17 6.02 22.35
CA TYR D 187 -9.33 4.92 21.41
C TYR D 187 -10.56 5.14 20.55
N CYS D 188 -10.43 4.95 19.24
CA CYS D 188 -11.57 5.13 18.36
C CYS D 188 -11.78 3.90 17.49
N ALA D 189 -13.05 3.57 17.26
CA ALA D 189 -13.45 2.49 16.37
C ALA D 189 -13.36 2.92 14.91
N PRO D 190 -13.10 1.99 14.00
CA PRO D 190 -13.13 2.31 12.57
C PRO D 190 -14.57 2.40 12.07
N ALA D 191 -14.69 2.61 10.76
CA ALA D 191 -16.00 2.77 10.15
C ALA D 191 -16.72 1.42 10.11
N GLY D 192 -17.98 1.41 10.51
CA GLY D 192 -18.73 0.18 10.55
C GLY D 192 -18.76 -0.49 11.90
N PHE D 193 -18.10 0.09 12.91
CA PHE D 193 -18.05 -0.47 14.24
C PHE D 193 -18.41 0.62 15.22
N ALA D 194 -19.24 0.28 16.20
CA ALA D 194 -19.59 1.23 17.24
C ALA D 194 -18.93 0.85 18.54
N ILE D 195 -18.89 1.80 19.47
CA ILE D 195 -18.35 1.58 20.80
C ILE D 195 -19.43 1.87 21.81
N LEU D 196 -19.95 0.82 22.43
CA LEU D 196 -20.96 0.94 23.47
C LEU D 196 -20.30 1.30 24.79
N LYS D 197 -20.87 2.27 25.49
CA LYS D 197 -20.36 2.76 26.76
C LYS D 197 -21.47 2.58 27.78
N CYS D 198 -21.17 1.87 28.86
CA CYS D 198 -22.17 1.59 29.89
C CYS D 198 -22.23 2.76 30.86
N LYS D 199 -23.36 3.44 30.89
CA LYS D 199 -23.52 4.61 31.73
C LYS D 199 -24.10 4.29 33.10
N ASP D 200 -24.11 3.02 33.49
CA ASP D 200 -24.78 2.66 34.74
C ASP D 200 -23.91 3.07 35.91
N LYS D 201 -24.51 3.76 36.87
CA LYS D 201 -23.77 4.19 38.04
C LYS D 201 -23.65 3.09 39.08
N LYS D 202 -24.29 1.96 38.88
CA LYS D 202 -24.14 0.78 39.71
C LYS D 202 -23.91 -0.38 38.75
N PHE D 203 -22.64 -0.73 38.54
CA PHE D 203 -22.31 -1.74 37.54
C PHE D 203 -21.03 -2.41 37.97
N ASN D 204 -21.15 -3.66 38.40
CA ASN D 204 -19.98 -4.51 38.61
C ASN D 204 -19.53 -5.08 37.29
N GLY D 205 -18.72 -6.13 37.33
CA GLY D 205 -18.14 -6.71 36.14
C GLY D 205 -19.08 -7.16 35.05
N THR D 206 -19.86 -8.20 35.30
CA THR D 206 -20.73 -8.78 34.30
C THR D 206 -22.09 -8.08 34.42
N GLY D 207 -23.13 -8.62 33.78
CA GLY D 207 -24.50 -8.20 34.00
C GLY D 207 -24.98 -7.23 32.95
N PRO D 208 -26.30 -7.25 32.71
CA PRO D 208 -26.88 -6.33 31.71
C PRO D 208 -26.83 -4.90 32.19
N CYS D 209 -26.30 -4.02 31.35
CA CYS D 209 -26.23 -2.61 31.67
C CYS D 209 -27.40 -1.90 31.02
N PRO D 210 -28.40 -1.47 31.78
CA PRO D 210 -29.64 -0.97 31.16
C PRO D 210 -29.58 0.49 30.74
N SER D 211 -28.39 1.07 30.65
CA SER D 211 -28.28 2.45 30.19
C SER D 211 -26.94 2.55 29.45
N VAL D 212 -26.99 2.37 28.14
CA VAL D 212 -25.81 2.37 27.31
C VAL D 212 -25.83 3.68 26.51
N SER D 213 -24.74 3.95 25.81
CA SER D 213 -24.63 5.12 24.94
C SER D 213 -23.53 4.83 23.93
N THR D 214 -23.72 5.34 22.73
CA THR D 214 -22.79 5.03 21.65
C THR D 214 -21.82 6.19 21.50
N VAL D 215 -20.52 5.87 21.52
CA VAL D 215 -19.54 6.89 21.19
C VAL D 215 -18.77 6.47 19.95
N GLN D 216 -17.84 7.31 19.53
CA GLN D 216 -16.89 6.95 18.51
C GLN D 216 -15.46 6.99 19.00
N CYS D 217 -15.18 7.74 20.06
CA CYS D 217 -13.86 7.78 20.65
C CYS D 217 -14.00 7.77 22.16
N THR D 218 -13.18 6.96 22.82
CA THR D 218 -13.26 6.88 24.27
C THR D 218 -12.71 8.15 24.91
N HIS D 219 -13.00 8.30 26.19
CA HIS D 219 -12.45 9.40 26.97
C HIS D 219 -10.96 9.18 27.21
N GLY D 220 -10.30 10.25 27.65
CA GLY D 220 -8.86 10.25 27.75
C GLY D 220 -8.32 9.28 28.77
N ILE D 221 -7.74 8.20 28.30
CA ILE D 221 -7.15 7.19 29.17
C ILE D 221 -5.70 7.54 29.39
N LYS D 222 -5.27 7.60 30.66
CA LYS D 222 -3.87 7.79 30.96
C LYS D 222 -3.22 6.44 31.15
N PRO D 223 -2.29 6.04 30.30
CA PRO D 223 -1.54 4.82 30.54
C PRO D 223 -0.45 5.01 31.58
N VAL D 224 -0.70 4.52 32.79
CA VAL D 224 0.28 4.58 33.86
C VAL D 224 0.74 3.15 34.09
N VAL D 225 1.81 3.01 34.87
CA VAL D 225 2.33 1.70 35.24
C VAL D 225 2.57 1.65 36.75
N SER D 226 1.54 1.20 37.47
CA SER D 226 1.65 0.86 38.88
C SER D 226 1.13 -0.54 39.10
N THR D 227 1.76 -1.25 40.03
CA THR D 227 1.42 -2.64 40.30
C THR D 227 0.34 -2.69 41.37
N GLN D 228 0.66 -2.21 42.55
CA GLN D 228 -0.35 -1.90 43.55
C GLN D 228 -0.58 -0.40 43.53
N LEU D 229 -1.69 0.02 44.14
CA LEU D 229 -2.05 1.43 44.27
C LEU D 229 -2.19 2.13 42.91
N LEU D 230 -3.27 1.78 42.18
CA LEU D 230 -3.58 2.47 40.93
C LEU D 230 -3.61 3.99 41.12
N LEU D 231 -3.11 4.71 40.12
CA LEU D 231 -2.89 6.14 40.28
C LEU D 231 -3.55 6.95 39.18
N ASN D 232 -4.01 8.15 39.55
CA ASN D 232 -4.23 9.26 38.61
C ASN D 232 -5.33 8.97 37.58
N GLY D 233 -6.32 8.16 37.90
CA GLY D 233 -7.31 7.90 36.87
C GLY D 233 -8.66 7.35 37.25
N SER D 234 -9.72 8.00 36.76
CA SER D 234 -11.06 7.44 36.62
C SER D 234 -11.63 7.01 37.98
N LEU D 235 -11.90 8.02 38.79
CA LEU D 235 -12.52 7.80 40.08
C LEU D 235 -13.96 7.34 39.91
N ALA D 236 -14.50 6.77 40.98
CA ALA D 236 -15.81 6.18 40.84
C ALA D 236 -16.88 7.24 41.08
N GLU D 237 -18.14 6.86 40.85
CA GLU D 237 -19.20 7.86 40.88
C GLU D 237 -19.74 8.14 42.27
N GLU D 238 -20.39 7.15 42.88
CA GLU D 238 -21.10 7.39 44.13
C GLU D 238 -20.53 6.60 45.29
N GLU D 239 -20.53 5.28 45.21
CA GLU D 239 -20.08 4.47 46.32
C GLU D 239 -18.67 4.01 46.02
N VAL D 240 -18.16 3.10 46.83
CA VAL D 240 -16.96 2.38 46.48
C VAL D 240 -17.36 1.01 45.93
N MET D 241 -17.18 0.80 44.64
CA MET D 241 -17.60 -0.45 43.99
C MET D 241 -16.42 -1.40 43.91
N ILE D 242 -16.66 -2.62 44.36
CA ILE D 242 -15.73 -3.73 44.18
C ILE D 242 -16.32 -4.65 43.13
N ARG D 243 -15.42 -5.29 42.38
CA ARG D 243 -15.83 -6.07 41.22
C ARG D 243 -14.75 -7.09 40.96
N SER D 244 -15.15 -8.31 40.63
CA SER D 244 -14.16 -9.34 40.39
C SER D 244 -14.73 -10.36 39.41
N GLU D 245 -14.00 -11.47 39.29
CA GLU D 245 -14.49 -12.75 38.81
C GLU D 245 -15.12 -13.47 40.00
N ASN D 246 -15.13 -14.81 40.00
CA ASN D 246 -15.64 -15.56 41.14
C ASN D 246 -15.10 -15.06 42.48
N ILE D 247 -15.97 -14.50 43.30
CA ILE D 247 -15.49 -13.88 44.52
C ILE D 247 -15.24 -14.96 45.55
N THR D 248 -15.74 -16.17 45.29
CA THR D 248 -15.37 -17.36 46.02
C THR D 248 -14.20 -18.09 45.38
N ASN D 249 -13.40 -17.39 44.59
CA ASN D 249 -12.13 -17.90 44.10
C ASN D 249 -11.00 -17.15 44.78
N ASN D 250 -9.84 -17.80 44.81
CA ASN D 250 -8.70 -17.28 45.54
C ASN D 250 -7.59 -16.90 44.57
N ALA D 251 -7.80 -17.17 43.30
CA ALA D 251 -6.87 -16.91 42.22
C ALA D 251 -7.31 -15.69 41.40
N LYS D 252 -8.48 -15.13 41.71
CA LYS D 252 -9.01 -13.99 40.98
C LYS D 252 -8.85 -12.71 41.80
N ASN D 253 -8.22 -11.72 41.18
CA ASN D 253 -7.87 -10.49 41.85
C ASN D 253 -9.12 -9.67 42.17
N ILE D 254 -9.02 -8.84 43.19
CA ILE D 254 -10.11 -7.97 43.60
C ILE D 254 -9.76 -6.55 43.20
N LEU D 255 -10.27 -6.10 42.06
CA LEU D 255 -9.95 -4.77 41.57
C LEU D 255 -10.80 -3.78 42.37
N VAL D 256 -10.25 -3.27 43.46
CA VAL D 256 -10.94 -2.21 44.20
C VAL D 256 -10.82 -0.91 43.44
N GLN D 257 -11.92 -0.18 43.31
CA GLN D 257 -11.89 1.15 42.74
C GLN D 257 -12.73 2.06 43.63
N PHE D 258 -12.08 2.99 44.32
CA PHE D 258 -12.79 3.78 45.29
C PHE D 258 -13.08 5.19 44.76
N ASN D 259 -13.91 5.90 45.51
CA ASN D 259 -14.67 7.03 44.99
C ASN D 259 -13.97 8.36 45.19
N THR D 260 -13.39 8.59 46.36
CA THR D 260 -12.63 9.80 46.61
C THR D 260 -11.13 9.54 46.55
N PRO D 261 -10.34 10.44 45.97
CA PRO D 261 -8.92 10.14 45.78
C PRO D 261 -8.14 10.31 47.05
N VAL D 262 -7.03 9.58 47.14
CA VAL D 262 -6.16 9.72 48.29
C VAL D 262 -4.87 10.30 47.74
N GLN D 263 -4.50 11.48 48.21
CA GLN D 263 -3.42 12.19 47.56
C GLN D 263 -2.07 11.74 48.08
N ILE D 264 -1.20 11.31 47.19
CA ILE D 264 0.13 10.90 47.58
C ILE D 264 1.10 11.93 47.04
N ASN D 265 2.20 12.10 47.76
CA ASN D 265 3.09 13.24 47.54
C ASN D 265 4.54 12.75 47.59
N CYS D 266 4.85 11.75 46.77
CA CYS D 266 6.13 11.07 46.82
C CYS D 266 7.25 11.96 46.32
N THR D 267 8.41 11.81 46.94
CA THR D 267 9.55 12.67 46.65
C THR D 267 10.86 11.90 46.80
N ARG D 268 11.94 12.57 46.44
CA ARG D 268 13.31 12.12 46.61
C ARG D 268 14.23 13.32 46.84
N PRO D 269 14.76 13.47 48.05
CA PRO D 269 15.39 14.74 48.43
C PRO D 269 16.89 14.83 48.18
N ASN D 270 17.50 13.83 47.55
CA ASN D 270 18.87 13.97 47.11
C ASN D 270 18.96 14.88 45.89
N ASN D 271 20.07 15.62 45.81
CA ASN D 271 20.27 16.55 44.71
C ASN D 271 20.67 15.83 43.43
N ASN D 272 21.61 14.87 43.53
CA ASN D 272 21.88 13.88 42.48
C ASN D 272 22.35 14.53 41.18
N THR D 273 23.54 15.13 41.25
CA THR D 273 24.10 15.79 40.09
C THR D 273 24.47 14.78 39.01
N ARG D 274 24.11 15.10 37.78
CA ARG D 274 24.39 14.27 36.62
C ARG D 274 25.74 14.60 36.02
N LYS D 275 26.24 13.69 35.19
CA LYS D 275 27.40 13.98 34.37
C LYS D 275 27.37 13.05 33.16
N SER D 276 28.04 13.49 32.10
CA SER D 276 27.99 12.79 30.82
C SER D 276 29.35 12.20 30.51
N ILE D 277 29.42 10.89 30.42
CA ILE D 277 30.61 10.18 29.96
C ILE D 277 30.41 9.83 28.50
N ARG D 278 31.41 10.06 27.68
CA ARG D 278 31.24 9.79 26.26
C ARG D 278 31.73 8.38 26.00
N ILE D 279 30.83 7.53 25.55
CA ILE D 279 31.17 6.14 25.27
C ILE D 279 31.95 6.04 23.98
N GLY D 280 31.44 6.63 22.92
CA GLY D 280 32.08 6.58 21.65
C GLY D 280 31.65 7.72 20.77
N PRO D 281 31.47 7.47 19.50
CA PRO D 281 31.00 8.50 18.58
C PRO D 281 29.52 8.77 18.77
N GLY D 282 29.21 9.91 19.41
CA GLY D 282 27.83 10.31 19.54
C GLY D 282 27.01 9.47 20.48
N GLN D 283 27.65 8.70 21.33
CA GLN D 283 26.94 7.91 22.32
C GLN D 283 27.28 8.43 23.70
N ALA D 284 26.43 9.32 24.21
CA ALA D 284 26.65 9.81 25.56
C ALA D 284 26.06 8.82 26.55
N PHE D 285 26.59 8.82 27.76
CA PHE D 285 26.02 8.04 28.84
C PHE D 285 25.97 8.91 30.10
N TYR D 286 24.77 9.06 30.65
CA TYR D 286 24.57 9.93 31.79
C TYR D 286 24.64 9.11 33.07
N ALA D 287 25.62 9.41 33.90
CA ALA D 287 25.80 8.76 35.17
C ALA D 287 25.70 9.80 36.28
N THR D 288 25.19 9.37 37.42
CA THR D 288 25.09 10.26 38.56
C THR D 288 26.46 10.54 39.15
N GLY D 289 26.79 11.82 39.24
CA GLY D 289 28.05 12.28 39.76
C GLY D 289 28.04 12.49 41.25
N ASP D 290 28.33 13.72 41.66
CA ASP D 290 28.35 14.06 43.07
C ASP D 290 26.93 14.13 43.63
N ILE D 291 26.84 13.97 44.95
CA ILE D 291 25.60 14.13 45.67
C ILE D 291 25.75 15.37 46.55
N ILE D 292 24.87 16.35 46.37
CA ILE D 292 24.98 17.60 47.08
C ILE D 292 24.07 17.56 48.29
N GLY D 293 24.64 17.79 49.46
CA GLY D 293 23.84 17.84 50.68
C GLY D 293 24.07 16.65 51.58
N ASP D 294 22.98 15.96 51.88
CA ASP D 294 22.97 14.81 52.78
C ASP D 294 22.35 13.63 52.06
N ILE D 295 22.66 12.44 52.55
CA ILE D 295 22.14 11.19 52.01
C ILE D 295 20.94 10.80 52.86
N ARG D 296 19.75 11.11 52.35
CA ARG D 296 18.51 10.86 53.05
C ARG D 296 17.65 9.92 52.21
N GLN D 297 16.74 9.23 52.89
CA GLN D 297 15.92 8.23 52.22
C GLN D 297 14.68 8.82 51.57
N ALA D 298 14.38 8.33 50.36
CA ALA D 298 13.20 8.75 49.62
C ALA D 298 11.96 8.10 50.21
N HIS D 299 10.89 8.89 50.34
CA HIS D 299 9.70 8.42 51.02
C HIS D 299 8.47 8.91 50.28
N CYS D 300 7.32 8.52 50.81
CA CYS D 300 6.02 8.97 50.32
C CYS D 300 5.14 9.25 51.52
N ASN D 301 4.17 10.13 51.37
CA ASN D 301 3.29 10.43 52.50
C ASN D 301 1.85 10.27 52.05
N VAL D 302 1.03 9.72 52.95
CA VAL D 302 -0.42 9.79 52.83
C VAL D 302 -1.07 10.22 54.14
N SER D 303 -2.23 10.85 54.04
CA SER D 303 -2.94 11.29 55.24
C SER D 303 -3.64 10.10 55.87
N LYS D 304 -3.41 9.91 57.17
CA LYS D 304 -3.97 8.76 57.89
C LYS D 304 -5.48 8.84 58.07
N ALA D 305 -6.02 10.06 58.15
CA ALA D 305 -7.45 10.25 58.28
C ALA D 305 -8.20 9.90 57.00
N THR D 306 -7.56 10.06 55.85
CA THR D 306 -8.26 9.77 54.61
C THR D 306 -8.18 8.29 54.34
N TRP D 307 -7.01 7.71 54.58
CA TRP D 307 -6.79 6.33 54.24
C TRP D 307 -7.58 5.41 55.16
N ASN D 308 -7.60 5.73 56.45
CA ASN D 308 -8.36 4.90 57.36
C ASN D 308 -9.86 5.04 57.11
N GLU D 309 -10.30 6.20 56.63
CA GLU D 309 -11.71 6.34 56.27
C GLU D 309 -12.06 5.57 55.01
N THR D 310 -11.12 5.48 54.08
CA THR D 310 -11.41 4.73 52.87
C THR D 310 -11.42 3.25 53.14
N LEU D 311 -10.53 2.78 54.01
CA LEU D 311 -10.64 1.39 54.41
C LEU D 311 -11.87 1.13 55.28
N GLY D 312 -12.37 2.16 55.96
CA GLY D 312 -13.65 2.01 56.65
C GLY D 312 -14.81 1.91 55.70
N LYS D 313 -14.65 2.46 54.50
CA LYS D 313 -15.70 2.32 53.50
C LYS D 313 -15.64 0.93 52.87
N VAL D 314 -14.45 0.54 52.44
CA VAL D 314 -14.35 -0.74 51.73
C VAL D 314 -14.48 -1.93 52.65
N VAL D 315 -14.41 -1.76 53.97
CA VAL D 315 -14.64 -2.93 54.81
C VAL D 315 -16.13 -3.07 55.06
N LYS D 316 -16.89 -2.04 54.73
CA LYS D 316 -18.33 -2.15 54.81
C LYS D 316 -18.83 -2.78 53.53
N GLN D 317 -18.27 -2.35 52.40
CA GLN D 317 -18.72 -2.91 51.13
C GLN D 317 -18.24 -4.34 50.91
N LEU D 318 -17.14 -4.75 51.53
CA LEU D 318 -16.75 -6.16 51.44
C LEU D 318 -17.68 -7.06 52.23
N ARG D 319 -18.30 -6.56 53.29
CA ARG D 319 -19.24 -7.40 54.01
C ARG D 319 -20.50 -7.66 53.22
N LYS D 320 -20.74 -6.90 52.14
CA LYS D 320 -21.89 -7.21 51.32
C LYS D 320 -21.66 -8.51 50.54
N HIS D 321 -20.40 -8.87 50.31
CA HIS D 321 -20.08 -10.10 49.62
C HIS D 321 -19.64 -11.22 50.56
N PHE D 322 -19.19 -10.89 51.76
CA PHE D 322 -18.71 -11.93 52.68
C PHE D 322 -19.56 -12.00 53.94
N GLY D 323 -20.76 -11.44 53.92
CA GLY D 323 -21.64 -11.47 55.06
C GLY D 323 -21.18 -10.50 56.14
N ASN D 324 -21.96 -10.35 57.19
CA ASN D 324 -21.56 -9.51 58.30
C ASN D 324 -20.80 -10.33 59.35
N ASN D 325 -20.47 -9.66 60.46
CA ASN D 325 -19.59 -10.14 61.55
C ASN D 325 -18.38 -10.93 61.07
N THR D 326 -17.71 -10.41 60.04
CA THR D 326 -16.51 -11.06 59.51
C THR D 326 -15.30 -10.16 59.71
N ILE D 327 -14.35 -10.65 60.50
CA ILE D 327 -13.26 -9.82 60.98
C ILE D 327 -12.22 -9.65 59.88
N ILE D 328 -12.37 -8.62 59.07
CA ILE D 328 -11.48 -8.41 57.94
C ILE D 328 -10.21 -7.74 58.41
N ARG D 329 -9.08 -8.33 58.05
CA ARG D 329 -7.77 -7.79 58.37
C ARG D 329 -6.93 -7.74 57.11
N PHE D 330 -5.83 -7.01 57.18
CA PHE D 330 -4.94 -6.83 56.05
C PHE D 330 -3.53 -7.28 56.39
N ALA D 331 -2.76 -7.56 55.34
CA ALA D 331 -1.37 -7.97 55.51
C ALA D 331 -0.60 -7.42 54.32
N ASN D 332 0.66 -7.83 54.19
CA ASN D 332 1.56 -7.06 53.34
C ASN D 332 2.23 -7.93 52.30
N SER D 333 1.42 -8.74 51.60
CA SER D 333 1.84 -9.45 50.39
C SER D 333 3.02 -10.38 50.69
N SER D 334 2.69 -11.46 51.40
CA SER D 334 3.59 -12.35 52.13
C SER D 334 4.96 -12.56 51.50
N GLY D 335 5.00 -12.78 50.18
CA GLY D 335 6.29 -12.95 49.56
C GLY D 335 6.20 -12.57 48.10
N GLY D 336 7.33 -12.69 47.42
CA GLY D 336 7.43 -12.48 45.99
C GLY D 336 8.65 -11.65 45.67
N ASP D 337 8.76 -11.26 44.41
CA ASP D 337 9.87 -10.43 43.97
C ASP D 337 9.66 -8.98 44.42
N LEU D 338 10.63 -8.14 44.08
CA LEU D 338 10.58 -6.73 44.45
C LEU D 338 9.55 -5.97 43.66
N GLU D 339 9.06 -6.53 42.56
CA GLU D 339 8.14 -5.82 41.70
C GLU D 339 6.71 -6.30 41.87
N VAL D 340 6.46 -7.14 42.86
CA VAL D 340 5.09 -7.56 43.12
C VAL D 340 4.76 -7.31 44.58
N THR D 341 5.78 -7.40 45.43
CA THR D 341 5.61 -7.04 46.83
C THR D 341 5.58 -5.55 47.10
N THR D 342 5.79 -4.71 46.09
CA THR D 342 5.99 -3.29 46.32
C THR D 342 5.05 -2.49 45.45
N HIS D 343 4.90 -1.21 45.81
CA HIS D 343 4.15 -0.29 44.97
C HIS D 343 5.15 0.32 44.01
N SER D 344 5.26 -0.29 42.84
CA SER D 344 6.29 0.04 41.88
C SER D 344 5.71 1.06 40.92
N PHE D 345 6.34 2.22 40.81
CA PHE D 345 5.78 3.24 39.94
C PHE D 345 6.86 4.17 39.40
N ASN D 346 6.39 5.13 38.60
CA ASN D 346 7.19 6.14 37.95
C ASN D 346 6.81 7.51 38.48
N CYS D 347 7.80 8.39 38.57
CA CYS D 347 7.59 9.73 39.10
C CYS D 347 8.61 10.64 38.44
N GLY D 348 8.14 11.41 37.45
CA GLY D 348 8.97 12.40 36.82
C GLY D 348 10.05 11.85 35.94
N GLY D 349 10.05 10.55 35.69
CA GLY D 349 11.07 9.93 34.89
C GLY D 349 11.99 9.06 35.70
N GLU D 350 11.70 8.85 36.99
CA GLU D 350 12.51 7.97 37.79
C GLU D 350 11.61 7.02 38.56
N PHE D 351 12.14 5.84 38.86
CA PHE D 351 11.32 4.67 39.14
C PHE D 351 11.39 4.31 40.61
N PHE D 352 10.37 4.71 41.35
CA PHE D 352 10.32 4.45 42.78
C PHE D 352 9.75 3.07 43.06
N TYR D 353 10.39 2.39 44.01
CA TYR D 353 9.85 1.15 44.56
C TYR D 353 9.65 1.37 46.06
N CYS D 354 8.41 1.51 46.47
CA CYS D 354 8.12 1.88 47.84
C CYS D 354 7.91 0.59 48.64
N ASN D 355 7.34 0.68 49.84
CA ASN D 355 7.13 -0.49 50.70
C ASN D 355 5.80 -0.28 51.41
N THR D 356 4.73 -0.77 50.80
CA THR D 356 3.41 -0.70 51.38
C THR D 356 3.29 -1.80 52.43
N SER D 357 3.85 -1.53 53.60
CA SER D 357 3.66 -2.40 54.74
C SER D 357 3.31 -1.62 56.00
N GLY D 358 3.16 -0.31 55.90
CA GLY D 358 2.63 0.49 56.98
C GLY D 358 1.21 0.85 56.63
N LEU D 359 0.83 0.51 55.41
CA LEU D 359 -0.50 0.79 54.90
C LEU D 359 -1.44 -0.39 55.09
N PHE D 360 -1.10 -1.53 54.49
CA PHE D 360 -1.98 -2.69 54.46
C PHE D 360 -1.77 -3.51 55.73
N ASN D 361 -2.10 -2.90 56.85
CA ASN D 361 -1.88 -3.51 58.15
C ASN D 361 -2.95 -3.01 59.11
N SER D 362 -4.04 -3.75 59.19
CA SER D 362 -5.17 -3.37 60.02
C SER D 362 -5.98 -4.61 60.34
N THR D 363 -7.04 -4.42 61.12
CA THR D 363 -8.05 -5.44 61.33
C THR D 363 -9.35 -4.74 61.72
N TRP D 364 -10.47 -5.23 61.20
CA TRP D 364 -11.73 -4.52 61.30
C TRP D 364 -12.83 -5.47 61.79
N ILE D 365 -13.52 -5.07 62.84
CA ILE D 365 -14.63 -5.83 63.40
C ILE D 365 -15.91 -5.09 63.11
N SER D 366 -17.02 -5.83 63.04
CA SER D 366 -18.29 -5.38 62.49
C SER D 366 -19.02 -4.36 63.36
N ASN D 367 -18.45 -3.93 64.49
CA ASN D 367 -19.10 -2.93 65.32
C ASN D 367 -19.04 -1.54 64.70
N ASN D 379 -3.63 14.86 61.46
CA ASN D 379 -2.80 15.89 60.82
C ASN D 379 -1.50 15.29 60.32
N ASP D 380 -0.99 14.30 61.03
CA ASP D 380 0.28 13.69 60.69
C ASP D 380 0.15 12.85 59.43
N SER D 381 1.30 12.44 58.90
CA SER D 381 1.37 11.71 57.65
C SER D 381 1.99 10.34 57.85
N ILE D 382 1.57 9.40 57.03
CA ILE D 382 2.14 8.06 57.00
C ILE D 382 3.25 8.09 55.95
N THR D 383 4.46 7.76 56.38
CA THR D 383 5.65 7.74 55.54
C THR D 383 5.94 6.35 55.02
N LEU D 384 6.14 6.25 53.71
CA LEU D 384 6.44 5.00 53.04
C LEU D 384 7.89 5.03 52.58
N PRO D 385 8.75 4.18 53.13
CA PRO D 385 10.18 4.18 52.77
C PRO D 385 10.41 3.53 51.42
N CYS D 386 10.76 4.34 50.43
CA CYS D 386 10.95 3.83 49.09
C CYS D 386 12.42 3.50 48.83
N ARG D 387 12.70 2.96 47.66
CA ARG D 387 14.06 2.62 47.24
C ARG D 387 14.08 2.68 45.72
N ILE D 388 15.23 3.06 45.16
CA ILE D 388 15.30 3.40 43.75
C ILE D 388 16.15 2.37 43.01
N LYS D 389 15.68 1.99 41.83
CA LYS D 389 16.36 1.06 40.93
C LYS D 389 16.47 1.70 39.56
N GLN D 390 17.61 1.55 38.91
CA GLN D 390 17.84 2.26 37.66
C GLN D 390 17.51 1.41 36.43
N ILE D 391 17.96 0.17 36.38
CA ILE D 391 17.49 -0.72 35.31
C ILE D 391 16.06 -1.13 35.60
N ILE D 392 15.32 -1.39 34.53
CA ILE D 392 13.87 -1.55 34.61
C ILE D 392 13.42 -2.69 33.71
N ASN D 393 12.62 -3.59 34.25
CA ASN D 393 12.16 -4.74 33.49
C ASN D 393 10.65 -4.71 33.53
N MET D 394 10.09 -3.55 33.18
CA MET D 394 8.65 -3.39 33.14
C MET D 394 8.09 -4.42 32.16
N TRP D 395 6.97 -5.04 32.56
CA TRP D 395 6.24 -6.13 31.90
C TRP D 395 7.03 -7.45 31.99
N GLN D 396 8.20 -7.44 32.65
CA GLN D 396 8.94 -8.64 33.02
C GLN D 396 9.30 -9.47 31.80
N ARG D 397 9.77 -8.81 30.75
CA ARG D 397 10.21 -9.61 29.62
C ARG D 397 11.58 -10.23 29.90
N ILE D 398 11.91 -11.23 29.08
CA ILE D 398 13.02 -12.11 29.39
C ILE D 398 14.38 -11.46 29.11
N GLY D 399 14.54 -10.86 27.93
CA GLY D 399 15.83 -10.36 27.47
C GLY D 399 15.90 -8.87 27.23
N GLN D 400 15.27 -8.10 28.08
CA GLN D 400 15.27 -6.66 28.01
C GLN D 400 15.53 -6.09 29.39
N CYS D 401 16.15 -4.92 29.41
CA CYS D 401 16.10 -4.05 30.57
C CYS D 401 16.15 -2.61 30.09
N MET D 402 16.28 -1.67 31.03
CA MET D 402 16.20 -0.29 30.62
C MET D 402 16.95 0.60 31.61
N TYR D 403 18.15 1.02 31.24
CA TYR D 403 18.92 1.90 32.10
C TYR D 403 18.29 3.28 32.09
N ALA D 404 17.54 3.61 33.12
CA ALA D 404 17.00 4.95 33.20
C ALA D 404 18.10 5.91 33.63
N PRO D 405 18.25 7.05 32.97
CA PRO D 405 19.33 7.96 33.32
C PRO D 405 18.98 8.69 34.59
N PRO D 406 19.97 9.25 35.30
CA PRO D 406 19.66 10.07 36.47
C PRO D 406 19.06 11.40 36.04
N ILE D 407 18.45 12.09 37.00
CA ILE D 407 17.85 13.39 36.72
C ILE D 407 18.32 14.35 37.80
N GLN D 408 18.45 15.62 37.41
CA GLN D 408 19.03 16.64 38.27
C GLN D 408 18.06 17.03 39.36
N GLY D 409 18.60 17.46 40.51
CA GLY D 409 17.79 18.13 41.50
C GLY D 409 16.90 17.22 42.33
N VAL D 410 16.23 17.85 43.29
CA VAL D 410 15.22 17.18 44.09
C VAL D 410 14.01 16.84 43.23
N ILE D 411 13.50 15.63 43.41
CA ILE D 411 12.39 15.10 42.63
C ILE D 411 11.17 14.99 43.53
N ARG D 412 10.03 15.49 43.05
CA ARG D 412 8.80 15.53 43.84
C ARG D 412 7.62 15.39 42.89
N CYS D 413 6.66 14.54 43.24
CA CYS D 413 5.43 14.43 42.46
C CYS D 413 4.24 14.27 43.37
N VAL D 414 3.06 14.52 42.81
CA VAL D 414 1.79 14.44 43.51
C VAL D 414 0.80 13.68 42.63
N SER D 415 0.24 12.59 43.17
CA SER D 415 -0.66 11.75 42.40
C SER D 415 -1.88 11.38 43.23
N ASN D 416 -2.94 10.93 42.57
CA ASN D 416 -4.14 10.47 43.26
C ASN D 416 -4.17 8.95 43.26
N ILE D 417 -4.08 8.34 44.43
CA ILE D 417 -4.41 6.94 44.57
C ILE D 417 -5.91 6.80 44.34
N THR D 418 -6.27 6.03 43.32
CA THR D 418 -7.67 5.83 42.92
C THR D 418 -8.21 4.45 43.23
N GLY D 419 -7.45 3.39 42.98
CA GLY D 419 -7.92 2.04 43.19
C GLY D 419 -6.83 1.12 43.69
N LEU D 420 -7.26 0.09 44.41
CA LEU D 420 -6.36 -0.96 44.85
C LEU D 420 -6.49 -2.19 43.96
N ILE D 421 -5.51 -3.09 44.06
CA ILE D 421 -5.62 -4.42 43.47
C ILE D 421 -5.38 -5.42 44.59
N LEU D 422 -6.44 -5.86 45.25
CA LEU D 422 -6.31 -6.83 46.32
C LEU D 422 -6.36 -8.26 45.80
N THR D 423 -6.21 -9.20 46.72
CA THR D 423 -6.31 -10.63 46.47
C THR D 423 -6.59 -11.26 47.82
N ARG D 424 -7.62 -12.09 47.88
CA ARG D 424 -7.99 -12.73 49.13
C ARG D 424 -6.94 -13.80 49.44
N ASP D 425 -7.06 -14.45 50.58
CA ASP D 425 -6.11 -15.42 51.07
C ASP D 425 -6.85 -16.74 51.14
N GLY D 426 -6.33 -17.74 50.43
CA GLY D 426 -7.07 -18.93 50.13
C GLY D 426 -7.20 -19.91 51.27
N GLY D 427 -8.08 -19.58 52.20
CA GLY D 427 -8.32 -20.44 53.34
C GLY D 427 -9.04 -21.71 52.95
N SER D 428 -8.98 -22.69 53.85
CA SER D 428 -9.71 -23.93 53.68
C SER D 428 -10.34 -24.39 54.99
N THR D 429 -10.58 -23.44 55.89
CA THR D 429 -11.10 -23.74 57.21
C THR D 429 -12.38 -22.92 57.43
N ASN D 430 -13.04 -23.22 58.54
CA ASN D 430 -14.32 -22.58 58.87
C ASN D 430 -14.11 -21.33 59.71
N SER D 431 -13.23 -20.45 59.24
CA SER D 431 -12.96 -19.21 59.95
C SER D 431 -13.90 -18.10 59.50
N THR D 432 -13.79 -16.95 60.17
CA THR D 432 -14.53 -15.75 59.86
C THR D 432 -13.67 -14.68 59.23
N THR D 433 -12.41 -14.61 59.64
CA THR D 433 -11.53 -13.56 59.16
C THR D 433 -11.20 -13.81 57.69
N GLU D 434 -10.83 -12.74 57.02
CA GLU D 434 -10.43 -12.82 55.61
C GLU D 434 -9.23 -11.90 55.41
N THR D 435 -8.03 -12.44 55.54
CA THR D 435 -6.84 -11.60 55.59
C THR D 435 -6.53 -11.22 54.15
N PHE D 436 -6.99 -10.06 53.72
CA PHE D 436 -6.68 -9.63 52.36
C PHE D 436 -5.24 -9.17 52.25
N ARG D 437 -4.69 -9.38 51.05
CA ARG D 437 -3.31 -9.14 50.76
C ARG D 437 -3.23 -8.51 49.38
N PRO D 438 -2.36 -7.54 49.20
CA PRO D 438 -2.22 -6.91 47.88
C PRO D 438 -1.38 -7.76 46.95
N GLY D 439 -1.64 -7.61 45.66
CA GLY D 439 -0.85 -8.32 44.67
C GLY D 439 -1.12 -7.84 43.26
N GLY D 440 -0.07 -7.49 42.53
CA GLY D 440 -0.20 -6.91 41.21
C GLY D 440 -0.49 -7.90 40.10
N GLY D 441 0.48 -8.76 39.84
CA GLY D 441 0.32 -9.79 38.81
C GLY D 441 0.30 -9.18 37.43
N ASP D 442 -0.73 -9.53 36.65
CA ASP D 442 -0.80 -9.10 35.27
C ASP D 442 -1.09 -7.61 35.17
N MET D 443 -0.42 -6.94 34.24
CA MET D 443 -0.63 -5.52 34.12
C MET D 443 -1.95 -5.17 33.43
N ARG D 444 -2.64 -6.15 32.87
CA ARG D 444 -3.90 -5.90 32.19
C ARG D 444 -4.98 -5.50 33.16
N ASP D 445 -4.87 -5.97 34.41
CA ASP D 445 -5.90 -5.69 35.39
C ASP D 445 -5.93 -4.23 35.76
N ASN D 446 -4.85 -3.49 35.51
CA ASN D 446 -4.95 -2.04 35.66
C ASN D 446 -5.87 -1.46 34.60
N TRP D 447 -5.72 -1.90 33.37
CA TRP D 447 -6.48 -1.33 32.29
C TRP D 447 -7.90 -1.87 32.23
N ARG D 448 -8.20 -2.90 33.01
CA ARG D 448 -9.59 -3.27 33.15
C ARG D 448 -10.31 -2.36 34.12
N SER D 449 -9.60 -1.49 34.83
CA SER D 449 -10.25 -0.46 35.62
C SER D 449 -10.57 0.75 34.79
N GLU D 450 -10.16 0.74 33.53
CA GLU D 450 -10.42 1.83 32.62
C GLU D 450 -11.27 1.42 31.44
N LEU D 451 -11.31 0.14 31.10
CA LEU D 451 -11.98 -0.35 29.91
C LEU D 451 -13.10 -1.31 30.24
N TYR D 452 -13.82 -1.04 31.33
CA TYR D 452 -14.99 -1.84 31.64
C TYR D 452 -16.27 -1.24 31.10
N LYS D 453 -16.26 0.06 30.80
CA LYS D 453 -17.44 0.69 30.25
C LYS D 453 -17.63 0.40 28.77
N TYR D 454 -16.56 0.07 28.06
CA TYR D 454 -16.57 0.05 26.60
C TYR D 454 -16.60 -1.37 26.08
N LYS D 455 -17.53 -1.64 25.17
CA LYS D 455 -17.49 -2.81 24.32
C LYS D 455 -17.54 -2.34 22.87
N VAL D 456 -17.08 -3.19 21.94
CA VAL D 456 -17.01 -2.80 20.54
C VAL D 456 -17.96 -3.71 19.76
N VAL D 457 -18.91 -3.11 19.07
CA VAL D 457 -19.85 -3.90 18.32
C VAL D 457 -19.62 -3.68 16.84
N LYS D 458 -20.15 -4.61 16.05
CA LYS D 458 -20.08 -4.63 14.61
C LYS D 458 -21.47 -4.35 14.06
N ILE D 459 -21.58 -3.24 13.33
CA ILE D 459 -22.81 -2.83 12.67
C ILE D 459 -23.15 -3.84 11.59
N GLU D 460 -24.35 -4.40 11.68
CA GLU D 460 -24.81 -5.45 10.78
C GLU D 460 -26.11 -5.02 10.11
N PRO D 461 -26.04 -4.22 9.07
CA PRO D 461 -27.28 -3.83 8.38
C PRO D 461 -27.85 -4.97 7.54
N LEU D 462 -28.84 -4.66 6.70
CA LEU D 462 -29.51 -5.66 5.84
C LEU D 462 -30.23 -6.73 6.67
N GLY D 463 -31.24 -6.29 7.40
CA GLY D 463 -32.13 -7.20 8.08
C GLY D 463 -33.22 -7.66 7.13
N VAL D 464 -34.18 -8.40 7.68
CA VAL D 464 -35.18 -9.02 6.83
C VAL D 464 -36.48 -9.26 7.58
N ALA D 465 -37.61 -8.89 6.96
CA ALA D 465 -38.88 -9.05 7.65
C ALA D 465 -39.99 -9.31 6.65
N PRO D 466 -40.97 -10.14 7.00
CA PRO D 466 -42.07 -10.40 6.07
C PRO D 466 -43.19 -9.39 6.18
N THR D 467 -43.68 -8.96 5.00
CA THR D 467 -44.87 -8.13 4.91
C THR D 467 -45.54 -8.43 3.59
N ARG D 468 -46.68 -7.79 3.35
CA ARG D 468 -47.55 -8.17 2.25
C ARG D 468 -47.33 -7.23 1.07
N CYS D 469 -46.23 -7.45 0.36
CA CYS D 469 -46.00 -6.77 -0.91
C CYS D 469 -45.08 -7.64 -1.74
N LYS D 470 -45.26 -7.58 -3.05
CA LYS D 470 -44.50 -8.39 -3.98
C LYS D 470 -43.98 -7.52 -5.11
N ARG D 471 -42.78 -7.83 -5.57
CA ARG D 471 -42.16 -7.06 -6.62
C ARG D 471 -42.92 -7.30 -7.92
N ARG D 472 -43.70 -6.31 -8.33
CA ARG D 472 -44.57 -6.42 -9.49
C ARG D 472 -43.77 -6.38 -10.78
N VAL D 473 -44.28 -7.07 -11.79
CA VAL D 473 -43.64 -7.10 -13.09
C VAL D 473 -44.52 -6.40 -14.12
N GLU E 1 -34.04 23.90 -27.94
CA GLU E 1 -33.90 22.83 -28.92
C GLU E 1 -32.95 23.33 -30.02
N VAL E 2 -32.56 22.45 -30.93
CA VAL E 2 -31.66 22.83 -32.01
C VAL E 2 -32.47 23.48 -33.12
N MET E 3 -32.08 24.69 -33.48
CA MET E 3 -32.75 25.49 -34.50
C MET E 3 -31.73 25.89 -35.54
N LEU E 4 -32.06 25.67 -36.82
CA LEU E 4 -31.29 26.19 -37.94
C LEU E 4 -32.23 26.88 -38.93
N VAL E 5 -32.03 28.17 -39.13
CA VAL E 5 -32.92 28.98 -39.97
C VAL E 5 -32.08 29.73 -40.99
N GLU E 6 -32.23 29.38 -42.26
CA GLU E 6 -31.44 30.00 -43.31
C GLU E 6 -32.21 31.19 -43.88
N SER E 7 -31.45 32.17 -44.35
CA SER E 7 -32.02 33.31 -45.02
C SER E 7 -31.06 33.77 -46.11
N GLY E 8 -31.57 34.62 -46.98
CA GLY E 8 -30.78 35.30 -47.98
C GLY E 8 -31.01 34.81 -49.39
N GLY E 9 -31.82 33.76 -49.58
CA GLY E 9 -32.05 33.23 -50.93
C GLY E 9 -32.74 34.24 -51.82
N GLY E 10 -32.57 34.05 -53.13
CA GLY E 10 -33.11 35.02 -54.06
C GLY E 10 -32.84 34.65 -55.50
N LEU E 11 -33.24 35.57 -56.37
CA LEU E 11 -33.02 35.46 -57.81
C LEU E 11 -31.80 36.33 -58.14
N VAL E 12 -30.80 35.71 -58.75
CA VAL E 12 -29.49 36.30 -59.01
C VAL E 12 -29.20 36.15 -60.48
N LYS E 13 -28.66 37.19 -61.10
CA LYS E 13 -28.15 36.96 -62.45
C LYS E 13 -26.83 36.19 -62.40
N PRO E 14 -26.55 35.39 -63.44
CA PRO E 14 -25.29 34.65 -63.50
C PRO E 14 -24.07 35.56 -63.47
N GLY E 15 -23.01 35.08 -62.82
CA GLY E 15 -21.86 35.91 -62.54
C GLY E 15 -21.98 36.70 -61.26
N GLY E 16 -23.15 36.73 -60.64
CA GLY E 16 -23.37 37.51 -59.44
C GLY E 16 -22.94 36.81 -58.16
N SER E 17 -23.20 37.52 -57.05
CA SER E 17 -22.76 37.12 -55.72
C SER E 17 -23.95 37.18 -54.77
N LEU E 18 -23.91 36.35 -53.73
CA LEU E 18 -24.99 36.30 -52.76
C LEU E 18 -24.48 35.67 -51.47
N LYS E 19 -24.84 36.26 -50.34
CA LYS E 19 -24.43 35.75 -49.05
C LYS E 19 -25.65 35.13 -48.36
N LEU E 20 -25.57 33.85 -48.07
CA LEU E 20 -26.56 33.13 -47.29
C LEU E 20 -26.20 33.13 -45.82
N SER E 21 -27.22 33.04 -44.97
CA SER E 21 -27.04 32.99 -43.53
C SER E 21 -27.82 31.81 -42.95
N CYS E 22 -27.31 31.29 -41.84
CA CYS E 22 -27.96 30.23 -41.07
C CYS E 22 -27.83 30.54 -39.59
N GLU E 23 -28.95 30.78 -38.93
CA GLU E 23 -28.94 31.14 -37.53
C GLU E 23 -29.27 29.90 -36.71
N ALA E 24 -28.37 29.54 -35.81
CA ALA E 24 -28.43 28.30 -35.06
C ALA E 24 -28.66 28.58 -33.59
N SER E 25 -29.34 27.65 -32.91
CA SER E 25 -29.46 27.73 -31.45
C SER E 25 -29.65 26.33 -30.88
N GLY E 26 -29.45 26.23 -29.58
CA GLY E 26 -29.71 24.99 -28.86
C GLY E 26 -28.51 24.10 -28.66
N PHE E 27 -27.32 24.54 -29.04
CA PHE E 27 -26.11 23.75 -28.88
C PHE E 27 -24.91 24.69 -28.85
N SER E 28 -23.78 24.13 -28.43
CA SER E 28 -22.53 24.88 -28.39
C SER E 28 -22.04 25.01 -29.81
N PHE E 29 -22.21 26.21 -30.38
CA PHE E 29 -22.15 26.39 -31.82
C PHE E 29 -20.76 26.08 -32.35
N GLY E 30 -19.73 26.62 -31.70
CA GLY E 30 -18.38 26.54 -32.24
C GLY E 30 -17.82 25.13 -32.29
N PHE E 31 -18.31 24.23 -31.45
CA PHE E 31 -17.75 22.89 -31.36
C PHE E 31 -18.15 21.99 -32.52
N TYR E 32 -19.27 22.27 -33.16
CA TYR E 32 -19.79 21.39 -34.19
C TYR E 32 -19.34 21.82 -35.57
N SER E 33 -19.09 20.83 -36.41
CA SER E 33 -18.81 21.09 -37.80
C SER E 33 -20.14 21.37 -38.46
N LEU E 34 -20.15 22.30 -39.40
CA LEU E 34 -21.38 22.69 -40.06
C LEU E 34 -21.18 22.66 -41.55
N SER E 35 -22.27 22.42 -42.26
CA SER E 35 -22.15 22.30 -43.70
C SER E 35 -23.32 22.99 -44.37
N TRP E 36 -23.12 23.30 -45.65
CA TRP E 36 -24.20 23.64 -46.54
C TRP E 36 -24.30 22.50 -47.54
N VAL E 37 -25.53 22.00 -47.73
CA VAL E 37 -25.85 20.98 -48.70
C VAL E 37 -27.04 21.50 -49.50
N ARG E 38 -27.02 21.31 -50.82
CA ARG E 38 -28.15 21.80 -51.59
C ARG E 38 -28.88 20.64 -52.22
N GLN E 39 -30.16 20.90 -52.48
CA GLN E 39 -31.06 19.98 -53.14
C GLN E 39 -31.56 20.65 -54.40
N THR E 40 -31.30 20.02 -55.53
CA THR E 40 -31.62 20.57 -56.82
C THR E 40 -33.11 20.43 -57.08
N PRO E 41 -33.66 21.24 -58.01
CA PRO E 41 -35.10 21.10 -58.35
C PRO E 41 -35.52 19.70 -58.80
N GLU E 42 -34.60 18.88 -59.30
CA GLU E 42 -34.88 17.48 -59.61
C GLU E 42 -34.74 16.57 -58.38
N LYS E 43 -34.52 17.18 -57.20
CA LYS E 43 -34.43 16.54 -55.88
C LYS E 43 -33.12 15.82 -55.61
N ARG E 44 -32.06 16.10 -56.35
CA ARG E 44 -30.79 15.45 -56.05
C ARG E 44 -30.11 16.23 -54.94
N LEU E 45 -29.43 15.51 -54.07
CA LEU E 45 -28.74 16.11 -52.93
C LEU E 45 -27.25 16.23 -53.24
N GLU E 46 -26.73 17.45 -53.10
CA GLU E 46 -25.36 17.76 -53.42
C GLU E 46 -24.72 18.48 -52.25
N TRP E 47 -23.65 17.91 -51.71
CA TRP E 47 -22.90 18.61 -50.68
C TRP E 47 -22.21 19.81 -51.30
N VAL E 48 -22.20 20.92 -50.57
CA VAL E 48 -21.76 22.19 -51.13
C VAL E 48 -20.54 22.73 -50.41
N ALA E 49 -20.52 22.65 -49.09
CA ALA E 49 -19.38 23.17 -48.35
C ALA E 49 -19.44 22.67 -46.92
N THR E 50 -18.28 22.58 -46.28
CA THR E 50 -18.20 22.23 -44.87
C THR E 50 -17.18 23.14 -44.20
N ILE E 51 -17.46 23.56 -42.98
CA ILE E 51 -16.48 24.20 -42.11
C ILE E 51 -16.46 23.43 -40.78
N ALA E 52 -15.28 22.99 -40.39
CA ALA E 52 -15.19 22.14 -39.21
C ALA E 52 -15.40 22.97 -37.95
N GLY E 53 -15.75 22.28 -36.86
CA GLY E 53 -15.95 22.93 -35.59
C GLY E 53 -14.64 23.23 -34.86
N SER E 54 -14.78 23.94 -33.75
CA SER E 54 -13.61 24.46 -33.02
C SER E 54 -12.73 23.32 -32.52
N GLY E 55 -13.35 22.23 -32.09
CA GLY E 55 -12.61 21.08 -31.61
C GLY E 55 -12.42 20.06 -32.69
N VAL E 56 -12.73 20.42 -33.93
CA VAL E 56 -12.57 19.54 -35.08
C VAL E 56 -11.41 19.99 -35.95
N GLY E 57 -10.94 21.22 -35.79
CA GLY E 57 -9.83 21.76 -36.54
C GLY E 57 -10.20 22.98 -37.35
N GLY E 58 -11.49 23.20 -37.58
CA GLY E 58 -12.00 24.42 -38.17
C GLY E 58 -11.64 24.63 -39.62
N GLN E 59 -11.25 23.58 -40.34
CA GLN E 59 -10.93 23.78 -41.74
C GLN E 59 -12.21 23.76 -42.58
N THR E 60 -12.07 24.19 -43.83
CA THR E 60 -13.13 24.19 -44.81
C THR E 60 -12.91 23.17 -45.91
N TYR E 61 -14.01 22.64 -46.44
CA TYR E 61 -13.98 21.64 -47.48
C TYR E 61 -15.00 22.02 -48.53
N TYR E 62 -14.62 21.85 -49.78
CA TYR E 62 -15.40 22.23 -50.96
C TYR E 62 -15.16 21.15 -52.01
N PRO E 63 -16.15 20.85 -52.84
CA PRO E 63 -15.87 20.04 -54.02
C PRO E 63 -15.21 20.89 -55.09
N ASP E 64 -14.53 20.20 -56.02
CA ASP E 64 -13.74 20.85 -57.05
C ASP E 64 -14.57 21.79 -57.93
N SER E 65 -15.86 21.49 -58.09
CA SER E 65 -16.73 22.27 -58.97
C SER E 65 -17.00 23.67 -58.45
N VAL E 66 -16.69 23.94 -57.19
CA VAL E 66 -16.95 25.24 -56.58
C VAL E 66 -15.72 25.89 -56.00
N LYS E 67 -14.57 25.21 -55.96
CA LYS E 67 -13.37 25.76 -55.35
C LYS E 67 -12.91 27.02 -56.07
N GLY E 68 -12.55 28.03 -55.29
CA GLY E 68 -12.24 29.34 -55.81
C GLY E 68 -13.45 30.22 -56.02
N ARG E 69 -14.65 29.68 -55.87
CA ARG E 69 -15.91 30.38 -56.08
C ARG E 69 -16.77 30.46 -54.84
N PHE E 70 -16.79 29.41 -54.02
CA PHE E 70 -17.72 29.33 -52.89
C PHE E 70 -16.90 29.45 -51.62
N THR E 71 -17.47 30.10 -50.60
CA THR E 71 -16.80 30.24 -49.31
C THR E 71 -17.74 29.99 -48.14
N ILE E 72 -17.42 29.00 -47.30
CA ILE E 72 -18.23 28.73 -46.12
C ILE E 72 -17.51 29.35 -44.93
N SER E 73 -18.26 30.05 -44.07
CA SER E 73 -17.66 30.67 -42.90
C SER E 73 -18.62 30.60 -41.73
N ARG E 74 -18.10 30.86 -40.54
CA ARG E 74 -18.94 30.89 -39.35
C ARG E 74 -18.54 32.07 -38.48
N ASP E 75 -19.51 32.59 -37.73
CA ASP E 75 -19.29 33.60 -36.70
C ASP E 75 -19.83 32.97 -35.43
N ASN E 76 -18.92 32.34 -34.69
CA ASN E 76 -19.24 31.55 -33.50
C ASN E 76 -19.80 32.40 -32.37
N ALA E 77 -19.34 33.66 -32.23
CA ALA E 77 -19.84 34.54 -31.18
C ALA E 77 -21.31 34.90 -31.33
N LYS E 78 -21.85 34.82 -32.53
CA LYS E 78 -23.26 35.12 -32.78
C LYS E 78 -24.02 33.87 -33.20
N ASN E 79 -23.35 32.71 -33.21
CA ASN E 79 -23.94 31.43 -33.57
C ASN E 79 -24.56 31.45 -34.96
N THR E 80 -23.84 32.05 -35.91
CA THR E 80 -24.35 32.20 -37.27
C THR E 80 -23.37 31.58 -38.24
N LEU E 81 -23.91 30.90 -39.25
CA LEU E 81 -23.15 30.31 -40.33
C LEU E 81 -23.42 31.11 -41.60
N TYR E 82 -22.40 31.26 -42.43
CA TYR E 82 -22.51 32.05 -43.65
C TYR E 82 -22.05 31.22 -44.83
N LEU E 83 -22.65 31.51 -45.98
CA LEU E 83 -22.23 30.92 -47.24
C LEU E 83 -22.12 32.03 -48.28
N GLN E 84 -20.89 32.39 -48.63
CA GLN E 84 -20.58 33.40 -49.65
C GLN E 84 -20.44 32.83 -51.05
N MET E 85 -21.31 33.27 -51.95
CA MET E 85 -21.39 32.78 -53.32
C MET E 85 -20.93 33.87 -54.27
N SER E 86 -20.09 33.48 -55.22
CA SER E 86 -19.58 34.40 -56.23
C SER E 86 -19.57 33.63 -57.53
N SER E 87 -19.48 34.37 -58.64
CA SER E 87 -19.53 33.83 -60.00
C SER E 87 -20.65 32.80 -60.13
N LEU E 88 -21.85 33.20 -59.73
CA LEU E 88 -22.97 32.26 -59.70
C LEU E 88 -23.34 31.80 -61.09
N ARG E 89 -23.79 30.56 -61.17
CA ARG E 89 -24.23 29.92 -62.40
C ARG E 89 -25.66 29.45 -62.24
N SER E 90 -26.34 29.31 -63.39
CA SER E 90 -27.71 28.80 -63.41
C SER E 90 -27.82 27.42 -62.78
N GLU E 91 -26.75 26.63 -62.87
CA GLU E 91 -26.70 25.31 -62.24
C GLU E 91 -26.69 25.40 -60.72
N ASP E 92 -26.33 26.55 -60.15
CA ASP E 92 -26.39 26.69 -58.69
C ASP E 92 -27.81 26.75 -58.14
N THR E 93 -28.81 26.92 -59.01
CA THR E 93 -30.20 27.04 -58.58
C THR E 93 -30.61 25.77 -57.82
N ALA E 94 -31.03 25.95 -56.57
CA ALA E 94 -31.36 24.83 -55.69
C ALA E 94 -31.92 25.41 -54.40
N VAL E 95 -32.48 24.53 -53.57
CA VAL E 95 -32.70 24.86 -52.17
C VAL E 95 -31.44 24.51 -51.39
N PHE E 96 -30.93 25.48 -50.64
CA PHE E 96 -29.72 25.32 -49.86
C PHE E 96 -30.10 25.09 -48.41
N TYR E 97 -29.60 24.01 -47.83
CA TYR E 97 -29.82 23.67 -46.44
C TYR E 97 -28.54 23.86 -45.64
N CYS E 98 -28.72 24.44 -44.47
CA CYS E 98 -27.73 24.44 -43.40
C CYS E 98 -27.87 23.16 -42.61
N ALA E 99 -26.74 22.57 -42.24
CA ALA E 99 -26.81 21.31 -41.50
C ALA E 99 -25.74 21.25 -40.43
N ARG E 100 -26.11 20.65 -39.31
CA ARG E 100 -25.21 20.43 -38.18
C ARG E 100 -24.90 18.94 -38.10
N HIS E 101 -23.63 18.64 -37.85
CA HIS E 101 -23.18 17.26 -37.72
C HIS E 101 -23.34 16.74 -36.30
N GLY E 102 -22.95 15.48 -36.12
CA GLY E 102 -23.02 14.80 -34.85
C GLY E 102 -21.78 15.00 -34.01
N GLU E 103 -21.52 14.01 -33.14
CA GLU E 103 -20.44 14.08 -32.17
C GLU E 103 -19.51 12.87 -32.29
N GLY E 104 -18.22 13.12 -32.06
CA GLY E 104 -17.21 12.08 -32.00
C GLY E 104 -17.02 11.40 -33.33
N LYS E 105 -16.48 10.17 -33.26
CA LYS E 105 -16.14 9.44 -34.48
C LYS E 105 -17.38 9.16 -35.31
N TYR E 106 -18.48 8.82 -34.66
CA TYR E 106 -19.72 8.58 -35.38
C TYR E 106 -20.58 9.84 -35.39
N GLY E 107 -19.96 10.93 -35.87
CA GLY E 107 -20.66 12.19 -35.91
C GLY E 107 -20.36 12.97 -37.17
N SER E 108 -19.91 12.27 -38.21
CA SER E 108 -19.64 12.97 -39.47
C SER E 108 -20.90 13.07 -40.30
N ASN E 109 -21.97 12.44 -39.84
CA ASN E 109 -23.27 12.47 -40.47
C ASN E 109 -23.91 13.83 -40.28
N PHE E 110 -24.92 14.10 -41.08
CA PHE E 110 -25.74 15.27 -40.83
C PHE E 110 -26.72 14.91 -39.72
N ALA E 111 -26.70 15.70 -38.65
CA ALA E 111 -27.55 15.48 -37.49
C ALA E 111 -28.80 16.32 -37.51
N TYR E 112 -28.69 17.53 -38.04
CA TYR E 112 -29.81 18.47 -38.09
C TYR E 112 -29.78 19.15 -39.43
N TRP E 113 -30.97 19.34 -39.99
CA TRP E 113 -31.14 20.01 -41.27
C TRP E 113 -32.01 21.24 -41.06
N GLY E 114 -31.74 22.27 -41.87
CA GLY E 114 -32.51 23.48 -41.81
C GLY E 114 -33.77 23.35 -42.65
N GLN E 115 -34.48 24.46 -42.78
CA GLN E 115 -35.63 24.45 -43.65
C GLN E 115 -35.25 24.68 -45.11
N GLY E 116 -34.16 25.38 -45.36
CA GLY E 116 -33.80 25.57 -46.74
C GLY E 116 -34.09 26.99 -47.20
N THR E 117 -33.26 27.49 -48.10
CA THR E 117 -33.51 28.77 -48.74
C THR E 117 -33.27 28.60 -50.23
N THR E 118 -34.07 29.26 -51.04
CA THR E 118 -34.05 29.01 -52.47
C THR E 118 -33.16 30.00 -53.19
N LEU E 119 -32.28 29.48 -54.06
CA LEU E 119 -31.47 30.28 -54.94
C LEU E 119 -31.87 29.95 -56.36
N THR E 120 -32.23 30.97 -57.12
CA THR E 120 -32.51 30.85 -58.55
C THR E 120 -31.53 31.76 -59.26
N VAL E 121 -30.72 31.19 -60.15
CA VAL E 121 -29.79 31.98 -60.95
C VAL E 121 -30.24 31.92 -62.41
N SER E 122 -30.61 33.08 -62.94
CA SER E 122 -31.02 33.19 -64.34
C SER E 122 -30.84 34.60 -64.86
N ASP F 1 -14.54 8.93 -57.08
CA ASP F 1 -15.59 9.18 -56.10
C ASP F 1 -16.37 7.90 -55.82
N VAL F 2 -16.89 7.77 -54.60
CA VAL F 2 -17.76 6.65 -54.30
C VAL F 2 -19.11 6.88 -54.95
N VAL F 3 -19.52 5.95 -55.81
CA VAL F 3 -20.85 5.98 -56.41
C VAL F 3 -21.77 5.10 -55.57
N LEU F 4 -22.88 5.64 -55.13
CA LEU F 4 -23.89 4.87 -54.41
C LEU F 4 -25.07 4.60 -55.33
N THR F 5 -25.39 3.33 -55.52
CA THR F 5 -26.46 2.88 -56.39
C THR F 5 -27.57 2.30 -55.53
N GLN F 6 -28.70 2.99 -55.49
CA GLN F 6 -29.86 2.56 -54.73
C GLN F 6 -30.82 1.80 -55.63
N SER F 7 -31.36 0.71 -55.10
CA SER F 7 -32.22 -0.16 -55.90
C SER F 7 -33.35 -0.63 -55.00
N PRO F 8 -34.61 -0.55 -55.47
CA PRO F 8 -34.99 0.01 -56.78
C PRO F 8 -35.07 1.52 -56.78
N ALA F 9 -35.15 2.14 -57.96
CA ALA F 9 -35.27 3.59 -58.03
C ALA F 9 -36.62 4.04 -57.51
N THR F 10 -37.68 3.32 -57.87
CA THR F 10 -39.02 3.64 -57.40
C THR F 10 -39.68 2.30 -57.07
N LEU F 11 -40.56 2.32 -56.08
CA LEU F 11 -41.24 1.09 -55.68
C LEU F 11 -42.58 1.43 -55.05
N SER F 12 -43.64 0.78 -55.53
CA SER F 12 -44.96 0.92 -54.95
C SER F 12 -45.24 -0.33 -54.12
N VAL F 13 -45.61 -0.14 -52.85
CA VAL F 13 -45.95 -1.23 -51.96
C VAL F 13 -47.17 -0.87 -51.14
N THR F 14 -47.93 -1.89 -50.78
CA THR F 14 -49.10 -1.69 -49.94
C THR F 14 -48.66 -1.54 -48.48
N PRO F 15 -49.22 -0.58 -47.74
CA PRO F 15 -48.96 -0.47 -46.30
C PRO F 15 -49.14 -1.77 -45.53
N GLY F 16 -48.20 -2.06 -44.64
CA GLY F 16 -48.13 -3.31 -43.91
C GLY F 16 -47.13 -4.33 -44.42
N ASP F 17 -46.75 -4.30 -45.68
CA ASP F 17 -45.73 -5.21 -46.18
C ASP F 17 -44.35 -4.73 -45.74
N SER F 18 -43.33 -5.55 -46.00
CA SER F 18 -41.96 -5.23 -45.64
C SER F 18 -41.12 -5.17 -46.89
N VAL F 19 -40.09 -4.31 -46.85
CA VAL F 19 -39.26 -4.03 -48.02
C VAL F 19 -37.79 -4.05 -47.60
N SER F 20 -36.95 -4.29 -48.62
CA SER F 20 -35.50 -4.29 -48.50
C SER F 20 -34.94 -3.41 -49.60
N LEU F 21 -34.29 -2.32 -49.19
CA LEU F 21 -33.72 -1.36 -50.12
C LEU F 21 -32.21 -1.55 -50.18
N SER F 22 -31.66 -1.55 -51.38
CA SER F 22 -30.25 -1.86 -51.59
C SER F 22 -29.49 -0.57 -51.87
N CYS F 23 -28.28 -0.49 -51.33
CA CYS F 23 -27.35 0.58 -51.67
C CYS F 23 -25.99 -0.08 -51.87
N ARG F 24 -25.41 0.18 -53.04
CA ARG F 24 -24.14 -0.40 -53.44
C ARG F 24 -23.13 0.68 -53.74
N ALA F 25 -21.95 0.55 -53.15
CA ALA F 25 -20.90 1.53 -53.27
C ALA F 25 -19.84 1.12 -54.29
N SER F 26 -19.28 2.11 -54.98
CA SER F 26 -18.25 1.82 -55.98
C SER F 26 -16.91 1.46 -55.33
N GLN F 27 -16.74 1.79 -54.04
CA GLN F 27 -15.57 1.42 -53.26
C GLN F 27 -16.06 1.01 -51.89
N THR F 28 -15.22 0.34 -51.10
CA THR F 28 -15.68 -0.02 -49.76
C THR F 28 -15.86 1.20 -48.84
N ILE F 29 -17.00 1.22 -48.18
CA ILE F 29 -17.47 2.24 -47.26
C ILE F 29 -17.95 1.47 -46.04
N SER F 30 -17.32 0.31 -45.79
CA SER F 30 -17.61 -0.70 -44.75
C SER F 30 -18.57 -0.27 -43.65
N ASP F 31 -18.29 0.73 -42.83
CA ASP F 31 -19.38 1.10 -41.95
C ASP F 31 -19.84 2.53 -42.20
N ASN F 32 -19.42 3.15 -43.31
CA ASN F 32 -19.73 4.56 -43.55
C ASN F 32 -21.08 4.77 -44.21
N LEU F 33 -22.19 4.29 -43.66
CA LEU F 33 -23.38 4.44 -44.49
C LEU F 33 -24.58 4.88 -43.69
N HIS F 34 -25.21 5.96 -44.10
CA HIS F 34 -26.34 6.50 -43.37
C HIS F 34 -27.55 6.55 -44.28
N TRP F 35 -28.72 6.51 -43.68
CA TRP F 35 -29.98 6.48 -44.40
C TRP F 35 -30.81 7.65 -43.94
N TYR F 36 -31.46 8.30 -44.90
CA TYR F 36 -32.33 9.44 -44.68
C TYR F 36 -33.63 9.25 -45.44
N LEU F 37 -34.72 9.72 -44.84
CA LEU F 37 -36.01 9.79 -45.52
C LEU F 37 -36.37 11.24 -45.73
N GLN F 38 -36.72 11.59 -46.96
CA GLN F 38 -37.24 12.91 -47.26
C GLN F 38 -38.64 12.75 -47.82
N LYS F 39 -39.64 13.18 -47.06
CA LYS F 39 -41.00 13.13 -47.57
C LYS F 39 -41.26 14.41 -48.34
N SER F 40 -42.36 14.40 -49.11
CA SER F 40 -42.68 15.51 -49.99
C SER F 40 -42.95 16.78 -49.19
N HIS F 41 -42.35 17.88 -49.64
CA HIS F 41 -42.40 19.24 -49.09
C HIS F 41 -41.60 19.40 -47.81
N GLU F 42 -40.73 18.46 -47.46
CA GLU F 42 -40.01 18.54 -46.20
C GLU F 42 -38.51 18.45 -46.47
N SER F 43 -37.72 18.83 -45.45
CA SER F 43 -36.29 18.60 -45.47
C SER F 43 -36.02 17.14 -45.14
N PRO F 44 -34.86 16.62 -45.52
CA PRO F 44 -34.49 15.25 -45.13
C PRO F 44 -34.32 15.07 -43.62
N ARG F 45 -34.49 13.82 -43.18
CA ARG F 45 -34.36 13.47 -41.77
C ARG F 45 -33.55 12.20 -41.68
N LEU F 46 -32.55 12.21 -40.80
CA LEU F 46 -31.69 11.05 -40.61
C LEU F 46 -32.47 9.90 -40.03
N LEU F 47 -32.37 8.73 -40.67
CA LEU F 47 -33.02 7.53 -40.19
C LEU F 47 -32.03 6.59 -39.50
N ILE F 48 -30.90 6.32 -40.14
CA ILE F 48 -29.97 5.31 -39.64
C ILE F 48 -28.57 5.84 -39.87
N LYS F 49 -27.71 5.72 -38.86
CA LYS F 49 -26.36 6.23 -38.96
C LYS F 49 -25.40 5.05 -38.98
N TYR F 50 -24.32 5.19 -39.76
CA TYR F 50 -23.19 4.26 -39.90
C TYR F 50 -23.63 2.80 -40.01
N SER F 51 -24.39 2.55 -41.08
CA SER F 51 -25.00 1.30 -41.54
C SER F 51 -26.09 0.74 -40.64
N SER F 52 -25.88 0.61 -39.33
CA SER F 52 -26.85 -0.23 -38.65
C SER F 52 -27.36 0.26 -37.29
N GLN F 53 -26.78 1.30 -36.68
CA GLN F 53 -27.19 1.64 -35.32
C GLN F 53 -28.43 2.50 -35.39
N SER F 54 -29.45 2.14 -34.62
CA SER F 54 -30.71 2.84 -34.71
C SER F 54 -30.61 4.18 -34.00
N ILE F 55 -31.49 5.09 -34.40
CA ILE F 55 -31.53 6.46 -33.91
C ILE F 55 -32.82 6.67 -33.15
N SER F 56 -32.69 7.15 -31.92
CA SER F 56 -33.81 7.62 -31.11
C SER F 56 -34.76 8.49 -31.92
N GLY F 57 -36.01 8.08 -31.96
CA GLY F 57 -37.06 8.79 -32.64
C GLY F 57 -37.45 8.17 -33.96
N ILE F 58 -36.60 7.28 -34.49
CA ILE F 58 -36.87 6.56 -35.72
C ILE F 58 -37.57 5.27 -35.29
N PRO F 59 -38.67 4.87 -35.96
CA PRO F 59 -39.39 3.67 -35.52
C PRO F 59 -38.57 2.40 -35.63
N SER F 60 -38.91 1.42 -34.78
CA SER F 60 -38.17 0.18 -34.72
C SER F 60 -38.34 -0.67 -35.98
N ARG F 61 -39.37 -0.38 -36.79
CA ARG F 61 -39.58 -1.10 -38.03
C ARG F 61 -38.47 -0.84 -39.03
N PHE F 62 -37.68 0.20 -38.80
CA PHE F 62 -36.52 0.52 -39.61
C PHE F 62 -35.31 -0.21 -39.05
N SER F 63 -34.63 -0.95 -39.91
CA SER F 63 -33.46 -1.74 -39.57
C SER F 63 -32.45 -1.62 -40.70
N GLY F 64 -31.17 -1.64 -40.36
CA GLY F 64 -30.15 -1.58 -41.39
C GLY F 64 -29.14 -2.69 -41.20
N SER F 65 -28.50 -3.02 -42.32
CA SER F 65 -27.55 -4.12 -42.39
C SER F 65 -26.62 -3.88 -43.56
N GLY F 66 -25.55 -4.64 -43.60
CA GLY F 66 -24.63 -4.58 -44.72
C GLY F 66 -23.24 -4.18 -44.31
N SER F 67 -22.25 -4.61 -45.10
CA SER F 67 -20.87 -4.35 -44.75
C SER F 67 -20.00 -4.35 -46.00
N GLY F 68 -19.15 -3.34 -46.11
CA GLY F 68 -18.21 -3.35 -47.21
C GLY F 68 -18.70 -2.43 -48.30
N THR F 69 -19.34 -3.03 -49.30
CA THR F 69 -19.91 -2.32 -50.41
C THR F 69 -21.42 -2.50 -50.52
N ASP F 70 -21.98 -3.55 -49.91
CA ASP F 70 -23.39 -3.88 -50.08
C ASP F 70 -24.09 -3.63 -48.75
N PHE F 71 -25.11 -2.78 -48.81
CA PHE F 71 -25.88 -2.36 -47.64
C PHE F 71 -27.36 -2.47 -47.94
N THR F 72 -28.13 -2.68 -46.89
CA THR F 72 -29.56 -2.92 -46.98
C THR F 72 -30.30 -2.18 -45.89
N LEU F 73 -31.37 -1.50 -46.26
CA LEU F 73 -32.30 -0.91 -45.32
C LEU F 73 -33.59 -1.72 -45.38
N ASN F 74 -33.94 -2.35 -44.27
CA ASN F 74 -35.18 -3.08 -44.13
C ASN F 74 -36.21 -2.18 -43.45
N ILE F 75 -37.43 -2.24 -43.97
CA ILE F 75 -38.59 -1.65 -43.30
C ILE F 75 -39.60 -2.76 -43.16
N ASN F 76 -39.89 -3.15 -41.92
CA ASN F 76 -40.41 -4.47 -41.65
C ASN F 76 -41.91 -4.51 -41.45
N SER F 77 -42.57 -3.37 -41.26
CA SER F 77 -43.98 -3.25 -41.61
C SER F 77 -44.23 -1.80 -42.00
N VAL F 78 -44.28 -1.54 -43.31
CA VAL F 78 -44.26 -0.16 -43.78
C VAL F 78 -45.56 0.54 -43.38
N GLU F 79 -45.43 1.76 -42.88
CA GLU F 79 -46.57 2.56 -42.49
C GLU F 79 -46.80 3.65 -43.53
N THR F 80 -48.02 4.21 -43.50
CA THR F 80 -48.41 5.25 -44.46
C THR F 80 -47.44 6.42 -44.41
N GLU F 81 -46.98 6.78 -43.21
CA GLU F 81 -46.11 7.92 -43.01
C GLU F 81 -44.68 7.67 -43.50
N ASP F 82 -44.36 6.44 -43.88
CA ASP F 82 -43.01 6.08 -44.28
C ASP F 82 -42.74 6.30 -45.77
N PHE F 83 -43.75 6.66 -46.54
CA PHE F 83 -43.60 6.72 -47.99
C PHE F 83 -42.91 8.03 -48.37
N GLY F 84 -41.98 7.95 -49.31
CA GLY F 84 -41.16 9.12 -49.59
C GLY F 84 -39.90 8.74 -50.34
N MET F 85 -38.91 9.63 -50.31
CA MET F 85 -37.68 9.41 -51.05
C MET F 85 -36.61 8.97 -50.04
N TYR F 86 -35.89 7.89 -50.36
CA TYR F 86 -34.88 7.34 -49.46
C TYR F 86 -33.46 7.46 -49.99
N PHE F 87 -32.57 8.06 -49.18
CA PHE F 87 -31.18 8.29 -49.57
C PHE F 87 -30.21 7.54 -48.66
N CYS F 88 -29.15 6.99 -49.26
CA CYS F 88 -27.98 6.51 -48.56
C CYS F 88 -26.85 7.52 -48.73
N GLN F 89 -25.91 7.49 -47.79
CA GLN F 89 -24.80 8.45 -47.76
C GLN F 89 -23.54 7.83 -47.17
N GLN F 90 -22.41 8.19 -47.78
CA GLN F 90 -21.11 7.70 -47.35
C GLN F 90 -20.25 8.83 -46.84
N THR F 91 -19.47 8.53 -45.80
CA THR F 91 -18.49 9.46 -45.24
C THR F 91 -17.09 8.89 -45.33
N ASN F 92 -16.89 7.88 -46.16
CA ASN F 92 -15.57 7.30 -46.29
C ASN F 92 -14.59 8.22 -47.01
N SER F 93 -15.07 8.96 -48.01
CA SER F 93 -14.16 9.81 -48.76
C SER F 93 -14.87 11.03 -49.34
N TRP F 94 -14.08 12.08 -49.58
CA TRP F 94 -14.51 13.28 -50.28
C TRP F 94 -14.49 13.02 -51.79
N PRO F 95 -15.49 13.52 -52.53
CA PRO F 95 -16.62 14.33 -52.08
C PRO F 95 -17.75 13.49 -51.49
N LEU F 96 -18.56 14.09 -50.65
CA LEU F 96 -19.73 13.39 -50.12
C LEU F 96 -20.69 13.09 -51.27
N THR F 97 -21.22 11.87 -51.28
CA THR F 97 -22.08 11.42 -52.37
C THR F 97 -23.29 10.71 -51.79
N PHE F 98 -24.36 10.72 -52.57
CA PHE F 98 -25.63 10.10 -52.22
C PHE F 98 -25.97 9.01 -53.21
N GLY F 99 -26.82 8.10 -52.76
CA GLY F 99 -27.48 7.20 -53.67
C GLY F 99 -28.60 7.93 -54.34
N ALA F 100 -29.13 7.32 -55.40
CA ALA F 100 -30.16 8.05 -56.12
C ALA F 100 -31.51 8.03 -55.41
N GLY F 101 -31.64 7.24 -54.35
CA GLY F 101 -32.90 7.24 -53.64
C GLY F 101 -33.87 6.18 -54.11
N THR F 102 -34.60 5.56 -53.19
CA THR F 102 -35.75 4.75 -53.57
C THR F 102 -36.98 5.56 -53.22
N LYS F 103 -37.85 5.80 -54.20
CA LYS F 103 -39.09 6.50 -53.94
C LYS F 103 -40.13 5.42 -53.64
N LEU F 104 -40.65 5.43 -52.41
CA LEU F 104 -41.67 4.51 -51.96
C LEU F 104 -43.05 5.17 -52.07
N GLU F 105 -43.92 4.55 -52.86
CA GLU F 105 -45.28 4.97 -53.13
C GLU F 105 -46.26 3.93 -52.62
N LEU F 106 -47.50 4.35 -52.44
CA LEU F 106 -48.49 3.56 -51.71
C LEU F 106 -49.23 2.64 -52.67
N ALA G 1 -35.27 -37.45 -1.10
CA ALA G 1 -35.85 -36.25 -0.50
C ALA G 1 -35.77 -35.07 -1.46
N VAL G 2 -35.87 -33.87 -0.92
CA VAL G 2 -35.77 -32.63 -1.68
C VAL G 2 -34.44 -31.96 -1.33
N GLY G 3 -33.63 -31.70 -2.35
CA GLY G 3 -32.28 -31.23 -2.11
C GLY G 3 -31.19 -32.27 -2.24
N ILE G 4 -30.50 -32.28 -3.39
CA ILE G 4 -29.48 -33.26 -3.70
C ILE G 4 -28.26 -32.53 -4.23
N GLY G 5 -27.12 -33.21 -4.18
CA GLY G 5 -25.85 -32.64 -4.59
C GLY G 5 -25.48 -32.87 -6.05
N ALA G 6 -26.41 -33.36 -6.87
CA ALA G 6 -26.08 -33.69 -8.25
C ALA G 6 -26.05 -32.42 -9.10
N VAL G 7 -27.20 -31.74 -9.21
CA VAL G 7 -27.34 -30.57 -10.07
C VAL G 7 -26.95 -29.28 -9.36
N PHE G 8 -26.64 -29.33 -8.06
CA PHE G 8 -26.22 -28.14 -7.32
C PHE G 8 -24.70 -28.08 -7.27
N LEU G 9 -24.12 -27.54 -8.34
CA LEU G 9 -22.68 -27.56 -8.50
C LEU G 9 -22.05 -26.44 -7.66
N GLY G 10 -20.76 -26.23 -7.85
CA GLY G 10 -20.03 -25.25 -7.07
C GLY G 10 -19.39 -24.18 -7.94
N PHE G 11 -18.32 -23.58 -7.43
CA PHE G 11 -17.61 -22.54 -8.16
C PHE G 11 -17.00 -23.12 -9.42
N LEU G 12 -17.20 -22.42 -10.54
CA LEU G 12 -16.80 -22.87 -11.86
C LEU G 12 -17.41 -24.23 -12.18
N GLY G 13 -18.65 -24.44 -11.72
CA GLY G 13 -19.22 -25.77 -11.78
C GLY G 13 -19.56 -26.15 -13.21
N ALA G 14 -20.17 -25.22 -13.95
CA ALA G 14 -20.57 -25.49 -15.33
C ALA G 14 -19.54 -24.95 -16.32
N ALA G 15 -18.26 -25.00 -15.95
CA ALA G 15 -17.22 -24.35 -16.75
C ALA G 15 -16.94 -25.09 -18.05
N GLY G 16 -17.46 -26.29 -18.22
CA GLY G 16 -17.33 -27.01 -19.47
C GLY G 16 -18.67 -27.13 -20.15
N SER G 17 -19.73 -26.82 -19.42
CA SER G 17 -21.08 -26.96 -19.93
C SER G 17 -21.38 -25.91 -21.00
N THR G 18 -22.50 -26.14 -21.68
CA THR G 18 -23.01 -25.28 -22.72
C THR G 18 -23.57 -23.98 -22.16
N MET G 19 -23.84 -23.05 -23.07
CA MET G 19 -24.27 -21.72 -22.68
C MET G 19 -25.64 -21.75 -22.05
N GLY G 20 -26.50 -22.66 -22.51
CA GLY G 20 -27.82 -22.78 -21.93
C GLY G 20 -27.86 -23.34 -20.53
N ALA G 21 -26.80 -24.00 -20.07
CA ALA G 21 -26.72 -24.41 -18.68
C ALA G 21 -25.73 -23.62 -17.85
N ALA G 22 -24.85 -22.85 -18.47
CA ALA G 22 -23.96 -22.01 -17.71
C ALA G 22 -24.61 -20.69 -17.33
N SER G 23 -25.44 -20.14 -18.20
CA SER G 23 -26.18 -18.93 -17.88
C SER G 23 -27.32 -19.15 -16.90
N MET G 24 -27.59 -20.41 -16.53
CA MET G 24 -28.56 -20.68 -15.48
C MET G 24 -28.07 -20.20 -14.13
N THR G 25 -26.82 -20.48 -13.80
CA THR G 25 -26.20 -20.08 -12.54
C THR G 25 -24.97 -19.22 -12.82
N LEU G 26 -25.16 -17.91 -12.78
CA LEU G 26 -24.05 -16.99 -12.89
C LEU G 26 -23.62 -16.44 -11.53
N THR G 27 -24.46 -16.58 -10.52
CA THR G 27 -24.19 -16.00 -9.21
C THR G 27 -23.06 -16.71 -8.47
N VAL G 28 -22.79 -17.96 -8.83
CA VAL G 28 -21.81 -18.75 -8.12
C VAL G 28 -20.41 -18.26 -8.48
N GLN G 29 -20.24 -17.81 -9.70
CA GLN G 29 -19.00 -17.15 -10.08
C GLN G 29 -18.99 -15.71 -9.62
N ALA G 30 -20.15 -15.18 -9.24
CA ALA G 30 -20.25 -13.79 -8.83
C ALA G 30 -19.79 -13.61 -7.38
N ARG G 31 -20.21 -14.50 -6.49
CA ARG G 31 -19.99 -14.28 -5.07
C ARG G 31 -18.57 -14.59 -4.62
N ASN G 32 -17.86 -15.45 -5.32
CA ASN G 32 -16.46 -15.68 -4.98
C ASN G 32 -15.51 -14.76 -5.72
N LEU G 33 -15.77 -13.46 -5.65
CA LEU G 33 -14.93 -12.49 -6.35
C LEU G 33 -14.37 -11.41 -5.45
N LEU G 34 -14.86 -11.27 -4.23
CA LEU G 34 -14.32 -10.24 -3.34
C LEU G 34 -13.77 -10.78 -2.04
N SER G 35 -14.50 -11.64 -1.33
CA SER G 35 -13.98 -12.16 -0.07
C SER G 35 -13.03 -13.34 -0.29
N GLY G 36 -13.52 -14.41 -0.89
CA GLY G 36 -12.72 -15.58 -1.15
C GLY G 36 -13.44 -16.59 -2.02
N THR G 58 5.37 -8.51 9.58
CA THR G 58 4.78 -7.29 9.06
C THR G 58 5.12 -7.06 7.58
N VAL G 59 5.70 -8.08 6.94
CA VAL G 59 5.92 -8.02 5.51
C VAL G 59 5.00 -8.99 4.76
N TRP G 60 4.54 -10.05 5.41
CA TRP G 60 3.53 -10.90 4.80
C TRP G 60 2.12 -10.37 5.05
N GLY G 61 2.00 -9.22 5.69
CA GLY G 61 0.79 -8.44 5.61
C GLY G 61 0.71 -7.49 4.43
N ILE G 62 1.84 -7.05 3.88
CA ILE G 62 1.74 -6.20 2.71
C ILE G 62 1.53 -7.01 1.44
N LYS G 63 1.82 -8.31 1.48
CA LYS G 63 1.38 -9.18 0.40
C LYS G 63 -0.10 -9.50 0.52
N GLN G 64 -0.69 -9.26 1.68
CA GLN G 64 -2.14 -9.35 1.82
C GLN G 64 -2.78 -8.06 1.36
N LEU G 65 -2.11 -6.95 1.64
CA LEU G 65 -2.65 -5.63 1.27
C LEU G 65 -2.62 -5.46 -0.23
N GLN G 66 -1.51 -5.83 -0.86
CA GLN G 66 -1.42 -5.64 -2.30
C GLN G 66 -2.13 -6.74 -3.07
N ALA G 67 -2.70 -7.72 -2.38
CA ALA G 67 -3.64 -8.66 -2.98
C ALA G 67 -5.07 -8.20 -2.79
N ARG G 68 -5.31 -7.46 -1.71
CA ARG G 68 -6.65 -6.99 -1.42
C ARG G 68 -6.97 -5.81 -2.31
N VAL G 69 -6.04 -4.86 -2.41
CA VAL G 69 -6.32 -3.69 -3.24
C VAL G 69 -6.14 -3.98 -4.71
N LEU G 70 -5.73 -5.21 -5.07
CA LEU G 70 -5.87 -5.64 -6.45
C LEU G 70 -7.18 -6.35 -6.68
N ALA G 71 -7.74 -6.95 -5.63
CA ALA G 71 -9.03 -7.63 -5.80
C ALA G 71 -10.15 -6.62 -5.85
N VAL G 72 -10.09 -5.60 -5.00
CA VAL G 72 -11.18 -4.63 -5.00
C VAL G 72 -11.02 -3.67 -6.16
N GLU G 73 -9.83 -3.60 -6.74
CA GLU G 73 -9.62 -2.73 -7.88
C GLU G 73 -10.16 -3.43 -9.10
N ARG G 74 -9.85 -4.72 -9.25
CA ARG G 74 -10.35 -5.38 -10.43
C ARG G 74 -11.83 -5.74 -10.28
N TYR G 75 -12.39 -5.63 -9.08
CA TYR G 75 -13.84 -5.71 -8.98
C TYR G 75 -14.47 -4.39 -9.39
N LEU G 76 -13.91 -3.27 -8.94
CA LEU G 76 -14.52 -2.02 -9.36
C LEU G 76 -14.34 -1.73 -10.83
N ARG G 77 -13.24 -2.17 -11.46
CA ARG G 77 -13.13 -1.89 -12.89
C ARG G 77 -14.15 -2.64 -13.74
N ASP G 78 -14.46 -3.91 -13.43
CA ASP G 78 -15.51 -4.51 -14.22
C ASP G 78 -16.88 -4.04 -13.78
N GLN G 79 -17.02 -3.57 -12.54
CA GLN G 79 -18.32 -3.05 -12.16
C GLN G 79 -18.51 -1.63 -12.65
N GLN G 80 -17.44 -1.01 -13.14
CA GLN G 80 -17.51 0.31 -13.72
C GLN G 80 -17.79 0.20 -15.21
N LEU G 81 -17.09 -0.71 -15.89
CA LEU G 81 -17.42 -0.96 -17.29
C LEU G 81 -18.84 -1.49 -17.43
N LEU G 82 -19.31 -2.23 -16.44
CA LEU G 82 -20.72 -2.61 -16.42
C LEU G 82 -21.59 -1.42 -16.08
N GLY G 83 -21.11 -0.54 -15.20
CA GLY G 83 -21.94 0.55 -14.71
C GLY G 83 -22.26 1.57 -15.78
N ILE G 84 -21.30 1.84 -16.67
CA ILE G 84 -21.51 2.88 -17.69
C ILE G 84 -22.30 2.39 -18.89
N TRP G 85 -22.64 1.12 -18.96
CA TRP G 85 -23.68 0.71 -19.88
C TRP G 85 -25.03 0.81 -19.18
N GLY G 86 -26.07 0.25 -19.79
CA GLY G 86 -27.36 0.36 -19.15
C GLY G 86 -27.62 -0.60 -18.02
N CYS G 87 -26.61 -1.37 -17.62
CA CYS G 87 -26.78 -2.54 -16.77
C CYS G 87 -26.03 -2.22 -15.48
N SER G 88 -26.73 -1.67 -14.49
CA SER G 88 -26.07 -1.28 -13.26
C SER G 88 -25.61 -2.48 -12.45
N GLY G 89 -26.54 -3.32 -12.01
CA GLY G 89 -26.13 -4.54 -11.34
C GLY G 89 -27.07 -5.67 -11.67
N LYS G 90 -27.70 -5.56 -12.83
CA LYS G 90 -28.77 -6.47 -13.20
C LYS G 90 -28.25 -7.80 -13.70
N LEU G 91 -26.99 -7.86 -14.15
CA LEU G 91 -26.17 -9.06 -14.42
C LEU G 91 -26.59 -9.86 -15.65
N ILE G 92 -27.75 -9.57 -16.21
CA ILE G 92 -28.19 -10.09 -17.50
C ILE G 92 -29.09 -9.02 -18.08
N CYS G 93 -28.78 -8.55 -19.28
CA CYS G 93 -29.54 -7.44 -19.81
C CYS G 93 -29.50 -7.35 -21.32
N CYS G 94 -30.66 -7.09 -21.91
CA CYS G 94 -30.71 -6.85 -23.34
C CYS G 94 -30.19 -5.44 -23.59
N THR G 95 -29.86 -5.15 -24.84
CA THR G 95 -29.40 -3.82 -25.18
C THR G 95 -30.05 -3.50 -26.53
N ASN G 96 -29.60 -2.45 -27.21
CA ASN G 96 -30.21 -1.97 -28.43
C ASN G 96 -29.28 -2.10 -29.62
N VAL G 97 -28.01 -2.36 -29.39
CA VAL G 97 -27.06 -2.46 -30.49
C VAL G 97 -27.26 -3.78 -31.22
N PRO G 98 -27.30 -3.79 -32.54
CA PRO G 98 -27.38 -5.04 -33.29
C PRO G 98 -26.08 -5.82 -33.31
N TRP G 99 -26.20 -7.08 -33.69
CA TRP G 99 -25.11 -8.05 -33.74
C TRP G 99 -24.60 -8.12 -35.16
N ASN G 100 -23.50 -7.42 -35.43
CA ASN G 100 -22.89 -7.48 -36.74
C ASN G 100 -22.30 -8.86 -36.98
N SER G 101 -22.66 -9.43 -38.13
CA SER G 101 -22.29 -10.80 -38.47
C SER G 101 -20.81 -10.91 -38.85
N SER G 102 -20.10 -9.79 -38.94
CA SER G 102 -18.66 -9.85 -39.17
C SER G 102 -17.94 -10.37 -37.94
N TRP G 103 -18.56 -10.31 -36.77
CA TRP G 103 -17.92 -10.82 -35.58
C TRP G 103 -17.88 -12.34 -35.58
N SER G 104 -19.05 -12.97 -35.62
CA SER G 104 -19.11 -14.41 -35.40
C SER G 104 -19.65 -15.20 -36.58
N ASN G 105 -20.63 -14.63 -37.30
CA ASN G 105 -21.31 -15.18 -38.50
C ASN G 105 -21.92 -16.57 -38.27
N ARG G 106 -22.08 -17.00 -37.03
CA ARG G 106 -22.63 -18.32 -36.76
C ARG G 106 -24.13 -18.25 -36.51
N ASN G 107 -24.79 -19.40 -36.71
CA ASN G 107 -26.20 -19.49 -36.38
C ASN G 107 -26.39 -19.50 -34.85
N LEU G 108 -27.59 -19.11 -34.44
CA LEU G 108 -28.00 -19.03 -33.04
C LEU G 108 -28.32 -20.39 -32.41
N SER G 109 -28.89 -21.32 -33.16
CA SER G 109 -29.34 -22.58 -32.56
C SER G 109 -28.21 -23.46 -32.02
N GLU G 110 -26.96 -23.15 -32.34
CA GLU G 110 -25.83 -23.87 -31.79
C GLU G 110 -25.32 -23.21 -30.52
N ILE G 111 -25.31 -21.86 -30.49
CA ILE G 111 -24.48 -21.14 -29.54
C ILE G 111 -25.12 -21.07 -28.18
N TRP G 112 -26.16 -21.86 -27.98
CA TRP G 112 -26.72 -22.20 -26.68
C TRP G 112 -26.61 -23.67 -26.33
N ASP G 113 -26.18 -24.52 -27.25
CA ASP G 113 -25.95 -25.91 -26.89
C ASP G 113 -24.74 -26.61 -27.50
N ASN G 114 -23.95 -25.97 -28.35
CA ASN G 114 -22.77 -26.67 -28.85
C ASN G 114 -21.47 -26.39 -28.10
N MET G 115 -21.03 -25.14 -28.06
CA MET G 115 -19.74 -24.77 -27.51
C MET G 115 -19.79 -24.66 -25.98
N THR G 116 -18.64 -24.26 -25.43
CA THR G 116 -18.48 -23.92 -24.04
C THR G 116 -17.84 -22.54 -23.99
N TRP G 117 -17.78 -21.97 -22.79
CA TRP G 117 -17.50 -20.53 -22.67
C TRP G 117 -16.09 -20.21 -23.09
N LEU G 118 -15.16 -21.09 -22.79
CA LEU G 118 -13.81 -20.85 -23.24
C LEU G 118 -13.73 -20.96 -24.75
N GLN G 119 -14.55 -21.80 -25.37
CA GLN G 119 -14.60 -21.82 -26.83
C GLN G 119 -15.24 -20.57 -27.40
N TRP G 120 -16.13 -19.92 -26.66
CA TRP G 120 -16.67 -18.68 -27.22
C TRP G 120 -15.63 -17.59 -27.10
N ASP G 121 -14.95 -17.59 -25.96
CA ASP G 121 -14.01 -16.53 -25.66
C ASP G 121 -12.80 -16.64 -26.57
N LYS G 122 -12.46 -17.84 -27.03
CA LYS G 122 -11.44 -17.87 -28.07
C LYS G 122 -12.06 -17.42 -29.38
N GLU G 123 -13.35 -17.70 -29.57
CA GLU G 123 -13.98 -17.43 -30.86
C GLU G 123 -14.29 -15.95 -31.05
N ILE G 124 -14.08 -15.13 -30.03
CA ILE G 124 -14.55 -13.75 -30.10
C ILE G 124 -13.47 -12.76 -29.66
N SER G 125 -12.36 -13.27 -29.10
CA SER G 125 -11.41 -12.43 -28.36
C SER G 125 -10.73 -11.35 -29.21
N ASN G 126 -10.76 -11.48 -30.54
CA ASN G 126 -10.30 -10.38 -31.37
C ASN G 126 -11.26 -9.20 -31.34
N TYR G 127 -12.54 -9.47 -31.18
CA TYR G 127 -13.58 -8.49 -31.44
C TYR G 127 -14.01 -7.76 -30.19
N THR G 128 -13.52 -8.14 -29.02
CA THR G 128 -13.66 -7.27 -27.88
C THR G 128 -12.76 -6.03 -28.02
N GLN G 129 -13.14 -4.99 -27.27
CA GLN G 129 -12.70 -3.59 -27.32
C GLN G 129 -13.10 -2.80 -28.55
N ILE G 130 -13.72 -3.41 -29.55
CA ILE G 130 -14.52 -2.65 -30.50
C ILE G 130 -15.99 -2.67 -30.07
N ILE G 131 -16.40 -3.82 -29.56
CA ILE G 131 -17.75 -3.97 -29.01
C ILE G 131 -17.88 -3.15 -27.74
N TYR G 132 -16.85 -3.13 -26.91
CA TYR G 132 -16.94 -2.38 -25.66
C TYR G 132 -17.00 -0.89 -25.93
N GLY G 133 -16.42 -0.45 -27.04
CA GLY G 133 -16.60 0.93 -27.45
C GLY G 133 -17.97 1.16 -28.05
N LEU G 134 -18.56 0.13 -28.65
CA LEU G 134 -19.88 0.34 -29.22
C LEU G 134 -20.96 0.43 -28.14
N LEU G 135 -20.76 -0.27 -27.01
CA LEU G 135 -21.83 -0.29 -26.01
C LEU G 135 -21.89 1.02 -25.26
N GLU G 136 -20.74 1.65 -25.05
CA GLU G 136 -20.73 2.90 -24.31
C GLU G 136 -21.40 3.99 -25.14
N GLU G 137 -21.12 4.03 -26.45
CA GLU G 137 -21.76 5.05 -27.27
C GLU G 137 -23.23 4.73 -27.47
N SER G 138 -23.60 3.45 -27.48
CA SER G 138 -25.01 3.12 -27.63
C SER G 138 -25.77 3.33 -26.35
N GLN G 139 -25.07 3.47 -25.23
CA GLN G 139 -25.72 3.81 -23.99
C GLN G 139 -25.82 5.32 -23.82
N ASN G 140 -24.72 6.03 -24.08
CA ASN G 140 -24.72 7.47 -23.85
C ASN G 140 -25.57 8.22 -24.88
N GLN G 141 -25.73 7.68 -26.09
CA GLN G 141 -26.68 8.25 -27.02
C GLN G 141 -28.10 8.03 -26.53
N GLN G 142 -28.37 6.87 -25.94
CA GLN G 142 -29.69 6.64 -25.39
C GLN G 142 -29.88 7.44 -24.13
N GLU G 143 -28.79 7.85 -23.50
CA GLU G 143 -28.88 8.57 -22.25
C GLU G 143 -29.26 10.01 -22.53
N LYS G 144 -28.56 10.67 -23.45
CA LYS G 144 -28.94 12.05 -23.71
C LYS G 144 -30.23 12.12 -24.51
N ASN G 145 -30.55 11.11 -25.34
CA ASN G 145 -31.83 11.19 -26.01
C ASN G 145 -32.98 10.92 -25.06
N GLU G 146 -32.74 10.13 -24.01
CA GLU G 146 -33.69 9.97 -22.93
C GLU G 146 -33.81 11.24 -22.12
N GLN G 147 -32.71 11.99 -21.99
CA GLN G 147 -32.76 13.23 -21.24
C GLN G 147 -33.50 14.29 -22.03
N ASP G 148 -33.31 14.32 -23.35
CA ASP G 148 -34.02 15.29 -24.17
C ASP G 148 -35.50 14.95 -24.23
N LEU G 149 -35.84 13.66 -24.10
CA LEU G 149 -37.24 13.27 -23.95
C LEU G 149 -37.80 13.68 -22.59
N LEU G 150 -36.99 13.57 -21.54
CA LEU G 150 -37.46 13.94 -20.20
C LEU G 150 -37.50 15.43 -19.97
N ALA G 151 -36.73 16.20 -20.74
CA ALA G 151 -36.66 17.64 -20.49
C ALA G 151 -37.91 18.33 -21.04
N LEU G 152 -38.36 17.89 -22.21
CA LEU G 152 -39.53 18.49 -22.83
C LEU G 152 -40.80 18.15 -22.06
N ASP G 153 -40.84 16.98 -21.43
CA ASP G 153 -41.89 16.65 -20.47
C ASP G 153 -41.30 16.45 -19.08
N ALA H 1 -43.47 27.31 -11.53
CA ALA H 1 -42.86 28.63 -11.57
C ALA H 1 -41.81 28.77 -10.48
N GLU H 2 -42.22 29.40 -9.38
CA GLU H 2 -41.33 29.65 -8.25
C GLU H 2 -41.08 28.40 -7.42
N ASN H 3 -41.81 27.31 -7.70
CA ASN H 3 -41.60 26.04 -7.01
C ASN H 3 -40.36 25.36 -7.59
N LEU H 4 -39.21 25.89 -7.20
CA LEU H 4 -37.93 25.38 -7.66
C LEU H 4 -37.58 24.14 -6.86
N TRP H 5 -36.93 23.19 -7.50
CA TRP H 5 -36.62 21.91 -6.88
C TRP H 5 -35.13 21.61 -7.00
N VAL H 6 -34.63 20.90 -6.01
CA VAL H 6 -33.23 20.50 -5.99
C VAL H 6 -32.99 19.46 -7.07
N THR H 7 -31.95 19.67 -7.89
CA THR H 7 -31.47 18.70 -8.85
C THR H 7 -29.97 18.55 -8.68
N VAL H 8 -29.54 17.34 -8.35
CA VAL H 8 -28.13 17.09 -8.14
C VAL H 8 -27.46 16.91 -9.50
N TYR H 9 -26.16 17.14 -9.55
CA TYR H 9 -25.41 17.09 -10.80
C TYR H 9 -24.11 16.36 -10.52
N TYR H 10 -23.99 15.13 -10.99
CA TYR H 10 -22.77 14.37 -10.80
C TYR H 10 -21.75 14.65 -11.88
N GLY H 11 -20.47 14.67 -11.50
CA GLY H 11 -19.42 14.94 -12.43
C GLY H 11 -19.34 16.40 -12.85
N VAL H 12 -19.02 17.28 -11.92
CA VAL H 12 -19.11 18.71 -12.23
C VAL H 12 -17.79 19.38 -11.88
N PRO H 13 -17.26 20.24 -12.75
CA PRO H 13 -15.92 20.78 -12.50
C PRO H 13 -15.85 21.88 -11.47
N VAL H 14 -15.41 21.52 -10.26
CA VAL H 14 -14.99 22.47 -9.24
C VAL H 14 -13.88 21.79 -8.45
N TRP H 15 -13.03 22.61 -7.82
CA TRP H 15 -11.94 22.07 -7.03
C TRP H 15 -11.73 22.96 -5.81
N LYS H 16 -11.17 22.38 -4.76
CA LYS H 16 -10.65 23.20 -3.67
C LYS H 16 -9.19 22.82 -3.44
N ASP H 17 -8.46 23.69 -2.78
CA ASP H 17 -7.07 23.40 -2.47
C ASP H 17 -7.00 22.38 -1.33
N ALA H 18 -6.08 21.44 -1.47
CA ALA H 18 -5.87 20.37 -0.51
C ALA H 18 -4.42 19.92 -0.59
N GLU H 19 -4.12 18.82 0.09
CA GLU H 19 -2.77 18.25 0.05
C GLU H 19 -2.86 16.78 0.41
N THR H 20 -2.41 15.92 -0.51
CA THR H 20 -2.32 14.49 -0.28
C THR H 20 -1.01 13.97 -0.84
N THR H 21 -0.76 12.69 -0.60
CA THR H 21 0.51 12.06 -0.95
C THR H 21 0.60 11.83 -2.45
N LEU H 22 1.62 12.39 -3.09
CA LEU H 22 1.86 12.15 -4.50
C LEU H 22 2.87 11.04 -4.65
N PHE H 23 3.00 10.54 -5.87
CA PHE H 23 3.93 9.46 -6.14
C PHE H 23 4.81 9.76 -7.35
N CYS H 24 5.78 8.86 -7.54
CA CYS H 24 6.72 8.92 -8.63
C CYS H 24 6.05 8.71 -9.97
N ALA H 25 6.84 8.94 -11.02
CA ALA H 25 6.70 8.23 -12.29
C ALA H 25 8.10 8.22 -12.87
N SER H 26 8.84 7.14 -12.60
CA SER H 26 10.15 7.03 -13.19
C SER H 26 10.02 6.75 -14.69
N ASP H 27 10.97 7.27 -15.44
CA ASP H 27 10.94 7.05 -16.88
C ASP H 27 11.30 5.60 -17.19
N ALA H 28 10.63 5.03 -18.18
CA ALA H 28 10.80 3.60 -18.46
C ALA H 28 12.15 3.31 -19.07
N LYS H 29 12.77 4.32 -19.69
CA LYS H 29 14.08 4.16 -20.29
C LYS H 29 15.15 3.94 -19.24
N ALA H 30 14.95 4.46 -18.03
CA ALA H 30 15.89 4.23 -16.95
C ALA H 30 15.68 2.88 -16.28
N TYR H 31 14.84 2.03 -16.85
CA TYR H 31 14.61 0.71 -16.27
C TYR H 31 15.60 -0.33 -16.79
N GLU H 32 16.39 0.02 -17.80
CA GLU H 32 17.34 -0.93 -18.38
C GLU H 32 18.52 -1.17 -17.46
N THR H 33 18.90 -0.18 -16.66
CA THR H 33 20.03 -0.33 -15.76
C THR H 33 19.60 -1.20 -14.58
N GLU H 34 20.34 -2.28 -14.35
CA GLU H 34 19.81 -3.41 -13.61
C GLU H 34 19.95 -3.19 -12.12
N LYS H 35 18.83 -3.36 -11.40
CA LYS H 35 18.79 -3.59 -9.96
C LYS H 35 19.43 -2.44 -9.18
N HIS H 36 18.85 -1.25 -9.35
CA HIS H 36 19.09 -0.09 -8.50
C HIS H 36 20.56 0.36 -8.51
N ASN H 37 21.07 0.70 -9.69
CA ASN H 37 22.36 1.38 -9.71
C ASN H 37 22.20 2.82 -9.24
N VAL H 38 21.00 3.37 -9.34
CA VAL H 38 20.63 4.58 -8.65
C VAL H 38 19.42 4.21 -7.81
N TRP H 39 19.19 5.01 -6.77
CA TRP H 39 17.99 4.87 -5.97
C TRP H 39 16.75 5.17 -6.81
N ALA H 40 15.68 4.44 -6.50
CA ALA H 40 14.33 4.63 -7.05
C ALA H 40 14.32 4.52 -8.58
N THR H 41 14.70 3.36 -9.08
CA THR H 41 14.50 3.03 -10.48
C THR H 41 13.69 1.77 -10.71
N HIS H 42 13.64 0.87 -9.73
CA HIS H 42 12.70 -0.24 -9.73
C HIS H 42 11.58 -0.05 -8.73
N ALA H 43 11.78 0.80 -7.71
CA ALA H 43 10.83 0.89 -6.62
C ALA H 43 9.52 1.53 -7.05
N CYS H 44 9.57 2.60 -7.84
CA CYS H 44 8.32 3.27 -8.16
C CYS H 44 8.08 3.27 -9.68
N VAL H 45 6.96 3.86 -10.06
CA VAL H 45 6.16 3.41 -11.19
C VAL H 45 6.79 3.83 -12.52
N PRO H 46 6.77 2.97 -13.53
CA PRO H 46 7.13 3.43 -14.88
C PRO H 46 6.08 4.41 -15.38
N THR H 47 6.54 5.41 -16.11
CA THR H 47 5.70 6.55 -16.46
C THR H 47 4.74 6.19 -17.59
N ASP H 48 4.02 7.18 -18.08
CA ASP H 48 3.15 7.11 -19.23
C ASP H 48 3.68 7.99 -20.35
N PRO H 49 3.38 7.67 -21.60
CA PRO H 49 3.60 8.62 -22.68
C PRO H 49 2.50 9.67 -22.73
N ASN H 50 2.84 10.78 -23.40
CA ASN H 50 2.05 11.97 -23.76
C ASN H 50 1.02 12.38 -22.73
N PRO H 51 1.43 12.94 -21.59
CA PRO H 51 0.47 13.29 -20.54
C PRO H 51 -0.47 14.39 -21.01
N GLN H 52 -1.76 14.23 -20.71
CA GLN H 52 -2.81 15.03 -21.34
C GLN H 52 -2.84 16.44 -20.72
N GLU H 53 -1.85 17.23 -21.10
CA GLU H 53 -1.80 18.63 -20.71
C GLU H 53 -2.83 19.42 -21.50
N ILE H 54 -3.93 19.76 -20.86
CA ILE H 54 -5.09 20.34 -21.53
C ILE H 54 -5.42 21.66 -20.87
N HIS H 55 -5.65 22.68 -21.70
CA HIS H 55 -5.85 24.03 -21.20
C HIS H 55 -7.20 24.14 -20.51
N LEU H 56 -7.31 25.14 -19.65
CA LEU H 56 -8.51 25.47 -18.88
C LEU H 56 -8.75 26.94 -19.18
N GLU H 57 -9.49 27.18 -20.24
CA GLU H 57 -9.73 28.52 -20.74
C GLU H 57 -10.64 29.31 -19.80
N ASN H 58 -10.41 30.63 -19.77
CA ASN H 58 -11.18 31.57 -18.95
C ASN H 58 -11.10 31.22 -17.47
N VAL H 59 -9.94 30.77 -17.02
CA VAL H 59 -9.75 30.36 -15.63
C VAL H 59 -8.60 31.17 -15.06
N THR H 60 -8.85 31.86 -13.95
CA THR H 60 -7.80 32.45 -13.15
C THR H 60 -7.77 31.78 -11.79
N GLU H 61 -6.58 31.67 -11.22
CA GLU H 61 -6.42 30.95 -9.97
C GLU H 61 -5.30 31.58 -9.17
N GLU H 62 -5.55 31.80 -7.88
CA GLU H 62 -4.58 32.49 -7.03
C GLU H 62 -3.55 31.47 -6.63
N PHE H 63 -2.42 31.48 -7.33
CA PHE H 63 -1.36 30.56 -7.01
C PHE H 63 -0.52 31.10 -5.84
N ASN H 64 0.37 30.23 -5.37
CA ASN H 64 1.40 30.57 -4.41
C ASN H 64 2.45 29.50 -4.47
N MET H 65 3.69 29.90 -4.23
CA MET H 65 4.79 28.96 -4.23
C MET H 65 5.55 29.02 -2.93
N TRP H 66 5.23 29.98 -2.06
CA TRP H 66 5.91 30.12 -0.78
C TRP H 66 5.17 29.42 0.32
N LYS H 67 3.85 29.59 0.37
CA LYS H 67 3.02 28.77 1.23
C LYS H 67 2.55 27.52 0.51
N ASN H 68 3.22 27.14 -0.58
CA ASN H 68 2.83 25.93 -1.29
C ASN H 68 3.19 24.69 -0.50
N ASN H 69 2.34 23.68 -0.60
CA ASN H 69 2.68 22.34 -0.17
C ASN H 69 3.35 21.57 -1.30
N MET H 70 3.53 20.26 -1.10
CA MET H 70 4.05 19.26 -2.04
C MET H 70 5.50 19.47 -2.47
N VAL H 71 6.12 20.58 -2.07
CA VAL H 71 7.57 20.70 -2.13
C VAL H 71 8.24 20.37 -0.79
N GLU H 72 7.49 20.25 0.28
CA GLU H 72 8.00 19.74 1.54
C GLU H 72 7.95 18.21 1.59
N GLN H 73 6.92 17.62 0.99
CA GLN H 73 6.84 16.18 0.92
C GLN H 73 7.94 15.60 0.03
N MET H 74 8.27 16.29 -1.05
CA MET H 74 9.34 15.76 -1.90
C MET H 74 10.68 15.83 -1.17
N HIS H 75 10.85 16.84 -0.32
CA HIS H 75 12.06 16.91 0.49
C HIS H 75 12.05 15.86 1.58
N THR H 76 10.85 15.47 2.01
CA THR H 76 10.74 14.51 3.09
C THR H 76 11.13 13.14 2.57
N ASP H 77 10.55 12.75 1.44
CA ASP H 77 10.83 11.40 1.01
C ASP H 77 12.20 11.32 0.36
N ILE H 78 12.72 12.43 -0.19
CA ILE H 78 14.06 12.32 -0.74
C ILE H 78 15.09 12.19 0.38
N ILE H 79 14.84 12.80 1.55
CA ILE H 79 15.61 12.48 2.76
C ILE H 79 15.47 11.01 3.13
N SER H 80 14.26 10.48 3.01
CA SER H 80 14.06 9.15 3.55
C SER H 80 14.69 8.10 2.65
N LEU H 81 14.55 8.22 1.34
CA LEU H 81 15.23 7.24 0.51
C LEU H 81 16.72 7.50 0.40
N TRP H 82 17.19 8.69 0.80
CA TRP H 82 18.62 8.83 0.98
C TRP H 82 19.07 8.02 2.18
N ASP H 83 18.22 7.91 3.19
CA ASP H 83 18.60 7.03 4.29
C ASP H 83 18.35 5.57 3.95
N GLN H 84 17.48 5.31 2.97
CA GLN H 84 17.25 3.93 2.56
C GLN H 84 18.42 3.41 1.76
N SER H 85 19.14 4.29 1.08
CA SER H 85 20.26 3.81 0.29
C SER H 85 21.55 3.79 1.08
N LEU H 86 21.48 4.03 2.38
CA LEU H 86 22.64 3.96 3.26
C LEU H 86 22.52 2.88 4.32
N LYS H 87 21.33 2.35 4.53
CA LYS H 87 21.11 1.23 5.45
C LYS H 87 21.73 -0.09 5.00
N PRO H 88 21.75 -0.45 3.71
CA PRO H 88 22.55 -1.63 3.33
C PRO H 88 24.05 -1.42 3.45
N CYS H 89 24.54 -0.20 3.35
CA CYS H 89 25.98 0.00 3.24
C CYS H 89 26.67 -0.20 4.58
N VAL H 90 28.00 -0.35 4.51
CA VAL H 90 28.78 -0.81 5.65
C VAL H 90 29.03 0.35 6.61
N LYS H 91 28.72 0.13 7.88
CA LYS H 91 29.04 1.10 8.91
C LYS H 91 30.55 1.16 9.13
N LEU H 92 31.06 2.36 9.36
CA LEU H 92 32.49 2.63 9.37
C LEU H 92 32.95 3.05 10.78
N THR H 93 32.48 2.34 11.79
CA THR H 93 32.92 2.58 13.17
C THR H 93 34.39 2.33 13.45
N PRO H 94 35.02 1.17 13.09
CA PRO H 94 36.36 0.88 13.60
C PRO H 94 37.49 1.66 12.95
N LEU H 95 37.15 2.73 12.24
CA LEU H 95 38.13 3.63 11.66
C LEU H 95 38.51 4.76 12.60
N CYS H 96 37.78 4.97 13.69
CA CYS H 96 38.14 5.97 14.69
C CYS H 96 39.37 5.64 15.52
N VAL H 97 40.54 5.66 14.89
CA VAL H 97 41.82 5.42 15.55
C VAL H 97 42.65 6.69 15.46
N THR H 98 43.52 6.89 16.45
CA THR H 98 44.42 8.03 16.47
C THR H 98 45.44 7.97 15.34
N LEU H 99 45.29 8.85 14.35
CA LEU H 99 46.13 8.80 13.17
C LEU H 99 47.53 9.34 13.47
N GLN H 100 48.43 9.17 12.50
CA GLN H 100 49.74 9.82 12.49
C GLN H 100 49.98 10.28 11.07
N CYS H 101 49.95 11.58 10.84
CA CYS H 101 49.88 12.12 9.49
C CYS H 101 51.03 13.06 9.21
N THR H 102 51.67 12.92 8.05
CA THR H 102 52.64 13.89 7.59
C THR H 102 52.14 14.54 6.32
N ASN H 103 52.94 15.46 5.78
CA ASN H 103 52.65 16.07 4.49
C ASN H 103 52.80 15.04 3.39
N VAL H 104 51.98 15.15 2.35
CA VAL H 104 52.18 14.33 1.15
C VAL H 104 53.40 14.83 0.38
N THR H 105 54.06 13.92 -0.37
CA THR H 105 55.28 14.26 -1.08
C THR H 105 54.94 15.12 -2.31
N ASN H 106 55.35 16.38 -2.24
CA ASN H 106 54.89 17.43 -3.11
C ASN H 106 55.82 18.59 -2.86
N ASN H 107 55.83 19.57 -3.76
CA ASN H 107 56.72 20.70 -3.57
C ASN H 107 56.03 21.69 -2.65
N ILE H 108 56.31 21.59 -1.35
CA ILE H 108 55.62 22.38 -0.34
C ILE H 108 56.24 23.78 -0.39
N THR H 109 55.48 24.73 -0.92
CA THR H 109 55.85 26.12 -0.86
C THR H 109 55.24 26.71 0.41
N ASP H 110 55.89 27.75 0.96
CA ASP H 110 55.39 28.35 2.19
C ASP H 110 54.08 29.08 1.95
N ASP H 111 53.84 29.56 0.73
CA ASP H 111 52.59 30.25 0.45
C ASP H 111 51.44 29.24 0.44
N MET H 112 51.64 28.12 -0.27
CA MET H 112 50.63 27.08 -0.26
C MET H 112 50.73 26.33 1.07
N ARG H 113 49.73 25.54 1.40
CA ARG H 113 49.77 24.67 2.55
C ARG H 113 49.42 23.25 2.13
N GLY H 114 49.78 22.29 2.97
CA GLY H 114 49.57 20.89 2.64
C GLY H 114 48.09 20.60 2.70
N GLU H 115 47.48 20.28 1.57
CA GLU H 115 46.06 19.96 1.50
C GLU H 115 45.76 18.51 1.84
N LEU H 116 46.69 17.60 1.58
CA LEU H 116 46.47 16.18 1.77
C LEU H 116 47.45 15.61 2.77
N LYS H 117 46.92 14.95 3.78
CA LYS H 117 47.74 14.30 4.79
C LYS H 117 47.79 12.79 4.56
N ASN H 118 48.86 12.17 5.08
CA ASN H 118 49.16 10.76 4.81
C ASN H 118 48.37 9.84 5.72
N CYS H 119 48.56 9.98 7.03
CA CYS H 119 47.72 9.35 8.06
C CYS H 119 47.80 7.82 7.99
N SER H 120 48.95 7.31 8.42
CA SER H 120 49.13 5.88 8.61
C SER H 120 48.72 5.50 10.03
N PHE H 121 47.84 4.52 10.12
CA PHE H 121 47.25 4.08 11.39
C PHE H 121 47.26 2.57 11.55
N ASN H 122 46.54 2.09 12.56
CA ASN H 122 46.33 0.67 12.82
C ASN H 122 44.87 0.34 12.57
N MET H 123 44.63 -0.87 12.09
CA MET H 123 43.28 -1.34 11.81
C MET H 123 43.20 -2.86 11.92
N THR H 124 42.11 -3.33 12.49
CA THR H 124 41.86 -4.76 12.60
C THR H 124 41.75 -5.36 11.20
N THR H 125 42.26 -6.56 11.05
CA THR H 125 42.09 -7.32 9.82
C THR H 125 40.79 -8.11 10.00
N GLU H 126 40.52 -9.10 9.14
CA GLU H 126 39.32 -9.90 9.31
C GLU H 126 39.45 -10.81 10.53
N LEU H 127 40.66 -11.18 10.90
CA LEU H 127 40.88 -11.85 12.17
C LEU H 127 40.77 -10.86 13.31
N ARG H 128 40.16 -11.32 14.41
CA ARG H 128 39.95 -10.45 15.55
C ARG H 128 41.21 -10.25 16.37
N ASP H 129 42.20 -11.12 16.21
CA ASP H 129 43.39 -10.96 17.01
C ASP H 129 44.38 -9.96 16.41
N LYS H 130 44.72 -10.13 15.14
CA LYS H 130 45.74 -9.31 14.54
C LYS H 130 45.25 -7.90 14.24
N LYS H 131 46.20 -6.97 14.18
CA LYS H 131 45.92 -5.58 13.84
C LYS H 131 47.02 -5.13 12.90
N GLN H 132 46.68 -4.96 11.63
CA GLN H 132 47.63 -4.49 10.64
C GLN H 132 47.86 -2.99 10.79
N LYS H 133 48.98 -2.53 10.28
CA LYS H 133 49.29 -1.11 10.23
C LYS H 133 49.24 -0.66 8.78
N VAL H 134 48.19 0.07 8.44
CA VAL H 134 47.92 0.47 7.07
C VAL H 134 48.01 1.98 6.96
N TYR H 135 48.15 2.45 5.73
CA TYR H 135 48.17 3.87 5.45
C TYR H 135 47.18 4.19 4.35
N SER H 136 46.92 5.47 4.18
CA SER H 136 45.88 5.96 3.29
C SER H 136 46.33 7.31 2.76
N LEU H 137 45.39 8.10 2.26
CA LEU H 137 45.57 9.53 2.06
C LEU H 137 44.28 10.22 2.46
N PHE H 138 44.41 11.44 2.98
CA PHE H 138 43.24 12.13 3.49
C PHE H 138 43.30 13.62 3.24
N TYR H 139 42.13 14.21 2.99
CA TYR H 139 42.03 15.64 2.81
C TYR H 139 42.09 16.35 4.16
N ARG H 140 42.42 17.64 4.12
CA ARG H 140 42.51 18.40 5.36
C ARG H 140 41.15 18.69 5.96
N LEU H 141 40.10 18.64 5.15
CA LEU H 141 38.74 18.80 5.64
C LEU H 141 38.16 17.51 6.16
N ASP H 142 39.02 16.54 6.47
CA ASP H 142 38.59 15.29 7.04
C ASP H 142 39.40 14.90 8.27
N VAL H 143 40.43 15.64 8.61
CA VAL H 143 41.26 15.36 9.77
C VAL H 143 41.31 16.58 10.68
N VAL H 144 41.34 16.32 11.98
CA VAL H 144 41.55 17.36 12.98
C VAL H 144 42.70 16.90 13.86
N GLN H 145 43.30 17.86 14.57
CA GLN H 145 44.55 17.61 15.25
C GLN H 145 44.31 17.16 16.68
N ILE H 146 44.93 16.06 17.06
CA ILE H 146 44.93 15.62 18.45
C ILE H 146 46.06 16.35 19.15
N ASN H 147 45.72 17.19 20.12
CA ASN H 147 46.70 18.06 20.74
C ASN H 147 46.64 18.00 22.25
N SER H 157 58.42 17.36 18.92
CA SER H 157 57.50 16.36 19.45
C SER H 157 56.99 15.45 18.34
N ASN H 158 55.66 15.44 18.17
CA ASN H 158 55.02 14.62 17.17
C ASN H 158 53.77 15.33 16.68
N LYS H 159 53.03 14.66 15.79
CA LYS H 159 51.84 15.25 15.19
C LYS H 159 50.88 14.12 14.85
N GLU H 160 49.82 14.00 15.64
CA GLU H 160 48.86 12.92 15.49
C GLU H 160 47.45 13.47 15.37
N TYR H 161 46.72 12.99 14.37
CA TYR H 161 45.40 13.52 14.08
C TYR H 161 44.33 12.53 14.50
N ARG H 162 43.09 12.85 14.13
CA ARG H 162 41.97 11.93 14.21
C ARG H 162 40.95 12.42 13.19
N LEU H 163 39.92 11.61 12.97
CA LEU H 163 38.88 12.03 12.05
C LEU H 163 38.03 13.13 12.66
N ILE H 164 37.50 14.00 11.80
CA ILE H 164 36.74 15.13 12.29
C ILE H 164 35.36 14.68 12.72
N ASN H 165 34.78 13.72 11.99
CA ASN H 165 33.46 13.21 12.31
C ASN H 165 33.52 12.14 13.37
N CYS H 166 34.73 11.81 13.84
CA CYS H 166 34.88 10.82 14.88
C CYS H 166 34.26 11.32 16.17
N ASN H 167 34.25 12.63 16.35
CA ASN H 167 33.41 13.21 17.37
C ASN H 167 31.97 13.19 16.89
N THR H 168 31.11 12.62 17.72
CA THR H 168 29.66 12.74 17.70
C THR H 168 28.90 12.05 16.57
N SER H 169 29.56 11.47 15.57
CA SER H 169 28.78 10.83 14.51
C SER H 169 29.60 9.78 13.75
N ALA H 170 29.50 8.53 14.20
CA ALA H 170 30.04 7.43 13.41
C ALA H 170 29.08 7.15 12.26
N CYS H 171 29.60 7.10 11.03
CA CYS H 171 28.70 7.10 9.89
C CYS H 171 29.24 6.19 8.81
N THR H 172 28.32 5.77 7.94
CA THR H 172 28.54 4.63 7.07
C THR H 172 29.41 5.03 5.88
N GLN H 173 29.94 4.02 5.22
CA GLN H 173 30.52 4.20 3.90
C GLN H 173 29.37 4.18 2.89
N ALA H 174 29.65 4.42 1.62
CA ALA H 174 28.66 4.27 0.55
C ALA H 174 29.06 3.19 -0.44
N CYS H 175 28.13 2.27 -0.68
CA CYS H 175 28.37 1.12 -1.52
C CYS H 175 28.58 1.59 -2.95
N PRO H 176 29.65 1.17 -3.63
CA PRO H 176 29.89 1.65 -5.00
C PRO H 176 28.92 1.13 -6.04
N LYS H 177 28.01 0.22 -5.68
CA LYS H 177 26.94 -0.14 -6.60
C LYS H 177 25.98 1.03 -6.84
N VAL H 178 25.54 1.71 -5.79
CA VAL H 178 24.61 2.82 -6.00
C VAL H 178 25.35 4.03 -6.56
N SER H 179 24.59 4.95 -7.14
CA SER H 179 25.12 6.13 -7.79
C SER H 179 24.26 7.33 -7.41
N PHE H 180 24.88 8.48 -7.23
CA PHE H 180 24.20 9.67 -6.78
C PHE H 180 23.72 10.55 -7.92
N GLU H 181 23.69 10.05 -9.15
CA GLU H 181 23.23 10.89 -10.25
C GLU H 181 21.74 11.17 -10.18
N PRO H 182 21.32 12.35 -10.64
CA PRO H 182 19.88 12.67 -10.70
C PRO H 182 19.25 12.08 -11.96
N ILE H 183 18.13 11.41 -11.78
CA ILE H 183 17.28 11.00 -12.89
C ILE H 183 16.02 11.86 -12.86
N PRO H 184 15.33 12.07 -13.98
CA PRO H 184 14.09 12.84 -13.93
C PRO H 184 13.03 12.11 -13.14
N ILE H 185 12.19 12.88 -12.47
CA ILE H 185 11.09 12.34 -11.67
C ILE H 185 9.80 13.06 -12.02
N HIS H 186 8.82 12.33 -12.51
CA HIS H 186 7.51 12.89 -12.81
C HIS H 186 6.58 12.62 -11.64
N TYR H 187 6.27 13.64 -10.87
CA TYR H 187 5.28 13.49 -9.81
C TYR H 187 3.89 13.40 -10.38
N CYS H 188 3.11 12.43 -9.93
CA CYS H 188 1.75 12.29 -10.43
C CYS H 188 0.76 12.26 -9.29
N ALA H 189 -0.39 12.88 -9.51
CA ALA H 189 -1.50 12.84 -8.58
C ALA H 189 -2.25 11.51 -8.71
N PRO H 190 -2.87 11.03 -7.65
CA PRO H 190 -3.71 9.84 -7.76
C PRO H 190 -5.06 10.22 -8.39
N ALA H 191 -5.95 9.23 -8.47
CA ALA H 191 -7.24 9.44 -9.08
C ALA H 191 -8.12 10.33 -8.21
N GLY H 192 -8.77 11.31 -8.83
CA GLY H 192 -9.61 12.25 -8.11
C GLY H 192 -8.95 13.54 -7.72
N PHE H 193 -7.70 13.74 -8.06
CA PHE H 193 -6.97 14.95 -7.71
C PHE H 193 -6.32 15.49 -8.97
N ALA H 194 -6.39 16.79 -9.17
CA ALA H 194 -5.71 17.37 -10.32
C ALA H 194 -4.49 18.16 -9.91
N ILE H 195 -3.64 18.42 -10.90
CA ILE H 195 -2.44 19.22 -10.70
C ILE H 195 -2.53 20.39 -11.66
N LEU H 196 -2.76 21.57 -11.12
CA LEU H 196 -2.81 22.78 -11.94
C LEU H 196 -1.40 23.29 -12.21
N LYS H 197 -1.12 23.64 -13.45
CA LYS H 197 0.17 24.12 -13.87
C LYS H 197 -0.04 25.50 -14.46
N CYS H 198 0.66 26.49 -13.93
CA CYS H 198 0.50 27.87 -14.37
C CYS H 198 1.36 28.08 -15.60
N LYS H 199 0.71 28.35 -16.73
CA LYS H 199 1.39 28.51 -18.00
C LYS H 199 1.75 29.97 -18.29
N ASP H 200 1.70 30.84 -17.30
CA ASP H 200 1.92 32.25 -17.54
C ASP H 200 3.40 32.52 -17.73
N LYS H 201 3.75 33.24 -18.80
CA LYS H 201 5.15 33.55 -19.03
C LYS H 201 5.62 34.75 -18.21
N LYS H 202 4.71 35.43 -17.53
CA LYS H 202 5.06 36.50 -16.60
C LYS H 202 4.30 36.19 -15.31
N PHE H 203 4.97 35.55 -14.36
CA PHE H 203 4.30 35.09 -13.15
C PHE H 203 5.32 35.06 -12.01
N ASN H 204 5.18 35.98 -11.07
CA ASN H 204 5.93 35.90 -9.81
C ASN H 204 5.26 34.92 -8.86
N GLY H 205 5.60 34.99 -7.58
CA GLY H 205 5.11 34.06 -6.59
C GLY H 205 3.61 33.91 -6.44
N THR H 206 2.96 34.95 -5.94
CA THR H 206 1.54 34.90 -5.65
C THR H 206 0.81 35.39 -6.91
N GLY H 207 -0.48 35.69 -6.83
CA GLY H 207 -1.18 36.37 -7.89
C GLY H 207 -1.95 35.42 -8.78
N PRO H 208 -3.03 35.95 -9.38
CA PRO H 208 -3.86 35.11 -10.27
C PRO H 208 -3.11 34.78 -11.54
N CYS H 209 -3.05 33.50 -11.86
CA CYS H 209 -2.40 33.07 -13.08
C CYS H 209 -3.46 32.88 -14.14
N PRO H 210 -3.55 33.77 -15.13
CA PRO H 210 -4.70 33.73 -16.04
C PRO H 210 -4.53 32.74 -17.18
N SER H 211 -3.59 31.82 -17.06
CA SER H 211 -3.44 30.78 -18.08
C SER H 211 -2.95 29.52 -17.37
N VAL H 212 -3.89 28.67 -17.00
CA VAL H 212 -3.59 27.46 -16.27
C VAL H 212 -3.78 26.28 -17.22
N SER H 213 -3.39 25.10 -16.75
CA SER H 213 -3.59 23.89 -17.51
C SER H 213 -3.54 22.71 -16.55
N THR H 214 -4.34 21.70 -16.83
CA THR H 214 -4.46 20.58 -15.91
C THR H 214 -3.59 19.44 -16.41
N VAL H 215 -2.73 18.93 -15.53
CA VAL H 215 -2.00 17.72 -15.89
C VAL H 215 -2.37 16.62 -14.92
N GLN H 216 -1.80 15.44 -15.15
CA GLN H 216 -1.84 14.36 -14.20
C GLN H 216 -0.45 13.96 -13.74
N CYS H 217 0.58 14.27 -14.51
CA CYS H 217 1.95 13.99 -14.12
C CYS H 217 2.81 15.19 -14.48
N THR H 218 3.69 15.58 -13.55
CA THR H 218 4.56 16.70 -13.77
C THR H 218 5.66 16.34 -14.76
N HIS H 219 6.34 17.36 -15.24
CA HIS H 219 7.48 17.13 -16.10
C HIS H 219 8.64 16.56 -15.28
N GLY H 220 9.64 16.03 -15.99
CA GLY H 220 10.71 15.29 -15.33
C GLY H 220 11.54 16.17 -14.43
N ILE H 221 11.37 16.02 -13.12
CA ILE H 221 12.15 16.79 -12.16
C ILE H 221 13.42 16.03 -11.81
N LYS H 222 14.55 16.70 -11.90
CA LYS H 222 15.82 16.14 -11.48
C LYS H 222 16.07 16.58 -10.04
N PRO H 223 16.11 15.67 -9.09
CA PRO H 223 16.51 16.05 -7.74
C PRO H 223 18.02 16.21 -7.66
N VAL H 224 18.46 17.45 -7.63
CA VAL H 224 19.87 17.76 -7.49
C VAL H 224 20.06 18.35 -6.09
N VAL H 225 21.31 18.47 -5.65
CA VAL H 225 21.65 19.08 -4.37
C VAL H 225 22.76 20.09 -4.60
N SER H 226 22.38 21.34 -4.83
CA SER H 226 23.32 22.44 -4.85
C SER H 226 22.84 23.51 -3.89
N THR H 227 23.79 24.19 -3.25
CA THR H 227 23.44 25.18 -2.24
C THR H 227 23.28 26.54 -2.89
N GLN H 228 24.35 27.05 -3.45
CA GLN H 228 24.33 28.17 -4.38
C GLN H 228 24.48 27.61 -5.78
N LEU H 229 24.18 28.46 -6.78
CA LEU H 229 24.30 28.13 -8.20
C LEU H 229 23.48 26.90 -8.57
N LEU H 230 22.15 27.08 -8.59
CA LEU H 230 21.25 26.02 -9.06
C LEU H 230 21.67 25.50 -10.42
N LEU H 231 21.52 24.19 -10.62
CA LEU H 231 22.07 23.56 -11.79
C LEU H 231 21.03 22.76 -12.55
N ASN H 232 21.20 22.74 -13.88
CA ASN H 232 20.65 21.70 -14.75
C ASN H 232 19.13 21.70 -14.80
N GLY H 233 18.46 22.83 -14.59
CA GLY H 233 17.01 22.73 -14.61
C GLY H 233 16.14 23.97 -14.79
N SER H 234 15.20 23.89 -15.73
CA SER H 234 13.99 24.71 -15.80
C SER H 234 14.30 26.20 -15.95
N LEU H 235 14.84 26.53 -17.11
CA LEU H 235 15.12 27.91 -17.47
C LEU H 235 13.83 28.69 -17.67
N ALA H 236 13.95 30.01 -17.64
CA ALA H 236 12.78 30.86 -17.70
C ALA H 236 12.42 31.10 -19.16
N GLU H 237 11.29 31.78 -19.39
CA GLU H 237 10.77 31.86 -20.76
C GLU H 237 11.46 32.98 -21.55
N GLU H 238 11.24 34.22 -21.14
CA GLU H 238 11.68 35.38 -21.92
C GLU H 238 12.75 36.19 -21.20
N GLU H 239 12.47 36.71 -20.02
CA GLU H 239 13.34 37.58 -19.27
C GLU H 239 14.06 36.79 -18.19
N VAL H 240 14.73 37.50 -17.30
CA VAL H 240 15.24 36.93 -16.06
C VAL H 240 14.22 37.23 -14.98
N MET H 241 13.55 36.21 -14.49
CA MET H 241 12.48 36.44 -13.53
C MET H 241 13.05 36.29 -12.14
N ILE H 242 12.82 37.29 -11.31
CA ILE H 242 13.10 37.22 -9.89
C ILE H 242 11.79 37.14 -9.12
N ARG H 243 11.83 36.44 -8.01
CA ARG H 243 10.63 36.16 -7.25
C ARG H 243 11.02 35.86 -5.81
N SER H 244 10.25 36.37 -4.88
CA SER H 244 10.53 36.17 -3.46
C SER H 244 9.20 36.22 -2.72
N GLU H 245 9.29 36.26 -1.40
CA GLU H 245 8.23 36.78 -0.55
C GLU H 245 8.41 38.30 -0.48
N ASN H 246 7.94 38.92 0.61
CA ASN H 246 8.18 40.35 0.81
C ASN H 246 9.61 40.77 0.56
N ILE H 247 9.79 41.58 -0.49
CA ILE H 247 11.12 41.94 -0.93
C ILE H 247 11.68 43.02 -0.02
N THR H 248 10.83 43.60 0.82
CA THR H 248 11.27 44.46 1.90
C THR H 248 11.52 43.69 3.19
N ASN H 249 11.78 42.38 3.08
CA ASN H 249 12.27 41.59 4.18
C ASN H 249 13.71 41.22 3.89
N ASN H 250 14.45 40.93 4.95
CA ASN H 250 15.89 40.70 4.83
C ASN H 250 16.26 39.27 5.15
N ALA H 251 15.30 38.47 5.57
CA ALA H 251 15.51 37.08 5.92
C ALA H 251 15.01 36.13 4.84
N LYS H 252 14.36 36.66 3.81
CA LYS H 252 13.83 35.83 2.73
C LYS H 252 14.70 35.94 1.48
N ASN H 253 15.15 34.79 1.00
CA ASN H 253 16.08 34.73 -0.11
C ASN H 253 15.40 35.16 -1.40
N ILE H 254 16.20 35.64 -2.34
CA ILE H 254 15.73 36.08 -3.63
C ILE H 254 16.12 35.03 -4.67
N LEU H 255 15.19 34.14 -4.99
CA LEU H 255 15.46 33.06 -5.94
C LEU H 255 15.42 33.63 -7.35
N VAL H 256 16.59 34.03 -7.84
CA VAL H 256 16.72 34.46 -9.22
C VAL H 256 16.69 33.24 -10.13
N GLN H 257 15.93 33.31 -11.21
CA GLN H 257 15.95 32.26 -12.22
C GLN H 257 16.04 32.92 -13.59
N PHE H 258 17.17 32.73 -14.26
CA PHE H 258 17.45 33.44 -15.49
C PHE H 258 17.24 32.54 -16.71
N ASN H 259 17.26 33.18 -17.87
CA ASN H 259 16.64 32.67 -19.08
C ASN H 259 17.61 31.84 -19.93
N THR H 260 18.84 32.31 -20.10
CA THR H 260 19.82 31.51 -20.84
C THR H 260 20.80 30.82 -19.91
N PRO H 261 21.18 29.57 -20.19
CA PRO H 261 22.02 28.83 -19.24
C PRO H 261 23.46 29.26 -19.33
N VAL H 262 24.18 29.10 -18.23
CA VAL H 262 25.60 29.43 -18.19
C VAL H 262 26.35 28.14 -17.97
N GLN H 263 27.22 27.75 -18.90
CA GLN H 263 27.77 26.42 -18.87
C GLN H 263 28.99 26.38 -17.96
N ILE H 264 28.97 25.46 -17.00
CA ILE H 264 30.06 25.28 -16.07
C ILE H 264 30.74 23.95 -16.37
N ASN H 265 32.03 23.89 -16.07
CA ASN H 265 32.88 22.83 -16.58
C ASN H 265 33.78 22.31 -15.46
N CYS H 266 33.19 21.95 -14.33
CA CYS H 266 34.00 21.61 -13.16
C CYS H 266 34.70 20.29 -13.36
N THR H 267 35.92 20.20 -12.85
CA THR H 267 36.73 19.03 -13.07
C THR H 267 37.62 18.79 -11.87
N ARG H 268 38.30 17.65 -11.90
CA ARG H 268 39.30 17.32 -10.91
C ARG H 268 40.36 16.46 -11.57
N PRO H 269 41.57 17.01 -11.78
CA PRO H 269 42.54 16.36 -12.67
C PRO H 269 43.54 15.43 -12.01
N ASN H 270 43.42 15.14 -10.71
CA ASN H 270 44.22 14.10 -10.09
C ASN H 270 43.70 12.71 -10.47
N ASN H 271 44.64 11.76 -10.59
CA ASN H 271 44.27 10.40 -10.99
C ASN H 271 43.65 9.59 -9.85
N ASN H 272 44.22 9.66 -8.64
CA ASN H 272 43.58 9.22 -7.39
C ASN H 272 43.24 7.72 -7.41
N THR H 273 44.30 6.91 -7.42
CA THR H 273 44.11 5.46 -7.42
C THR H 273 43.52 4.95 -6.11
N ARG H 274 42.54 4.06 -6.22
CA ARG H 274 41.86 3.47 -5.07
C ARG H 274 42.60 2.21 -4.59
N LYS H 275 42.28 1.78 -3.37
CA LYS H 275 42.71 0.49 -2.86
C LYS H 275 41.76 0.04 -1.76
N SER H 276 41.74 -1.27 -1.53
CA SER H 276 40.77 -1.90 -0.62
C SER H 276 41.49 -2.45 0.61
N ILE H 277 41.15 -1.90 1.76
CA ILE H 277 41.58 -2.39 3.06
C ILE H 277 40.48 -3.23 3.68
N ARG H 278 40.82 -4.38 4.24
CA ARG H 278 39.80 -5.25 4.79
C ARG H 278 39.64 -4.93 6.26
N ILE H 279 38.45 -4.46 6.63
CA ILE H 279 38.17 -4.11 8.01
C ILE H 279 37.93 -5.35 8.84
N GLY H 280 37.05 -6.23 8.36
CA GLY H 280 36.71 -7.43 9.06
C GLY H 280 36.14 -8.48 8.14
N PRO H 281 35.15 -9.19 8.60
CA PRO H 281 34.49 -10.20 7.78
C PRO H 281 33.59 -9.55 6.74
N GLY H 282 34.04 -9.55 5.49
CA GLY H 282 33.21 -9.05 4.42
C GLY H 282 32.98 -7.56 4.45
N GLN H 283 33.79 -6.82 5.16
CA GLN H 283 33.67 -5.36 5.19
C GLN H 283 34.89 -4.75 4.53
N ALA H 284 34.78 -4.45 3.24
CA ALA H 284 35.88 -3.77 2.58
C ALA H 284 35.77 -2.29 2.85
N PHE H 285 36.91 -1.60 2.79
CA PHE H 285 36.92 -0.15 2.89
C PHE H 285 37.82 0.41 1.81
N TYR H 286 37.28 1.30 0.98
CA TYR H 286 38.01 1.83 -0.16
C TYR H 286 38.65 3.15 0.25
N ALA H 287 39.98 3.17 0.26
CA ALA H 287 40.75 4.37 0.57
C ALA H 287 41.60 4.72 -0.63
N THR H 288 41.83 6.01 -0.81
CA THR H 288 42.67 6.45 -1.91
C THR H 288 44.13 6.11 -1.67
N GLY H 289 44.72 5.38 -2.60
CA GLY H 289 46.10 4.96 -2.50
C GLY H 289 47.00 6.01 -3.11
N ASP H 290 47.78 5.60 -4.10
CA ASP H 290 48.67 6.55 -4.75
C ASP H 290 47.89 7.49 -5.66
N ILE H 291 48.49 8.65 -5.90
CA ILE H 291 48.00 9.62 -6.87
C ILE H 291 49.01 9.68 -8.00
N ILE H 292 48.56 9.44 -9.22
CA ILE H 292 49.45 9.33 -10.36
C ILE H 292 49.51 10.67 -11.08
N GLY H 293 50.72 11.19 -11.26
CA GLY H 293 50.93 12.43 -11.97
C GLY H 293 51.40 13.53 -11.04
N ASP H 294 50.66 14.63 -11.00
CA ASP H 294 50.99 15.80 -10.21
C ASP H 294 49.84 16.12 -9.28
N ILE H 295 50.16 16.85 -8.22
CA ILE H 295 49.16 17.25 -7.25
C ILE H 295 48.71 18.66 -7.59
N ARG H 296 47.58 18.75 -8.27
CA ARG H 296 47.03 20.00 -8.73
C ARG H 296 45.63 20.17 -8.15
N GLN H 297 45.18 21.41 -8.02
CA GLN H 297 43.90 21.68 -7.39
C GLN H 297 42.72 21.61 -8.35
N ALA H 298 41.63 21.02 -7.88
CA ALA H 298 40.41 20.93 -8.65
C ALA H 298 39.72 22.28 -8.65
N HIS H 299 39.22 22.70 -9.82
CA HIS H 299 38.69 24.03 -10.00
C HIS H 299 37.44 23.98 -10.87
N CYS H 300 36.85 25.15 -11.10
CA CYS H 300 35.73 25.27 -12.01
C CYS H 300 35.98 26.51 -12.84
N ASN H 301 35.44 26.53 -14.05
CA ASN H 301 35.65 27.69 -14.91
C ASN H 301 34.31 28.17 -15.47
N VAL H 302 34.13 29.49 -15.60
CA VAL H 302 33.05 30.06 -16.41
C VAL H 302 33.53 31.16 -17.36
N SER H 303 32.80 31.32 -18.46
CA SER H 303 33.13 32.34 -19.45
C SER H 303 32.69 33.72 -18.99
N LYS H 304 33.62 34.69 -19.04
CA LYS H 304 33.36 36.03 -18.55
C LYS H 304 32.38 36.81 -19.40
N ALA H 305 32.34 36.54 -20.71
CA ALA H 305 31.40 37.24 -21.57
C ALA H 305 29.96 36.83 -21.34
N THR H 306 29.73 35.60 -20.93
CA THR H 306 28.35 35.20 -20.72
C THR H 306 27.91 35.62 -19.34
N TRP H 307 28.80 35.44 -18.38
CA TRP H 307 28.46 35.68 -17.00
C TRP H 307 28.30 37.17 -16.71
N ASN H 308 29.18 38.00 -17.25
CA ASN H 308 29.03 39.44 -17.01
C ASN H 308 27.79 39.97 -17.70
N GLU H 309 27.40 39.38 -18.82
CA GLU H 309 26.16 39.77 -19.47
C GLU H 309 24.95 39.32 -18.67
N THR H 310 25.05 38.18 -18.01
CA THR H 310 23.93 37.72 -17.22
C THR H 310 23.77 38.55 -15.96
N LEU H 311 24.88 38.97 -15.36
CA LEU H 311 24.74 39.91 -14.27
C LEU H 311 24.28 41.29 -14.75
N GLY H 312 24.52 41.62 -16.02
CA GLY H 312 23.95 42.82 -16.59
C GLY H 312 22.45 42.71 -16.78
N LYS H 313 21.97 41.48 -16.92
CA LYS H 313 20.53 41.26 -17.03
C LYS H 313 19.89 41.36 -15.65
N VAL H 314 20.46 40.65 -14.68
CA VAL H 314 19.84 40.62 -13.36
C VAL H 314 20.01 41.94 -12.62
N VAL H 315 20.89 42.82 -13.09
CA VAL H 315 20.97 44.12 -12.45
C VAL H 315 19.96 45.04 -13.10
N LYS H 316 19.41 44.65 -14.23
CA LYS H 316 18.33 45.40 -14.82
C LYS H 316 17.03 44.99 -14.17
N GLN H 317 16.86 43.69 -13.98
CA GLN H 317 15.63 43.20 -13.39
C GLN H 317 15.54 43.48 -11.89
N LEU H 318 16.67 43.65 -11.20
CA LEU H 318 16.59 44.01 -9.78
C LEU H 318 16.13 45.46 -9.59
N ARG H 319 16.42 46.32 -10.56
CA ARG H 319 15.94 47.69 -10.44
C ARG H 319 14.45 47.80 -10.67
N LYS H 320 13.82 46.75 -11.20
CA LYS H 320 12.38 46.80 -11.34
C LYS H 320 11.71 46.70 -9.98
N HIS H 321 12.40 46.10 -8.99
CA HIS H 321 11.87 46.01 -7.65
C HIS H 321 12.47 47.03 -6.69
N PHE H 322 13.65 47.55 -6.98
CA PHE H 322 14.29 48.50 -6.09
C PHE H 322 14.46 49.88 -6.71
N GLY H 323 13.71 50.15 -7.77
CA GLY H 323 13.75 51.42 -8.44
C GLY H 323 15.01 51.57 -9.27
N ASN H 324 15.05 52.66 -10.01
CA ASN H 324 16.20 53.01 -10.81
C ASN H 324 17.16 53.86 -9.97
N ASN H 325 18.24 54.31 -10.62
CA ASN H 325 19.40 54.98 -10.00
C ASN H 325 19.79 54.36 -8.66
N THR H 326 19.84 53.04 -8.64
CA THR H 326 20.19 52.29 -7.45
C THR H 326 21.49 51.52 -7.67
N ILE H 327 22.52 51.87 -6.91
CA ILE H 327 23.86 51.37 -7.21
C ILE H 327 23.96 49.96 -6.67
N ILE H 328 23.61 48.99 -7.49
CA ILE H 328 23.58 47.60 -7.05
C ILE H 328 24.97 47.00 -7.14
N ARG H 329 25.42 46.41 -6.03
CA ARG H 329 26.71 45.75 -6.01
C ARG H 329 26.55 44.35 -5.42
N PHE H 330 27.57 43.52 -5.63
CA PHE H 330 27.54 42.16 -5.15
C PHE H 330 28.73 41.87 -4.24
N ALA H 331 28.59 40.83 -3.44
CA ALA H 331 29.66 40.42 -2.54
C ALA H 331 29.59 38.90 -2.42
N ASN H 332 30.36 38.34 -1.50
CA ASN H 332 30.67 36.91 -1.54
C ASN H 332 30.35 36.22 -0.21
N SER H 333 29.14 36.47 0.32
CA SER H 333 28.55 35.71 1.42
C SER H 333 29.41 35.77 2.67
N SER H 334 29.40 36.97 3.28
CA SER H 334 30.33 37.47 4.29
C SER H 334 30.86 36.43 5.27
N GLY H 335 29.99 35.57 5.78
CA GLY H 335 30.44 34.54 6.69
C GLY H 335 29.50 33.35 6.65
N GLY H 336 29.81 32.37 7.47
CA GLY H 336 28.97 31.20 7.65
C GLY H 336 29.81 29.95 7.63
N ASP H 337 29.12 28.81 7.63
CA ASP H 337 29.78 27.51 7.59
C ASP H 337 30.32 27.20 6.20
N LEU H 338 30.95 26.04 6.07
CA LEU H 338 31.54 25.64 4.80
C LEU H 338 30.48 25.25 3.78
N GLU H 339 29.25 25.01 4.21
CA GLU H 339 28.22 24.56 3.30
C GLU H 339 27.27 25.67 2.94
N VAL H 340 27.56 26.91 3.33
CA VAL H 340 26.73 28.03 2.93
C VAL H 340 27.61 29.09 2.29
N THR H 341 28.86 29.16 2.72
CA THR H 341 29.82 30.06 2.07
C THR H 341 30.34 29.51 0.75
N THR H 342 29.96 28.31 0.36
CA THR H 342 30.58 27.67 -0.79
C THR H 342 29.51 27.21 -1.76
N HIS H 343 29.94 26.92 -2.98
CA HIS H 343 29.05 26.33 -3.97
C HIS H 343 29.18 24.83 -3.79
N SER H 344 28.29 24.25 -3.01
CA SER H 344 28.42 22.85 -2.61
C SER H 344 27.62 22.01 -3.57
N PHE H 345 28.27 21.06 -4.23
CA PHE H 345 27.55 20.25 -5.20
C PHE H 345 28.21 18.88 -5.35
N ASN H 346 27.61 18.08 -6.22
CA ASN H 346 28.04 16.73 -6.55
C ASN H 346 28.44 16.68 -8.01
N CYS H 347 29.45 15.88 -8.31
CA CYS H 347 29.94 15.80 -9.68
C CYS H 347 30.53 14.39 -9.85
N GLY H 348 29.77 13.52 -10.51
CA GLY H 348 30.28 12.21 -10.83
C GLY H 348 30.46 11.29 -9.65
N GLY H 349 29.96 11.67 -8.49
CA GLY H 349 30.13 10.87 -7.31
C GLY H 349 31.08 11.48 -6.32
N GLU H 350 31.54 12.71 -6.55
CA GLU H 350 32.40 13.35 -5.56
C GLU H 350 31.92 14.77 -5.30
N PHE H 351 32.20 15.25 -4.09
CA PHE H 351 31.45 16.34 -3.50
C PHE H 351 32.33 17.57 -3.43
N PHE H 352 32.15 18.47 -4.38
CA PHE H 352 32.95 19.67 -4.45
C PHE H 352 32.41 20.79 -3.59
N TYR H 353 33.33 21.47 -2.89
CA TYR H 353 33.06 22.72 -2.19
C TYR H 353 33.96 23.78 -2.80
N CYS H 354 33.38 24.67 -3.58
CA CYS H 354 34.13 25.64 -4.36
C CYS H 354 34.28 26.93 -3.55
N ASN H 355 34.67 28.02 -4.21
CA ASN H 355 34.87 29.32 -3.55
C ASN H 355 34.39 30.36 -4.55
N THR H 356 33.10 30.69 -4.46
CA THR H 356 32.49 31.71 -5.30
C THR H 356 32.86 33.07 -4.73
N SER H 357 34.06 33.52 -5.05
CA SER H 357 34.48 34.86 -4.71
C SER H 357 35.13 35.57 -5.88
N GLY H 358 35.20 34.92 -7.04
CA GLY H 358 35.61 35.58 -8.25
C GLY H 358 34.40 35.85 -9.10
N LEU H 359 33.26 35.32 -8.67
CA LEU H 359 32.01 35.50 -9.39
C LEU H 359 31.22 36.69 -8.87
N PHE H 360 30.84 36.63 -7.62
CA PHE H 360 29.93 37.61 -7.04
C PHE H 360 30.71 38.81 -6.51
N ASN H 361 31.35 39.53 -7.43
CA ASN H 361 32.21 40.63 -6.99
C ASN H 361 32.21 41.68 -8.11
N SER H 362 31.30 42.63 -7.99
CA SER H 362 31.12 43.68 -8.98
C SER H 362 30.40 44.84 -8.30
N THR H 363 30.17 45.89 -9.09
CA THR H 363 29.29 46.97 -8.67
C THR H 363 28.76 47.64 -9.92
N TRP H 364 27.48 48.01 -9.90
CA TRP H 364 26.78 48.43 -11.10
C TRP H 364 26.03 49.73 -10.84
N ILE H 365 26.27 50.72 -11.67
CA ILE H 365 25.59 52.01 -11.56
C ILE H 365 24.64 52.11 -12.76
N SER H 366 23.56 52.86 -12.60
CA SER H 366 22.43 52.82 -13.51
C SER H 366 22.72 53.46 -14.87
N ASN H 367 23.95 53.93 -15.10
CA ASN H 367 24.31 54.52 -16.37
C ASN H 367 24.47 53.44 -17.43
N ASN H 379 36.96 36.18 -24.03
CA ASN H 379 37.26 34.81 -24.42
C ASN H 379 37.75 34.00 -23.23
N ASP H 380 38.45 34.67 -22.34
CA ASP H 380 39.04 34.01 -21.19
C ASP H 380 37.96 33.60 -20.19
N SER H 381 38.38 32.79 -19.22
CA SER H 381 37.49 32.21 -18.24
C SER H 381 37.89 32.61 -16.82
N ILE H 382 36.89 32.70 -15.95
CA ILE H 382 37.10 32.93 -14.53
C ILE H 382 37.22 31.56 -13.86
N THR H 383 38.35 31.35 -13.20
CA THR H 383 38.64 30.10 -12.52
C THR H 383 38.30 30.23 -11.04
N LEU H 384 37.54 29.28 -10.54
CA LEU H 384 37.11 29.21 -9.16
C LEU H 384 37.86 28.08 -8.50
N PRO H 385 38.71 28.34 -7.51
CA PRO H 385 39.50 27.29 -6.88
C PRO H 385 38.59 26.50 -5.96
N CYS H 386 38.28 25.27 -6.35
CA CYS H 386 37.36 24.48 -5.57
C CYS H 386 38.16 23.63 -4.59
N ARG H 387 37.45 22.90 -3.72
CA ARG H 387 38.10 22.03 -2.75
C ARG H 387 37.17 20.89 -2.39
N ILE H 388 37.74 19.72 -2.10
CA ILE H 388 36.97 18.50 -1.99
C ILE H 388 36.99 17.99 -0.55
N LYS H 389 35.83 17.53 -0.09
CA LYS H 389 35.64 16.95 1.23
C LYS H 389 34.98 15.60 1.05
N GLN H 390 35.42 14.60 1.81
CA GLN H 390 34.94 13.24 1.58
C GLN H 390 33.78 12.85 2.49
N ILE H 391 33.85 13.15 3.79
CA ILE H 391 32.67 12.97 4.62
C ILE H 391 31.67 14.07 4.29
N ILE H 392 30.39 13.76 4.44
CA ILE H 392 29.31 14.59 3.93
C ILE H 392 28.19 14.63 4.95
N ASN H 393 27.73 15.83 5.27
CA ASN H 393 26.70 16.00 6.29
C ASN H 393 25.51 16.74 5.70
N MET H 394 25.01 16.23 4.58
CA MET H 394 23.85 16.81 3.90
C MET H 394 22.66 16.87 4.85
N TRP H 395 21.94 17.99 4.77
CA TRP H 395 20.78 18.38 5.57
C TRP H 395 21.14 18.69 7.00
N GLN H 396 22.43 18.60 7.37
CA GLN H 396 23.01 19.08 8.63
C GLN H 396 22.31 18.46 9.82
N ARG H 397 22.07 17.16 9.74
CA ARG H 397 21.50 16.44 10.85
C ARG H 397 22.56 16.18 11.91
N ILE H 398 22.09 15.80 13.10
CA ILE H 398 22.93 15.82 14.29
C ILE H 398 23.91 14.65 14.27
N GLY H 399 23.41 13.45 14.02
CA GLY H 399 24.23 12.26 14.15
C GLY H 399 24.41 11.45 12.89
N GLN H 400 24.56 12.12 11.75
CA GLN H 400 24.79 11.41 10.50
C GLN H 400 25.90 12.09 9.73
N CYS H 401 26.63 11.26 8.98
CA CYS H 401 27.45 11.70 7.87
C CYS H 401 27.48 10.58 6.85
N MET H 402 28.30 10.72 5.82
CA MET H 402 28.29 9.73 4.75
C MET H 402 29.66 9.77 4.08
N TYR H 403 30.51 8.79 4.41
CA TYR H 403 31.82 8.70 3.80
C TYR H 403 31.67 8.25 2.35
N ALA H 404 31.79 9.19 1.44
CA ALA H 404 31.77 8.84 0.03
C ALA H 404 33.08 8.20 -0.36
N PRO H 405 33.08 7.07 -1.06
CA PRO H 405 34.33 6.40 -1.39
C PRO H 405 35.03 7.16 -2.51
N PRO H 406 36.34 6.96 -2.68
CA PRO H 406 37.02 7.59 -3.81
C PRO H 406 36.63 6.93 -5.12
N ILE H 407 36.93 7.62 -6.21
CA ILE H 407 36.64 7.12 -7.54
C ILE H 407 37.89 7.29 -8.40
N GLN H 408 38.06 6.37 -9.35
CA GLN H 408 39.28 6.30 -10.14
C GLN H 408 39.32 7.43 -11.16
N GLY H 409 40.54 7.85 -11.51
CA GLY H 409 40.73 8.69 -12.68
C GLY H 409 40.34 10.15 -12.48
N VAL H 410 40.60 10.91 -13.55
CA VAL H 410 40.19 12.30 -13.62
C VAL H 410 38.67 12.40 -13.69
N ILE H 411 38.13 13.34 -12.94
CA ILE H 411 36.69 13.56 -12.82
C ILE H 411 36.31 14.84 -13.53
N ARG H 412 35.27 14.78 -14.36
CA ARG H 412 34.83 15.91 -15.17
C ARG H 412 33.32 15.86 -15.37
N CYS H 413 32.66 17.00 -15.18
CA CYS H 413 31.23 17.12 -15.46
C CYS H 413 30.95 18.46 -16.12
N VAL H 414 29.78 18.56 -16.75
CA VAL H 414 29.35 19.75 -17.47
C VAL H 414 27.92 20.06 -17.04
N SER H 415 27.67 21.26 -16.53
CA SER H 415 26.34 21.56 -16.04
C SER H 415 25.88 22.95 -16.49
N ASN H 416 24.58 23.18 -16.44
CA ASN H 416 24.01 24.48 -16.75
C ASN H 416 23.65 25.19 -15.46
N ILE H 417 24.33 26.29 -15.15
CA ILE H 417 23.85 27.19 -14.12
C ILE H 417 22.58 27.84 -14.64
N THR H 418 21.48 27.61 -13.92
CA THR H 418 20.18 28.13 -14.30
C THR H 418 19.66 29.26 -13.42
N GLY H 419 19.83 29.15 -12.11
CA GLY H 419 19.31 30.17 -11.21
C GLY H 419 20.22 30.40 -10.01
N LEU H 420 20.17 31.62 -9.50
CA LEU H 420 20.86 31.99 -8.28
C LEU H 420 19.93 32.04 -7.07
N ILE H 421 20.53 32.07 -5.88
CA ILE H 421 19.81 32.36 -4.65
C ILE H 421 20.49 33.54 -3.97
N LEU H 422 20.01 34.75 -4.24
CA LEU H 422 20.62 35.90 -3.61
C LEU H 422 19.97 36.16 -2.25
N THR H 423 20.47 37.19 -1.58
CA THR H 423 19.97 37.62 -0.29
C THR H 423 20.40 39.06 -0.12
N ARG H 424 19.45 39.93 0.16
CA ARG H 424 19.73 41.35 0.33
C ARG H 424 20.47 41.55 1.66
N ASP H 425 20.87 42.78 1.93
CA ASP H 425 21.65 43.13 3.10
C ASP H 425 20.79 44.09 3.91
N GLY H 426 20.51 43.73 5.16
CA GLY H 426 19.45 44.40 5.87
C GLY H 426 19.82 45.78 6.38
N GLY H 427 19.84 46.72 5.46
CA GLY H 427 20.16 48.10 5.80
C GLY H 427 19.04 48.74 6.59
N SER H 428 19.37 49.85 7.26
CA SER H 428 18.37 50.63 7.95
C SER H 428 18.62 52.12 7.75
N THR H 429 19.30 52.48 6.67
CA THR H 429 19.67 53.86 6.41
C THR H 429 19.17 54.27 5.04
N ASN H 430 19.31 55.56 4.75
CA ASN H 430 18.82 56.16 3.51
C ASN H 430 19.90 56.12 2.43
N SER H 431 20.47 54.94 2.23
CA SER H 431 21.51 54.76 1.23
C SER H 431 20.88 54.39 -0.11
N THR H 432 21.73 54.29 -1.13
CA THR H 432 21.31 53.87 -2.46
C THR H 432 21.79 52.47 -2.81
N THR H 433 22.97 52.08 -2.34
CA THR H 433 23.51 50.79 -2.71
C THR H 433 22.71 49.68 -2.04
N GLU H 434 22.77 48.50 -2.64
CA GLU H 434 22.12 47.31 -2.08
C GLU H 434 23.06 46.13 -2.25
N THR H 435 23.87 45.87 -1.23
CA THR H 435 24.96 44.92 -1.35
C THR H 435 24.33 43.54 -1.24
N PHE H 436 24.06 42.92 -2.37
CA PHE H 436 23.49 41.58 -2.36
C PHE H 436 24.53 40.57 -1.93
N ARG H 437 24.05 39.52 -1.29
CA ARG H 437 24.95 38.57 -0.73
C ARG H 437 24.34 37.23 -1.07
N PRO H 438 25.14 36.28 -1.50
CA PRO H 438 24.62 34.95 -1.80
C PRO H 438 24.43 34.13 -0.54
N GLY H 439 23.49 33.20 -0.59
CA GLY H 439 23.31 32.32 0.54
C GLY H 439 22.36 31.19 0.24
N GLY H 440 22.80 29.96 0.50
CA GLY H 440 22.02 28.80 0.15
C GLY H 440 20.93 28.49 1.15
N GLY H 441 21.36 28.14 2.35
CA GLY H 441 20.45 27.83 3.44
C GLY H 441 19.74 26.52 3.13
N ASP H 442 18.41 26.55 3.24
CA ASP H 442 17.65 25.33 3.04
C ASP H 442 17.64 24.89 1.59
N MET H 443 17.78 23.60 1.37
CA MET H 443 17.81 23.04 0.04
C MET H 443 16.43 22.96 -0.60
N ARG H 444 15.37 23.25 0.18
CA ARG H 444 14.02 23.19 -0.34
C ARG H 444 13.81 24.29 -1.36
N ASP H 445 14.53 25.39 -1.18
CA ASP H 445 14.37 26.53 -2.06
C ASP H 445 14.89 26.22 -3.45
N ASN H 446 15.72 25.18 -3.58
CA ASN H 446 16.07 24.72 -4.91
C ASN H 446 14.84 24.14 -5.58
N TRP H 447 14.11 23.32 -4.85
CA TRP H 447 12.96 22.65 -5.43
C TRP H 447 11.75 23.55 -5.48
N ARG H 448 11.82 24.71 -4.85
CA ARG H 448 10.79 25.71 -5.06
C ARG H 448 11.01 26.44 -6.36
N SER H 449 12.14 26.23 -7.00
CA SER H 449 12.40 26.71 -8.35
C SER H 449 11.90 25.73 -9.38
N GLU H 450 11.40 24.59 -8.92
CA GLU H 450 10.87 23.56 -9.78
C GLU H 450 9.40 23.31 -9.56
N LEU H 451 8.87 23.66 -8.40
CA LEU H 451 7.49 23.35 -8.06
C LEU H 451 6.71 24.63 -7.81
N TYR H 452 7.02 25.66 -8.56
CA TYR H 452 6.25 26.89 -8.48
C TYR H 452 5.15 26.93 -9.52
N LYS H 453 5.28 26.16 -10.58
CA LYS H 453 4.23 26.13 -11.59
C LYS H 453 3.05 25.28 -11.15
N TYR H 454 3.28 24.33 -10.24
CA TYR H 454 2.32 23.29 -9.95
C TYR H 454 1.68 23.54 -8.59
N LYS H 455 0.36 23.51 -8.55
CA LYS H 455 -0.40 23.37 -7.32
C LYS H 455 -1.30 22.15 -7.45
N VAL H 456 -1.73 21.61 -6.33
CA VAL H 456 -2.53 20.38 -6.34
C VAL H 456 -3.92 20.66 -5.79
N VAL H 457 -4.95 20.40 -6.59
CA VAL H 457 -6.32 20.63 -6.17
C VAL H 457 -7.02 19.30 -6.01
N LYS H 458 -8.12 19.35 -5.25
CA LYS H 458 -8.98 18.21 -4.99
C LYS H 458 -10.30 18.45 -5.69
N ILE H 459 -10.61 17.57 -6.64
CA ILE H 459 -11.86 17.53 -7.42
C ILE H 459 -13.06 17.13 -6.58
N GLU H 460 -14.11 17.98 -6.58
CA GLU H 460 -15.31 17.72 -5.77
C GLU H 460 -16.52 17.69 -6.70
N PRO H 461 -16.78 16.59 -7.36
CA PRO H 461 -17.97 16.51 -8.21
C PRO H 461 -19.22 16.38 -7.34
N LEU H 462 -20.35 16.07 -7.97
CA LEU H 462 -21.63 15.93 -7.28
C LEU H 462 -22.04 17.27 -6.65
N GLY H 463 -22.27 18.25 -7.52
CA GLY H 463 -22.83 19.51 -7.11
C GLY H 463 -24.35 19.44 -7.06
N VAL H 464 -24.98 20.60 -6.83
CA VAL H 464 -26.42 20.66 -6.60
C VAL H 464 -26.93 22.04 -7.02
N ALA H 465 -28.04 22.06 -7.78
CA ALA H 465 -28.56 23.32 -8.26
C ALA H 465 -30.08 23.21 -8.38
N PRO H 466 -30.82 24.27 -8.08
CA PRO H 466 -32.27 24.21 -8.20
C PRO H 466 -32.76 24.53 -9.61
N THR H 467 -33.72 23.75 -10.07
CA THR H 467 -34.42 24.03 -11.30
C THR H 467 -35.83 23.46 -11.20
N ARG H 468 -36.62 23.70 -12.24
CA ARG H 468 -38.06 23.44 -12.20
C ARG H 468 -38.33 22.11 -12.89
N CYS H 469 -38.05 21.04 -12.16
CA CYS H 469 -38.41 19.69 -12.56
C CYS H 469 -38.52 18.83 -11.31
N LYS H 470 -39.39 17.84 -11.36
CA LYS H 470 -39.65 16.97 -10.23
C LYS H 470 -39.60 15.50 -10.64
N ARG H 471 -39.07 14.68 -9.75
CA ARG H 471 -38.92 13.26 -9.98
C ARG H 471 -40.29 12.62 -10.01
N ARG H 472 -40.72 12.22 -11.19
CA ARG H 472 -42.06 11.70 -11.38
C ARG H 472 -42.18 10.30 -10.79
N VAL H 473 -43.38 9.97 -10.34
CA VAL H 473 -43.64 8.66 -9.77
C VAL H 473 -44.59 7.87 -10.65
C1 NAG I . -19.48 -33.31 -21.88
C2 NAG I . -20.68 -32.36 -21.60
C3 NAG I . -21.93 -33.13 -21.18
C4 NAG I . -22.25 -34.23 -22.20
C5 NAG I . -21.05 -35.15 -22.34
C6 NAG I . -21.24 -36.21 -23.38
C7 NAG I . -20.09 -31.49 -19.33
C8 NAG I . -19.80 -30.24 -18.56
N2 NAG I . -20.36 -31.31 -20.64
O3 NAG I . -23.01 -32.23 -21.03
O4 NAG I . -23.37 -35.01 -21.77
O5 NAG I . -19.90 -34.38 -22.75
O6 NAG I . -20.69 -35.82 -24.63
O7 NAG I . -20.02 -32.60 -18.81
C1 NAG I . -24.54 -34.59 -22.52
C2 NAG I . -25.41 -35.79 -22.91
C3 NAG I . -26.72 -35.31 -23.56
C4 NAG I . -27.42 -34.30 -22.68
C5 NAG I . -26.48 -33.15 -22.33
C6 NAG I . -27.08 -32.16 -21.36
C7 NAG I . -24.98 -37.98 -23.93
C8 NAG I . -24.12 -38.75 -24.91
N2 NAG I . -24.69 -36.69 -23.80
O3 NAG I . -27.58 -36.41 -23.80
O4 NAG I . -28.56 -33.78 -23.35
O5 NAG I . -25.30 -33.68 -21.70
O6 NAG I . -26.08 -31.66 -20.47
O7 NAG I . -25.88 -38.52 -23.31
C1 NAG J . 41.02 -31.22 22.60
C2 NAG J . 40.77 -32.55 23.28
C3 NAG J . 40.42 -32.34 24.74
C4 NAG J . 41.40 -31.41 25.44
C5 NAG J . 41.64 -30.15 24.61
C6 NAG J . 42.75 -29.27 25.16
C7 NAG J . 39.58 -34.61 22.71
C8 NAG J . 38.45 -35.22 21.95
N2 NAG J . 39.72 -33.29 22.59
O3 NAG J . 40.40 -33.59 25.42
O4 NAG J . 40.86 -31.05 26.71
O5 NAG J . 42.03 -30.52 23.29
O6 NAG J . 43.83 -30.06 25.65
O7 NAG J . 40.33 -35.28 23.41
C1 NAG J . 41.75 -31.59 27.72
C2 NAG J . 41.17 -31.23 29.08
C3 NAG J . 42.08 -31.74 30.18
C4 NAG J . 42.39 -33.23 30.00
C5 NAG J . 42.80 -33.55 28.56
C6 NAG J . 42.85 -35.03 28.27
C7 NAG J . 41.82 -28.81 29.13
C8 NAG J . 41.29 -27.42 29.31
N2 NAG J . 40.91 -29.80 29.22
O3 NAG J . 41.46 -31.53 31.46
O4 NAG J . 43.47 -33.59 30.85
O5 NAG J . 41.86 -33.00 27.61
O6 NAG J . 41.94 -35.38 27.24
O7 NAG J . 43.02 -29.02 28.92
C1 BMA J . 43.01 -34.37 31.96
C2 BMA J . 44.21 -35.14 32.53
C3 BMA J . 43.81 -35.86 33.80
C4 BMA J . 43.10 -34.93 34.80
C5 BMA J . 41.93 -34.21 34.10
C6 BMA J . 41.25 -33.18 34.98
O2 BMA J . 45.24 -34.24 32.89
O3 BMA J . 44.93 -36.48 34.43
O4 BMA J . 42.61 -35.67 35.89
O5 BMA J . 42.44 -33.52 32.94
O6 BMA J . 42.13 -32.08 35.11
C1 NAG K . 45.39 -16.99 23.88
C2 NAG K . 46.40 -17.22 22.74
C3 NAG K . 47.77 -17.62 23.30
C4 NAG K . 48.24 -16.62 24.35
C5 NAG K . 47.17 -16.43 25.42
C6 NAG K . 47.51 -15.36 26.43
C7 NAG K . 45.59 -19.47 21.99
C8 NAG K . 45.11 -20.24 20.80
N2 NAG K . 45.91 -18.19 21.76
O3 NAG K . 48.71 -17.69 22.23
O4 NAG K . 49.45 -17.07 24.95
O5 NAG K . 45.93 -16.03 24.81
O6 NAG K . 48.13 -14.24 25.81
O7 NAG K . 45.68 -19.99 23.09
C1 NAG K . 50.53 -16.18 24.56
C2 NAG K . 51.67 -16.36 25.55
C3 NAG K . 52.84 -15.47 25.16
C4 NAG K . 53.26 -15.74 23.73
C5 NAG K . 52.06 -15.60 22.80
C6 NAG K . 52.38 -15.99 21.37
C7 NAG K . 50.76 -16.99 27.74
C8 NAG K . 50.35 -16.51 29.10
N2 NAG K . 51.24 -16.05 26.91
O3 NAG K . 53.94 -15.71 26.04
O4 NAG K . 54.28 -14.83 23.33
O5 NAG K . 50.99 -16.45 23.22
O6 NAG K . 53.63 -16.66 21.29
O7 NAG K . 50.64 -18.16 27.39
C1 NAG L . 38.74 -15.71 1.74
C2 NAG L . 39.19 -15.73 0.26
C3 NAG L . 39.03 -17.13 -0.33
C4 NAG L . 39.70 -18.18 0.56
C5 NAG L . 39.20 -18.05 1.98
C6 NAG L . 39.89 -19.00 2.94
C7 NAG L . 37.23 -14.65 -0.83
C8 NAG L . 36.81 -13.54 -1.73
N2 NAG L . 38.53 -14.73 -0.56
O3 NAG L . 39.58 -17.14 -1.64
O4 NAG L . 39.40 -19.49 0.06
O5 NAG L . 39.44 -16.72 2.48
O6 NAG L . 41.03 -18.40 3.53
O7 NAG L . 36.40 -15.44 -0.35
C1 NAG L . 40.51 -20.08 -0.64
C2 NAG L . 39.93 -20.86 -1.82
C3 NAG L . 41.05 -21.48 -2.65
C4 NAG L . 42.07 -20.42 -3.05
C5 NAG L . 42.58 -19.69 -1.82
C6 NAG L . 43.51 -18.54 -2.16
C7 NAG L . 37.92 -22.24 -2.06
C8 NAG L . 37.07 -23.30 -1.45
N2 NAG L . 39.00 -21.88 -1.36
O3 NAG L . 40.50 -22.09 -3.81
O4 NAG L . 43.17 -21.04 -3.72
O5 NAG L . 41.47 -19.11 -1.12
O6 NAG L . 44.85 -18.87 -1.87
O7 NAG L . 37.64 -21.72 -3.14
C1 NAG M . 4.78 -34.68 -22.88
C2 NAG M . 5.89 -34.74 -23.92
C3 NAG M . 5.51 -33.91 -25.14
C4 NAG M . 4.15 -34.34 -25.68
C5 NAG M . 3.10 -34.38 -24.56
C6 NAG M . 1.80 -34.99 -25.01
C7 NAG M . 8.25 -35.03 -23.33
C8 NAG M . 9.46 -34.39 -22.73
N2 NAG M . 7.15 -34.27 -23.36
O3 NAG M . 6.51 -34.07 -26.13
O4 NAG M . 3.72 -33.40 -26.65
O5 NAG M . 3.57 -35.17 -23.46
O6 NAG M . 2.02 -36.03 -25.95
O7 NAG M . 8.26 -36.17 -23.77
C1 NAG M . 3.79 -33.92 -27.98
C2 NAG M . 4.83 -33.11 -28.78
C3 NAG M . 5.00 -33.67 -30.18
C4 NAG M . 5.31 -35.15 -30.14
C5 NAG M . 4.23 -35.89 -29.34
C6 NAG M . 4.53 -37.36 -29.17
C7 NAG M . 3.42 -31.11 -29.35
C8 NAG M . 3.35 -29.62 -29.26
N2 NAG M . 4.52 -31.69 -28.80
O3 NAG M . 6.06 -32.97 -30.84
O4 NAG M . 5.35 -35.68 -31.46
O5 NAG M . 4.14 -35.33 -28.02
O6 NAG M . 5.93 -37.61 -29.17
O7 NAG M . 2.53 -31.77 -29.90
C1 NAG N . 11.28 -37.86 6.25
C2 NAG N . 12.17 -36.94 7.05
C3 NAG N . 12.54 -37.57 8.38
C4 NAG N . 11.30 -38.02 9.13
C5 NAG N . 10.40 -38.87 8.23
C6 NAG N . 9.06 -39.17 8.85
C7 NAG N . 13.62 -35.35 5.87
C8 NAG N . 14.89 -35.17 5.11
N2 NAG N . 13.37 -36.60 6.30
O3 NAG N . 13.24 -36.60 9.16
O4 NAG N . 11.69 -38.78 10.26
O5 NAG N . 10.13 -38.18 7.00
O6 NAG N . 9.18 -40.09 9.92
O7 NAG N . 12.85 -34.43 6.10
C1 NAG N . 11.37 -38.09 11.49
C2 NAG N . 11.98 -38.92 12.61
C3 NAG N . 11.68 -38.29 13.96
C4 NAG N . 12.09 -36.82 13.99
C5 NAG N . 11.57 -36.07 12.74
C6 NAG N . 12.13 -34.68 12.61
C7 NAG N . 10.28 -40.76 12.70
C8 NAG N . 10.11 -42.24 12.62
N2 NAG N . 11.54 -40.32 12.57
O3 NAG N . 12.38 -39.03 14.96
O4 NAG N . 11.53 -36.17 15.12
O5 NAG N . 11.91 -36.77 11.53
O6 NAG N . 12.21 -34.29 11.25
O7 NAG N . 9.32 -40.00 12.87
C1 BMA N . 12.42 -36.15 16.27
C2 BMA N . 12.17 -34.89 17.12
C3 BMA N . 13.02 -34.99 18.41
C4 BMA N . 12.74 -36.30 19.15
C5 BMA N . 13.04 -37.47 18.22
C6 BMA N . 12.73 -38.80 18.85
O2 BMA N . 10.82 -34.84 17.55
O3 BMA N . 12.85 -33.86 19.27
O4 BMA N . 13.57 -36.41 20.30
O5 BMA N . 12.20 -37.34 17.05
O6 BMA N . 11.33 -38.87 19.07
C1 MAN N . 14.11 -33.19 19.41
C2 MAN N . 14.59 -33.35 20.90
C3 MAN N . 13.80 -32.42 21.81
C4 MAN N . 13.83 -30.98 21.28
C5 MAN N . 13.22 -30.95 19.88
C6 MAN N . 13.25 -29.58 19.25
O2 MAN N . 15.96 -32.96 21.05
O3 MAN N . 14.31 -32.45 23.14
O4 MAN N . 13.08 -30.13 22.13
O5 MAN N . 14.00 -31.82 19.02
O6 MAN N . 14.57 -29.31 18.80
C1 NAG O . 16.21 -49.41 8.40
C2 NAG O . 16.06 -50.76 7.71
C3 NAG O . 14.68 -51.32 7.98
C4 NAG O . 14.40 -51.38 9.48
C5 NAG O . 14.64 -50.01 10.11
C6 NAG O . 14.52 -50.03 11.62
C7 NAG O . 17.49 -50.77 5.72
C8 NAG O . 17.56 -50.61 4.23
N2 NAG O . 16.29 -50.63 6.28
O3 NAG O . 14.58 -52.63 7.42
O4 NAG O . 13.05 -51.75 9.69
O5 NAG O . 15.97 -49.57 9.80
O6 NAG O . 15.71 -49.55 12.23
O7 NAG O . 18.49 -51.01 6.39
C1 NAG O . 12.98 -53.07 10.26
C2 NAG O . 11.53 -53.36 10.62
C3 NAG O . 11.39 -54.77 11.18
C4 NAG O . 12.00 -55.79 10.22
C5 NAG O . 13.42 -55.40 9.85
C6 NAG O . 14.02 -56.28 8.78
C7 NAG O . 10.50 -51.22 11.20
C8 NAG O . 10.02 -50.32 12.31
N2 NAG O . 11.02 -52.39 11.57
O3 NAG O . 10.02 -55.06 11.41
O4 NAG O . 12.00 -57.08 10.81
O5 NAG O . 13.45 -54.05 9.33
O6 NAG O . 13.41 -57.57 8.77
O7 NAG O . 10.43 -50.88 10.02
C1 NAG P . 25.61 -40.77 25.13
C2 NAG P . 25.11 -42.17 25.44
C3 NAG P . 24.09 -42.12 26.57
C4 NAG P . 24.65 -41.38 27.78
C5 NAG P . 25.22 -40.02 27.37
C6 NAG P . 25.96 -39.33 28.49
C7 NAG P . 24.63 -44.09 23.99
C8 NAG P . 23.97 -44.55 22.73
N2 NAG P . 24.52 -42.78 24.26
O3 NAG P . 23.74 -43.45 26.95
O4 NAG P . 23.60 -41.16 28.73
O5 NAG P . 26.17 -40.20 26.31
O6 NAG P . 26.66 -40.26 29.31
O7 NAG P . 25.24 -44.85 24.73
C1 NAG P . 23.86 -41.94 29.92
C2 NAG P . 23.15 -41.22 31.06
C3 NAG P . 23.34 -42.00 32.36
C4 NAG P . 22.87 -43.44 32.18
C5 NAG P . 23.57 -44.07 30.98
C6 NAG P . 23.04 -45.46 30.66
C7 NAG P . 22.87 -38.79 31.17
C8 NAG P . 23.55 -37.47 31.34
N2 NAG P . 23.66 -39.87 31.21
O3 NAG P . 22.60 -41.38 33.40
O4 NAG P . 23.16 -44.21 33.35
O5 NAG P . 23.36 -43.27 29.80
O6 NAG P . 21.82 -45.38 29.94
O7 NAG P . 21.65 -38.88 31.00
C1 NAG Q . 23.92 -50.01 7.65
C2 NAG Q . 23.62 -50.15 9.14
C3 NAG Q . 24.90 -50.49 9.88
C4 NAG Q . 25.54 -51.73 9.29
C5 NAG Q . 25.72 -51.58 7.78
C6 NAG Q . 26.18 -52.85 7.11
C7 NAG Q . 21.71 -48.76 9.74
C8 NAG Q . 21.26 -47.45 10.32
N2 NAG Q . 23.02 -48.94 9.66
O3 NAG Q . 24.57 -50.68 11.26
O4 NAG Q . 26.84 -51.94 9.87
O5 NAG Q . 24.48 -51.22 7.17
O6 NAG Q . 25.83 -53.99 7.87
O7 NAG Q . 20.91 -49.60 9.34
C1 NAG Q . 26.76 -52.96 10.87
C2 NAG Q . 27.97 -53.87 10.73
C3 NAG Q . 27.98 -54.92 11.83
C4 NAG Q . 27.86 -54.27 13.20
C5 NAG Q . 26.68 -53.29 13.23
C6 NAG Q . 26.64 -52.46 14.50
C7 NAG Q . 29.10 -54.62 8.69
C8 NAG Q . 28.95 -55.30 7.36
N2 NAG Q . 27.99 -54.50 9.42
O3 NAG Q . 29.19 -55.67 11.75
O4 NAG Q . 27.64 -55.26 14.19
O5 NAG Q . 26.78 -52.36 12.15
O6 NAG Q . 27.16 -51.16 14.26
O7 NAG Q . 30.18 -54.21 9.08
C1 BMA Q . 28.85 -55.45 14.97
C2 BMA Q . 28.49 -55.46 16.48
C3 BMA Q . 29.65 -55.99 17.35
C4 BMA Q . 30.41 -57.18 16.73
C5 BMA Q . 30.72 -56.90 15.25
C6 BMA Q . 31.37 -58.08 14.56
O2 BMA Q . 27.38 -56.32 16.73
O3 BMA Q . 29.19 -56.35 18.65
O4 BMA Q . 31.62 -57.39 17.42
O5 BMA Q . 29.48 -56.67 14.60
O6 BMA Q . 30.73 -59.27 15.02
C1 NAG R . 33.27 -40.79 -9.50
C2 NAG R . 34.10 -39.77 -8.74
C3 NAG R . 35.55 -39.84 -9.20
C4 NAG R . 36.09 -41.25 -9.08
C5 NAG R . 35.16 -42.23 -9.81
C6 NAG R . 35.55 -43.68 -9.62
C7 NAG R . 32.94 -37.76 -7.97
C8 NAG R . 32.49 -36.39 -8.33
N2 NAG R . 33.58 -38.43 -8.94
O3 NAG R . 36.33 -38.95 -8.40
O4 NAG R . 37.39 -41.32 -9.64
O5 NAG R . 33.82 -42.08 -9.31
O6 NAG R . 36.81 -43.94 -10.21
O7 NAG R . 32.76 -38.24 -6.86
C1 NAG R . 38.38 -41.52 -8.61
C2 NAG R . 39.75 -41.34 -9.25
C3 NAG R . 40.85 -41.48 -8.20
C4 NAG R . 40.60 -40.52 -7.04
C5 NAG R . 39.18 -40.72 -6.49
C6 NAG R . 38.82 -39.70 -5.45
C7 NAG R . 39.60 -42.06 -11.60
C8 NAG R . 39.89 -43.15 -12.58
N2 NAG R . 39.95 -42.30 -10.33
O3 NAG R . 42.12 -41.21 -8.79
O4 NAG R . 41.54 -40.80 -6.00
O5 NAG R . 38.23 -40.59 -7.55
O6 NAG R . 37.41 -39.47 -5.43
O7 NAG R . 39.09 -40.99 -11.94
C1 BMA R . 42.41 -39.69 -5.74
C2 BMA R . 43.38 -40.11 -4.64
C3 BMA R . 44.25 -38.91 -4.28
C4 BMA R . 44.93 -38.30 -5.53
C5 BMA R . 43.92 -38.10 -6.69
C6 BMA R . 44.60 -37.78 -8.01
O2 BMA R . 44.26 -41.12 -5.11
O3 BMA R . 45.22 -39.24 -3.31
O4 BMA R . 45.50 -37.05 -5.18
O5 BMA R . 43.14 -39.30 -6.88
O6 BMA R . 43.60 -37.61 -9.01
C1 NAG S . 32.76 -41.75 -2.93
C2 NAG S . 34.03 -40.92 -3.15
C3 NAG S . 34.95 -41.61 -4.16
C4 NAG S . 35.19 -43.06 -3.79
C5 NAG S . 33.85 -43.76 -3.63
C6 NAG S . 33.96 -45.20 -3.19
C7 NAG S . 34.48 -38.53 -3.43
C8 NAG S . 33.97 -37.22 -3.96
N2 NAG S . 33.68 -39.58 -3.60
O3 NAG S . 36.20 -40.92 -4.18
O4 NAG S . 35.94 -43.67 -4.84
O5 NAG S . 33.11 -43.09 -2.61
O6 NAG S . 34.13 -45.27 -1.77
O7 NAG S . 35.58 -38.62 -2.88
C1 NAG S . 37.16 -44.22 -4.30
C2 NAG S . 37.58 -45.40 -5.17
C3 NAG S . 38.84 -46.05 -4.62
C4 NAG S . 39.94 -45.01 -4.45
C5 NAG S . 39.44 -43.80 -3.65
C6 NAG S . 40.44 -42.67 -3.60
C7 NAG S . 36.10 -46.95 -6.40
C8 NAG S . 36.80 -46.52 -7.65
N2 NAG S . 36.50 -46.38 -5.26
O3 NAG S . 39.27 -47.09 -5.48
O4 NAG S . 41.01 -45.60 -3.72
O5 NAG S . 38.24 -43.27 -4.24
O6 NAG S . 41.31 -42.69 -4.72
O7 NAG S . 35.18 -47.78 -6.42
C1 BMA S . 42.18 -45.82 -4.52
C2 BMA S . 43.37 -45.84 -3.55
C3 BMA S . 44.66 -46.16 -4.30
C4 BMA S . 44.53 -47.38 -5.21
C5 BMA S . 43.25 -47.31 -6.07
C6 BMA S . 42.99 -48.61 -6.79
O2 BMA S . 43.21 -46.86 -2.58
O3 BMA S . 45.69 -46.39 -3.37
O4 BMA S . 45.66 -47.49 -6.05
O5 BMA S . 42.12 -47.05 -5.22
O6 BMA S . 42.95 -49.63 -5.80
C1 MAN S . 46.78 -45.48 -3.57
C2 MAN S . 48.04 -46.27 -3.23
C3 MAN S . 47.98 -46.65 -1.75
C4 MAN S . 47.81 -45.42 -0.85
C5 MAN S . 46.56 -44.63 -1.30
C6 MAN S . 46.44 -43.29 -0.60
O2 MAN S . 49.21 -45.46 -3.36
O3 MAN S . 49.13 -47.41 -1.36
O4 MAN S . 47.65 -45.83 0.49
O5 MAN S . 46.62 -44.36 -2.73
O6 MAN S . 47.51 -42.46 -1.04
C1 MAN S . 43.49 -50.85 -6.32
C2 MAN S . 42.85 -52.04 -5.54
C3 MAN S . 43.45 -52.14 -4.13
C4 MAN S . 44.99 -52.14 -4.18
C5 MAN S . 45.48 -50.89 -4.91
C6 MAN S . 46.99 -50.84 -5.06
O2 MAN S . 43.12 -53.29 -6.17
O3 MAN S . 42.98 -53.30 -3.45
O4 MAN S . 45.51 -52.13 -2.85
O5 MAN S . 44.92 -50.87 -6.25
O6 MAN S . 47.30 -49.78 -5.96
C1 NAG T . 30.98 -49.85 -9.80
C2 NAG T . 31.58 -50.28 -8.47
C3 NAG T . 32.80 -51.15 -8.72
C4 NAG T . 32.47 -52.31 -9.65
C5 NAG T . 31.71 -51.83 -10.90
C6 NAG T . 31.15 -52.96 -11.72
C7 NAG T . 31.30 -48.87 -6.49
C8 NAG T . 31.77 -47.67 -5.75
N2 NAG T . 31.92 -49.14 -7.64
O3 NAG T . 33.28 -51.65 -7.47
O4 NAG T . 33.68 -52.92 -10.07
O5 NAG T . 30.60 -50.99 -10.54
O6 NAG T . 30.05 -53.58 -11.06
O7 NAG T . 30.40 -49.59 -6.06
C1 NAG T . 33.89 -54.23 -9.47
C2 NAG T . 35.34 -54.61 -9.74
C3 NAG T . 35.64 -55.97 -9.13
C4 NAG T . 35.29 -55.99 -7.65
C5 NAG T . 33.85 -55.51 -7.44
C6 NAG T . 33.48 -55.36 -5.98
C7 NAG T . 36.72 -54.06 -11.68
C8 NAG T . 36.86 -54.15 -13.18
N2 NAG T . 35.62 -54.61 -11.16
O3 NAG T . 37.02 -56.26 -9.34
O4 NAG T . 35.40 -57.30 -7.10
O5 NAG T . 33.64 -54.24 -8.06
O6 NAG T . 34.42 -54.54 -5.29
O7 NAG T . 37.56 -53.50 -10.99
C1 BMA T . 36.68 -57.61 -6.47
C2 BMA T . 37.16 -56.47 -5.51
C3 BMA T . 38.52 -56.87 -4.93
C4 BMA T . 38.45 -58.26 -4.25
C5 BMA T . 37.87 -59.31 -5.22
C6 BMA T . 37.63 -60.64 -4.56
O2 BMA T . 36.27 -56.33 -4.43
O3 BMA T . 39.00 -55.90 -4.01
O4 BMA T . 39.75 -58.66 -3.84
O5 BMA T . 36.61 -58.83 -5.74
O6 BMA T . 36.40 -60.57 -3.83
C1 NAG U . 7.38 -43.83 3.50
C2 NAG U . 6.10 -43.00 3.71
C3 NAG U . 5.16 -43.70 4.67
C4 NAG U . 4.85 -45.11 4.18
C5 NAG U . 6.15 -45.87 3.99
C6 NAG U . 5.95 -47.24 3.39
C7 NAG U . 7.01 -41.26 5.26
C8 NAG U . 7.16 -39.78 5.44
N2 NAG U . 6.38 -41.63 4.13
O3 NAG U . 3.98 -42.92 4.79
O4 NAG U . 4.05 -45.81 5.11
O5 NAG U . 7.03 -45.16 3.10
O6 NAG U . 4.75 -47.30 2.62
O7 NAG U . 7.43 -42.06 6.09
C1 NAG U . 2.67 -45.81 4.71
C2 NAG U . 1.95 -47.02 5.29
C3 NAG U . 0.47 -46.96 4.93
C4 NAG U . -0.14 -45.64 5.39
C5 NAG U . 0.66 -44.47 4.82
C6 NAG U . 0.21 -43.13 5.35
C7 NAG U . 3.55 -48.87 5.43
C8 NAG U . 4.03 -50.14 4.79
N2 NAG U . 2.54 -48.26 4.81
O3 NAG U . -0.21 -48.05 5.56
O4 NAG U . -1.48 -45.54 4.94
O5 NAG U . 2.05 -44.61 5.18
O6 NAG U . -0.65 -43.28 6.47
O7 NAG U . 4.05 -48.43 6.46
C1 NAG V . -39.11 2.27 25.45
C2 NAG V . -39.65 2.11 24.02
C3 NAG V . -40.73 3.16 23.70
C4 NAG V . -41.82 3.15 24.76
C5 NAG V . -41.19 3.36 26.12
C6 NAG V . -42.19 3.29 27.25
C7 NAG V . -37.82 3.26 22.76
C8 NAG V . -36.72 3.06 21.77
N2 NAG V . -38.56 2.17 23.04
O3 NAG V . -41.25 2.88 22.40
O4 NAG V . -42.73 4.23 24.56
O5 NAG V . -40.21 2.36 26.37
O6 NAG V . -42.63 1.96 27.46
O7 NAG V . -38.01 4.35 23.28
C1 NAG V . -43.91 3.90 23.79
C2 NAG V . -45.18 4.16 24.59
C3 NAG V . -46.42 3.94 23.72
C4 NAG V . -46.33 4.77 22.45
C5 NAG V . -45.03 4.46 21.72
C6 NAG V . -44.81 5.34 20.52
C7 NAG V . -45.88 3.65 26.89
C8 NAG V . -45.83 2.65 28.01
N2 NAG V . -45.23 3.31 25.77
O3 NAG V . -47.59 4.30 24.44
O4 NAG V . -47.42 4.47 21.60
O5 NAG V . -43.91 4.70 22.60
O6 NAG V . -44.05 6.49 20.85
O7 NAG V . -46.46 4.72 27.00
C1 NAG W . 33.76 7.94 44.83
C2 NAG W . 33.55 9.35 45.36
C3 NAG W . 34.41 10.33 44.55
C4 NAG W . 35.86 9.86 44.42
C5 NAG W . 35.92 8.39 43.99
C6 NAG W . 37.31 7.82 44.03
C7 NAG W . 31.63 10.72 46.00
C8 NAG W . 30.16 10.97 45.79
N2 NAG W . 32.16 9.72 45.28
O3 NAG W . 34.39 11.62 45.16
O4 NAG W . 36.45 10.64 43.38
O5 NAG W . 35.13 7.61 44.88
O6 NAG W . 38.07 8.37 45.11
O7 NAG W . 32.30 11.38 46.79
C1 NAG W . 37.61 11.37 43.85
C2 NAG W . 37.79 12.55 42.89
C3 NAG W . 39.00 13.37 43.28
C4 NAG W . 38.95 13.75 44.77
C5 NAG W . 38.60 12.55 45.65
C6 NAG W . 38.30 12.94 47.07
C7 NAG W . 38.77 11.32 40.95
C8 NAG W . 38.60 11.04 39.48
N2 NAG W . 37.85 12.13 41.50
O3 NAG W . 39.06 14.54 42.48
O4 NAG W . 40.23 14.22 45.17
O5 NAG W . 37.44 11.86 45.16
O6 NAG W . 37.63 14.19 47.12
O7 NAG W . 39.69 10.82 41.60
C1 BMA W . 40.21 15.64 45.36
C2 BMA W . 40.81 15.95 46.74
C3 BMA W . 40.96 17.45 46.94
C4 BMA W . 41.67 18.12 45.75
C5 BMA W . 40.96 17.73 44.43
C6 BMA W . 41.67 18.25 43.21
O2 BMA W . 42.12 15.40 46.82
O3 BMA W . 41.64 17.77 48.15
O4 BMA W . 41.63 19.53 45.89
O5 BMA W . 40.94 16.29 44.33
O6 BMA W . 42.87 17.51 43.05
C1 NAG X . 40.87 -0.30 34.45
C2 NAG X . 41.31 -1.08 35.68
C3 NAG X . 42.66 -0.59 36.18
C4 NAG X . 43.68 -0.60 35.05
C5 NAG X . 43.14 0.20 33.86
C6 NAG X . 44.04 0.14 32.64
C7 NAG X . 39.85 0.05 37.37
C8 NAG X . 38.83 -0.19 38.42
N2 NAG X . 40.31 -1.04 36.74
O3 NAG X . 43.10 -1.43 37.24
O4 NAG X . 44.94 -0.12 35.50
O5 NAG X . 41.88 -0.36 33.46
O6 NAG X . 44.51 -1.18 32.42
O7 NAG X . 40.26 1.18 37.11
C1 NAG X . 45.89 -1.22 35.45
C2 NAG X . 47.07 -0.93 36.38
C3 NAG X . 48.04 -2.11 36.36
C4 NAG X . 47.33 -3.40 36.70
C5 NAG X . 46.12 -3.62 35.79
C6 NAG X . 45.29 -4.81 36.19
C7 NAG X . 48.31 1.11 36.88
C8 NAG X . 48.97 2.34 36.32
N2 NAG X . 47.75 0.29 35.99
O3 NAG X . 49.10 -1.87 37.29
O4 NAG X . 48.22 -4.51 36.56
O5 NAG X . 45.26 -2.47 35.84
O6 NAG X . 45.10 -4.85 37.59
O7 NAG X . 48.29 0.88 38.09
C1 NAG Y . 23.31 -14.32 35.97
C2 NAG Y . 22.55 -15.53 36.54
C3 NAG Y . 21.84 -15.15 37.84
C4 NAG Y . 22.80 -14.49 38.82
C5 NAG Y . 23.52 -13.33 38.14
C6 NAG Y . 24.56 -12.69 39.01
C7 NAG Y . 20.59 -15.50 35.00
C8 NAG Y . 19.79 -16.34 34.04
N2 NAG Y . 21.63 -16.11 35.57
O3 NAG Y . 21.28 -16.33 38.41
O4 NAG Y . 22.07 -14.00 39.93
O5 NAG Y . 24.19 -13.79 36.95
O6 NAG Y . 25.79 -13.40 38.96
O7 NAG Y . 20.29 -14.34 35.23
C1 NAG Y . 22.30 -14.79 41.13
C2 NAG Y . 20.92 -15.23 41.65
C3 NAG Y . 21.08 -16.11 42.89
C4 NAG Y . 22.03 -17.27 42.61
C5 NAG Y . 23.35 -16.74 42.06
C6 NAG Y . 24.32 -17.84 41.66
C7 NAG Y . 19.25 -13.55 41.04
C8 NAG Y . 18.46 -12.37 41.50
N2 NAG Y . 20.08 -14.09 41.93
O3 NAG Y . 19.81 -16.62 43.28
O4 NAG Y . 22.28 -18.00 43.81
O5 NAG Y . 23.12 -15.95 40.89
O6 NAG Y . 25.51 -17.78 42.43
O7 NAG Y . 19.15 -13.99 39.89
C1 NAG Z . -22.32 -8.72 39.11
C2 NAG Z . -22.01 -10.06 39.76
C3 NAG Z . -22.90 -11.14 39.15
C4 NAG Z . -24.37 -10.73 39.24
C5 NAG Z . -24.59 -9.33 38.68
C6 NAG Z . -25.98 -8.81 38.93
C7 NAG Z . -19.88 -10.84 40.64
C8 NAG Z . -18.45 -11.16 40.34
N2 NAG Z . -20.61 -10.40 39.62
O3 NAG Z . -22.66 -12.35 39.85
O4 NAG Z . -25.17 -11.64 38.49
O5 NAG Z . -23.68 -8.40 39.31
O6 NAG Z . -26.47 -9.26 40.19
O7 NAG Z . -20.36 -10.98 41.77
C1 NAG Z . -25.80 -12.61 39.36
C2 NAG Z . -25.32 -13.99 38.89
C3 NAG Z . -25.86 -15.10 39.81
C4 NAG Z . -25.52 -14.79 41.26
C5 NAG Z . -26.04 -13.40 41.63
C6 NAG Z . -25.64 -12.98 43.03
C7 NAG Z . -26.87 -14.31 36.95
C8 NAG Z . -26.92 -14.60 35.48
N2 NAG Z . -25.64 -14.26 37.49
O3 NAG Z . -25.29 -16.35 39.43
O4 NAG Z . -26.13 -15.76 42.11
O5 NAG Z . -25.48 -12.43 40.74
O6 NAG Z . -24.24 -13.15 43.23
O7 NAG Z . -27.90 -14.14 37.61
C1 NAG AA . -0.33 12.32 38.50
C2 NAG AA . 1.12 12.11 38.13
C3 NAG AA . 1.95 13.32 38.55
C4 NAG AA . 1.36 14.61 37.99
C5 NAG AA . -0.13 14.70 38.30
C6 NAG AA . -0.82 15.85 37.61
C7 NAG AA . 1.67 9.73 38.13
C8 NAG AA . 2.24 8.59 38.89
N2 NAG AA . 1.64 10.90 38.75
O3 NAG AA . 3.29 13.16 38.08
O4 NAG AA . 2.05 15.74 38.52
O5 NAG AA . -0.81 13.51 37.89
O6 NAG AA . -0.42 17.09 38.17
O7 NAG AA . 1.23 9.60 36.99
C1 NAG AA . 2.75 16.39 37.44
C2 NAG AA . 3.60 17.50 38.07
C3 NAG AA . 4.37 18.24 36.99
C4 NAG AA . 5.16 17.28 36.11
C5 NAG AA . 4.28 16.11 35.64
C6 NAG AA . 5.07 15.02 34.95
C7 NAG AA . 1.80 19.19 38.44
C8 NAG AA . 1.15 20.05 39.49
N2 NAG AA . 2.81 18.41 38.88
O3 NAG AA . 5.26 19.17 37.61
O4 NAG AA . 5.69 17.96 34.97
O5 NAG AA . 3.60 15.50 36.74
O6 NAG AA . 5.87 14.30 35.90
O7 NAG AA . 1.42 19.21 37.27
C1 BMA AA . 7.12 18.12 35.17
C2 BMA AA . 7.80 18.54 33.84
C3 BMA AA . 9.28 18.84 34.12
C4 BMA AA . 9.41 19.88 35.25
C5 BMA AA . 8.72 19.34 36.50
C6 BMA AA . 8.74 20.31 37.65
O2 BMA AA . 7.24 19.73 33.34
O3 BMA AA . 9.99 19.24 32.95
O4 BMA AA . 10.76 20.12 35.56
O5 BMA AA . 7.35 19.09 36.18
O6 BMA AA . 7.96 21.45 37.26
C1 MAN AA . 11.10 18.34 32.75
C2 MAN AA . 12.44 19.14 32.96
C3 MAN AA . 12.74 20.02 31.75
C4 MAN AA . 12.68 19.22 30.45
C5 MAN AA . 11.29 18.61 30.31
C6 MAN AA . 11.16 17.75 29.07
O2 MAN AA . 13.55 18.25 33.07
O3 MAN AA . 14.01 20.66 31.89
O4 MAN AA . 12.94 20.06 29.35
O5 MAN AA . 11.03 17.74 31.45
O6 MAN AA . 11.82 16.51 29.34
C1 NAG BA . 1.63 17.02 49.40
C2 NAG BA . 1.24 17.10 50.86
C3 NAG BA . -0.05 17.92 51.01
C4 NAG BA . 0.09 19.28 50.34
C5 NAG BA . 0.55 19.11 48.90
C6 NAG BA . 0.87 20.41 48.19
C7 NAG BA . 0.97 15.45 52.67
C8 NAG BA . 0.71 14.01 53.00
N2 NAG BA . 1.02 15.75 51.37
O3 NAG BA . -0.37 18.10 52.38
O4 NAG BA . -1.13 20.02 50.42
O5 NAG BA . 1.75 18.33 48.87
O6 NAG BA . 1.95 21.08 48.82
O7 NAG BA . 1.14 16.29 53.55
C1 NAG BA . -0.83 21.19 51.22
C2 NAG BA . -1.69 22.35 50.72
C3 NAG BA . -1.42 23.61 51.56
C4 NAG BA . -1.61 23.30 53.04
C5 NAG BA . -0.79 22.08 53.46
C6 NAG BA . -1.06 21.65 54.88
C7 NAG BA . -2.25 22.17 48.35
C8 NAG BA . -1.86 22.54 46.95
N2 NAG BA . -1.44 22.61 49.31
O3 NAG BA . -2.29 24.64 51.15
O4 NAG BA . -1.22 24.43 53.81
O5 NAG BA . -1.10 20.96 52.62
O6 NAG BA . -2.39 21.96 55.26
O7 NAG BA . -3.24 21.49 48.59
C1 NAG CA . 21.24 21.12 43.90
C2 NAG CA . 20.55 22.33 44.51
C3 NAG CA . 20.61 23.52 43.55
C4 NAG CA . 22.04 23.78 43.08
C5 NAG CA . 22.68 22.49 42.56
C6 NAG CA . 24.16 22.64 42.27
C7 NAG CA . 18.61 22.46 45.99
C8 NAG CA . 17.17 22.07 46.20
N2 NAG CA . 19.18 22.03 44.85
O3 NAG CA . 20.08 24.67 44.19
O4 NAG CA . 22.04 24.75 42.05
O5 NAG CA . 22.57 21.46 43.56
O6 NAG CA . 24.79 23.50 43.20
O7 NAG CA . 19.23 23.13 46.82
C1 NAG CA . 22.65 25.96 42.56
C2 NAG CA . 23.27 26.72 41.40
C3 NAG CA . 23.90 28.02 41.90
C4 NAG CA . 22.85 28.84 42.67
C5 NAG CA . 22.23 28.00 43.78
C6 NAG CA . 21.09 28.70 44.47
C7 NAG CA . 23.98 25.09 39.71
C8 NAG CA . 25.14 24.34 39.13
N2 NAG CA . 24.28 25.91 40.72
O3 NAG CA . 24.39 28.77 40.80
O4 NAG CA . 23.47 29.99 43.24
O5 NAG CA . 21.68 26.79 43.23
O6 NAG CA . 19.83 28.22 44.03
O7 NAG CA . 22.84 24.96 39.30
C1 NAG DA . 6.42 13.38 54.83
C2 NAG DA . 7.07 14.67 54.36
C3 NAG DA . 8.39 14.89 55.09
C4 NAG DA . 8.16 14.86 56.59
C5 NAG DA . 7.41 13.60 57.01
C6 NAG DA . 6.99 13.62 58.45
C7 NAG DA . 6.43 15.16 52.04
C8 NAG DA . 6.81 15.05 50.60
N2 NAG DA . 7.29 14.64 52.92
O3 NAG DA . 8.94 16.14 54.68
O4 NAG DA . 9.40 14.92 57.28
O5 NAG DA . 6.20 13.46 56.23
O6 NAG DA . 6.66 14.93 58.87
O7 NAG DA . 5.39 15.71 52.40
C1 NAG DA . 9.53 16.21 57.87
C2 NAG DA . 10.33 16.07 59.15
C3 NAG DA . 10.55 17.44 59.80
C4 NAG DA . 11.15 18.42 58.81
C5 NAG DA . 10.35 18.43 57.50
C6 NAG DA . 11.02 19.24 56.41
C7 NAG DA . 10.33 14.34 60.88
C8 NAG DA . 9.49 13.47 61.77
N2 NAG DA . 9.66 15.17 60.08
O3 NAG DA . 11.41 17.28 60.92
O4 NAG DA . 11.13 19.74 59.36
O5 NAG DA . 10.21 17.10 56.99
O6 NAG DA . 11.67 18.39 55.47
O7 NAG DA . 11.56 14.29 60.90
C1 BMA DA . 12.45 20.17 59.73
C2 BMA DA . 12.38 21.71 59.98
C3 BMA DA . 13.66 22.22 60.68
C4 BMA DA . 14.19 21.28 61.79
C5 BMA DA . 14.23 19.83 61.29
C6 BMA DA . 14.64 18.85 62.36
O2 BMA DA . 11.29 22.06 60.82
O3 BMA DA . 13.43 23.51 61.25
O4 BMA DA . 15.49 21.66 62.16
O5 BMA DA . 12.90 19.49 60.89
O6 BMA DA . 14.02 19.24 63.58
C1 NAG EA . 5.71 -7.84 55.63
C2 NAG EA . 7.10 -7.74 55.00
C3 NAG EA . 8.06 -8.67 55.73
C4 NAG EA . 8.06 -8.40 57.23
C5 NAG EA . 6.63 -8.44 57.76
C6 NAG EA . 6.54 -8.03 59.22
C7 NAG EA . 7.71 -7.31 52.68
C8 NAG EA . 7.57 -7.76 51.26
N2 NAG EA . 7.06 -8.04 53.59
O3 NAG EA . 9.37 -8.48 55.19
O4 NAG EA . 8.78 -9.43 57.88
O5 NAG EA . 5.80 -7.53 57.03
O6 NAG EA . 5.20 -7.87 59.63
O7 NAG EA . 8.36 -6.32 53.00
C1 NAG EA . 10.05 -8.94 58.36
C2 NAG EA . 10.45 -9.80 59.55
C3 NAG EA . 11.83 -9.41 60.04
C4 NAG EA . 12.84 -9.44 58.90
C5 NAG EA . 12.34 -8.61 57.73
C6 NAG EA . 13.20 -8.72 56.50
C7 NAG EA . 8.47 -10.60 60.76
C8 NAG EA . 7.56 -10.36 61.92
N2 NAG EA . 9.47 -9.72 60.61
O3 NAG EA . 12.24 -10.30 61.07
O4 NAG EA . 14.07 -8.90 59.35
O5 NAG EA . 11.02 -9.03 57.34
O6 NAG EA . 13.23 -10.07 56.04
O7 NAG EA . 8.33 -11.54 59.99
C1 BMA EA . 15.11 -9.89 59.41
C2 BMA EA . 16.09 -9.46 60.50
C3 BMA EA . 17.27 -10.44 60.51
C4 BMA EA . 16.79 -11.91 60.64
C5 BMA EA . 15.62 -12.23 59.66
C6 BMA EA . 14.95 -13.56 59.97
O2 BMA EA . 15.50 -9.54 61.77
O3 BMA EA . 18.20 -10.13 61.53
O4 BMA EA . 17.86 -12.80 60.38
O5 BMA EA . 14.62 -11.19 59.74
O6 BMA EA . 13.90 -13.75 59.04
C1 NAG FA . 8.55 -2.93 54.73
C2 NAG FA . 9.82 -3.77 54.81
C3 NAG FA . 9.78 -4.73 56.01
C4 NAG FA . 9.40 -3.98 57.28
C5 NAG FA . 8.10 -3.23 57.06
C6 NAG FA . 7.67 -2.40 58.25
C7 NAG FA . 11.25 -4.64 53.03
C8 NAG FA . 11.31 -5.42 51.75
N2 NAG FA . 10.05 -4.50 53.58
O3 NAG FA . 11.04 -5.36 56.16
O4 NAG FA . 9.32 -4.87 58.38
O5 NAG FA . 8.29 -2.31 55.98
O6 NAG FA . 8.76 -1.67 58.79
O7 NAG FA . 12.26 -4.15 53.54
C1 NAG FA . 10.39 -4.50 59.30
C2 NAG FA . 9.94 -4.77 60.73
C3 NAG FA . 11.04 -4.37 61.70
C4 NAG FA . 12.35 -5.06 61.35
C5 NAG FA . 12.70 -4.82 59.87
C6 NAG FA . 13.92 -5.59 59.41
C7 NAG FA . 7.66 -4.60 61.65
C8 NAG FA . 7.79 -6.05 62.04
N2 NAG FA . 8.71 -4.05 61.03
O3 NAG FA . 10.64 -4.71 63.03
O4 NAG FA . 13.41 -4.57 62.17
O5 NAG FA . 11.61 -5.21 59.03
O6 NAG FA . 14.14 -6.76 60.20
O7 NAG FA . 6.65 -3.95 61.90
C1 BMA FA . 13.77 -5.56 63.16
C2 BMA FA . 15.14 -5.19 63.76
C3 BMA FA . 15.52 -6.18 64.86
C4 BMA FA . 14.37 -6.40 65.87
C5 BMA FA . 13.03 -6.68 65.15
C6 BMA FA . 11.85 -6.68 66.10
O2 BMA FA . 15.09 -3.90 64.37
O3 BMA FA . 16.67 -5.74 65.58
O4 BMA FA . 14.67 -7.50 66.72
O5 BMA FA . 12.78 -5.65 64.18
O6 BMA FA . 11.85 -5.44 66.79
C1 MAN FA . 17.71 -6.74 65.41
C2 MAN FA . 18.75 -6.53 66.53
C3 MAN FA . 19.45 -5.19 66.32
C4 MAN FA . 20.09 -5.12 64.94
C5 MAN FA . 19.03 -5.39 63.84
C6 MAN FA . 19.63 -5.54 62.45
O2 MAN FA . 19.77 -7.52 66.48
O3 MAN FA . 20.43 -4.95 67.34
O4 MAN FA . 20.64 -3.83 64.73
O5 MAN FA . 18.32 -6.63 64.13
O6 MAN FA . 20.42 -6.73 62.44
C1 MAN FA . 11.28 -5.67 68.10
C2 MAN FA . 10.71 -4.31 68.59
C3 MAN FA . 11.85 -3.35 68.97
C4 MAN FA . 12.86 -4.02 69.92
C5 MAN FA . 13.39 -5.30 69.27
C6 MAN FA . 14.33 -6.08 70.15
O2 MAN FA . 9.94 -4.48 69.77
O3 MAN FA . 11.35 -2.16 69.56
O4 MAN FA . 13.94 -3.13 70.15
O5 MAN FA . 12.27 -6.18 68.97
O6 MAN FA . 14.56 -7.34 69.56
C1 NAG GA . 0.64 -2.78 62.18
C2 NAG GA . 2.13 -2.80 62.51
C3 NAG GA . 2.33 -3.07 63.99
C4 NAG GA . 1.53 -2.08 64.84
C5 NAG GA . 0.08 -1.97 64.36
C6 NAG GA . -0.69 -0.83 64.96
C7 NAG GA . 3.55 -3.53 60.64
C8 NAG GA . 4.16 -4.70 59.94
N2 NAG GA . 2.80 -3.82 61.72
O3 NAG GA . 3.71 -2.98 64.31
O4 NAG GA . 1.52 -2.60 66.16
O5 NAG GA . 0.03 -1.77 62.94
O6 NAG GA . -1.48 -0.17 63.99
O7 NAG GA . 3.72 -2.38 60.27
C1 NAG GA . 1.89 -1.71 67.26
C2 NAG GA . 2.86 -2.45 68.17
C3 NAG GA . 3.23 -1.59 69.37
C4 NAG GA . 3.76 -0.23 68.91
C5 NAG GA . 2.78 0.44 67.93
C6 NAG GA . 3.32 1.70 67.32
C7 NAG GA . 3.07 -4.82 68.75
C8 NAG GA . 2.36 -6.06 69.21
N2 NAG GA . 2.32 -3.72 68.61
O3 NAG GA . 4.18 -2.28 70.15
O4 NAG GA . 3.88 0.66 70.02
O5 NAG GA . 2.47 -0.45 66.84
O6 NAG GA . 4.62 1.49 66.76
O7 NAG GA . 4.28 -4.81 68.51
C1 BMA GA . 5.19 0.68 70.65
C2 BMA GA . 6.27 1.12 69.63
C3 BMA GA . 7.62 1.11 70.34
C4 BMA GA . 7.59 2.00 71.62
C5 BMA GA . 6.42 1.57 72.52
C6 BMA GA . 6.22 2.50 73.70
O2 BMA GA . 6.03 2.43 69.18
O3 BMA GA . 8.67 1.54 69.48
O4 BMA GA . 8.82 1.86 72.32
O5 BMA GA . 5.20 1.58 71.76
O6 BMA GA . 5.51 3.64 73.25
C1 NAG HA . -6.79 14.39 41.88
C2 NAG HA . -7.15 14.69 40.44
C3 NAG HA . -7.50 16.15 40.25
C4 NAG HA . -8.63 16.53 41.20
C5 NAG HA . -8.22 16.22 42.64
C6 NAG HA . -9.33 16.45 43.64
C7 NAG HA . -4.84 14.73 39.46
C8 NAG HA . -3.98 14.14 38.39
N2 NAG HA . -6.11 14.28 39.50
O3 NAG HA . -7.88 16.38 38.89
O4 NAG HA . -8.94 17.92 41.09
O5 NAG HA . -7.85 14.83 42.75
O6 NAG HA . -10.46 15.65 43.34
O7 NAG HA . -4.42 15.58 40.23
C1 NAG HA . -10.19 18.04 40.40
C2 NAG HA . -10.81 19.40 40.72
C3 NAG HA . -12.12 19.58 39.95
C4 NAG HA . -11.88 19.39 38.47
C5 NAG HA . -11.20 18.04 38.20
C6 NAG HA . -10.79 17.87 36.76
C7 NAG HA . -10.36 20.40 42.91
C8 NAG HA . -10.71 20.41 44.38
N2 NAG HA . -11.03 19.54 42.15
O3 NAG HA . -12.63 20.87 40.20
O4 NAG HA . -13.12 19.43 37.77
O5 NAG HA . -9.99 17.93 38.98
O6 NAG HA . -9.47 18.36 36.54
O7 NAG HA . -9.50 21.14 42.45
C1 NAG IA . -14.51 32.99 -21.34
C2 NAG IA . -15.77 32.08 -21.30
C3 NAG IA . -16.43 31.99 -22.68
C4 NAG IA . -16.72 33.37 -23.25
C5 NAG IA . -15.41 34.16 -23.30
C6 NAG IA . -15.61 35.58 -23.76
C7 NAG IA . -14.70 29.81 -21.30
C8 NAG IA . -14.61 28.53 -20.54
N2 NAG IA . -15.50 30.76 -20.76
O3 NAG IA . -17.63 31.22 -22.57
O4 NAG IA . -17.25 33.27 -24.57
O5 NAG IA . -14.83 34.24 -21.99
O6 NAG IA . -16.13 36.39 -22.72
O7 NAG IA . -14.06 30.00 -22.34
C1 NAG IA . -18.67 33.51 -24.58
C2 NAG IA . -19.05 34.40 -25.76
C3 NAG IA . -20.56 34.58 -25.85
C4 NAG IA . -21.26 33.23 -25.87
C5 NAG IA . -20.82 32.40 -24.66
C6 NAG IA . -21.39 30.99 -24.68
C7 NAG IA . -17.98 36.38 -26.75
C8 NAG IA . -17.32 37.70 -26.47
N2 NAG IA . -18.39 35.69 -25.67
O3 NAG IA . -20.90 35.31 -27.03
O4 NAG IA . -22.67 33.41 -25.82
O5 NAG IA . -19.39 32.26 -24.66
O6 NAG IA . -20.88 30.24 -25.76
O7 NAG IA . -18.14 35.96 -27.89
C1 NAG JA . 52.00 8.99 2.75
C2 NAG JA . 52.64 8.70 1.40
C3 NAG JA . 52.84 7.20 1.21
C4 NAG JA . 53.51 6.56 2.41
C5 NAG JA . 52.84 7.00 3.72
C6 NAG JA . 53.57 6.57 4.95
C7 NAG JA . 52.34 9.56 -0.88
C8 NAG JA . 51.37 10.11 -1.87
N2 NAG JA . 51.84 9.26 0.32
O3 NAG JA . 53.62 6.97 0.05
O4 NAG JA . 53.49 5.14 2.29
O5 NAG JA . 52.78 8.44 3.76
O6 NAG JA . 54.04 7.70 5.68
O7 NAG JA . 53.52 9.39 -1.14
C1 NAG JA . 54.86 4.68 2.13
C2 NAG JA . 54.83 3.25 1.60
C3 NAG JA . 56.26 2.73 1.45
C4 NAG JA . 57.12 3.69 0.64
C5 NAG JA . 56.96 5.15 1.12
C6 NAG JA . 57.59 6.14 0.16
C7 NAG JA . 54.23 2.05 3.71
C8 NAG JA . 53.24 1.10 4.31
N2 NAG JA . 54.02 2.36 2.42
O3 NAG JA . 56.23 1.45 0.83
O4 NAG JA . 58.49 3.33 0.77
O5 NAG JA . 55.57 5.51 1.23
O6 NAG JA . 57.13 5.93 -1.16
O7 NAG JA . 55.17 2.50 4.36
C1 BMA JA . 58.96 2.75 -0.46
C2 BMA JA . 60.49 2.88 -0.48
C3 BMA JA . 61.06 2.13 -1.67
C4 BMA JA . 60.54 0.69 -1.76
C5 BMA JA . 59.00 0.70 -1.73
C6 BMA JA . 58.40 -0.69 -1.70
O2 BMA JA . 61.04 2.28 0.69
O3 BMA JA . 62.49 2.12 -1.64
O4 BMA JA . 60.97 0.10 -2.98
O5 BMA JA . 58.56 1.39 -0.54
O6 BMA JA . 58.64 -1.24 -0.42
C1 NAG KA . 50.01 0.72 15.94
C2 NAG KA . 50.25 1.84 16.94
C3 NAG KA . 51.73 2.03 17.22
C4 NAG KA . 52.39 0.71 17.61
C5 NAG KA . 52.07 -0.36 16.57
C6 NAG KA . 52.58 -1.73 16.96
C7 NAG KA . 49.86 3.78 15.41
C8 NAG KA . 49.04 5.01 15.22
N2 NAG KA . 49.61 3.08 16.53
O3 NAG KA . 51.90 3.00 18.24
O4 NAG KA . 53.79 0.88 17.72
O5 NAG KA . 50.65 -0.48 16.40
O6 NAG KA . 52.54 -1.92 18.37
O7 NAG KA . 50.71 3.43 14.60
C1 NAG KA . 54.18 0.85 19.11
C2 NAG KA . 55.68 0.60 19.20
C3 NAG KA . 56.13 0.64 20.66
C4 NAG KA . 55.72 1.96 21.30
C5 NAG KA . 54.21 2.17 21.13
C6 NAG KA . 53.75 3.52 21.64
C7 NAG KA . 56.24 -0.85 17.30
C8 NAG KA . 56.58 -2.24 16.86
N2 NAG KA . 56.02 -0.69 18.61
O3 NAG KA . 57.54 0.49 20.71
O4 NAG KA . 56.03 1.93 22.69
O5 NAG KA . 53.86 2.11 19.74
O6 NAG KA . 54.22 3.75 22.96
O7 NAG KA . 56.16 0.08 16.50
C1 NAG LA . 33.80 17.43 18.47
C2 NAG LA . 33.40 18.74 19.19
C3 NAG LA . 33.67 19.95 18.31
C4 NAG LA . 35.10 19.94 17.78
C5 NAG LA . 35.40 18.60 17.11
C6 NAG LA . 36.83 18.48 16.66
C7 NAG LA . 30.92 18.59 18.89
C8 NAG LA . 29.62 18.60 19.63
N2 NAG LA . 32.01 18.71 19.66
O3 NAG LA . 33.43 21.15 19.06
O4 NAG LA . 35.31 21.01 16.87
O5 NAG LA . 35.17 17.53 18.04
O6 NAG LA . 37.69 18.11 17.73
O7 NAG LA . 30.96 18.47 17.67
C1 NAG LA . 36.16 22.03 17.48
C2 NAG LA . 35.74 23.41 16.96
C3 NAG LA . 36.59 24.50 17.61
C4 NAG LA . 36.55 24.37 19.13
C5 NAG LA . 36.95 22.97 19.56
C6 NAG LA . 36.82 22.74 21.05
C7 NAG LA . 35.09 24.29 14.76
C8 NAG LA . 35.34 24.23 13.28
N2 NAG LA . 35.85 23.48 15.51
O3 NAG LA . 36.11 25.79 17.23
O4 NAG LA . 37.44 25.31 19.71
O5 NAG LA . 36.09 22.00 18.92
O6 NAG LA . 38.06 22.92 21.71
O7 NAG LA . 34.25 25.04 15.25
C1 NAG MA . 3.51 39.36 -7.45
C2 NAG MA . 3.61 40.20 -6.20
C3 NAG MA . 2.22 40.65 -5.76
C4 NAG MA . 1.49 41.35 -6.90
C5 NAG MA . 1.53 40.50 -8.17
C6 NAG MA . 1.01 41.24 -9.37
C7 NAG MA . 5.59 39.50 -4.94
C8 NAG MA . 6.12 38.70 -3.80
N2 NAG MA . 4.27 39.47 -5.12
O3 NAG MA . 2.35 41.53 -4.64
O4 NAG MA . 0.13 41.55 -6.56
O5 NAG MA . 2.88 40.12 -8.48
O6 NAG MA . 1.31 42.63 -9.29
O7 NAG MA . 6.33 40.13 -5.69
C1 NAG MA . -0.14 42.91 -6.22
C2 NAG MA . -1.01 42.88 -4.96
C3 NAG MA . -1.28 44.30 -4.43
C4 NAG MA . 0.03 45.05 -4.26
C5 NAG MA . 0.82 45.03 -5.56
C6 NAG MA . 2.19 45.67 -5.44
C7 NAG MA . -3.22 42.43 -6.04
C8 NAG MA . -4.40 41.50 -6.04
N2 NAG MA . -2.25 42.14 -5.16
O3 NAG MA . -1.96 44.22 -3.20
O4 NAG MA . -0.24 46.40 -3.88
O5 NAG MA . 1.05 43.67 -5.97
O6 NAG MA . 3.22 44.70 -5.56
O7 NAG MA . -3.17 43.40 -6.79
C1 NAG NA . 24.10 18.11 -15.25
C2 NAG NA . 24.83 17.36 -14.16
C3 NAG NA . 26.10 16.72 -14.70
C4 NAG NA . 25.79 15.87 -15.93
C5 NAG NA . 24.97 16.66 -16.95
C6 NAG NA . 24.46 15.81 -18.08
C7 NAG NA . 25.01 17.81 -11.77
C8 NAG NA . 25.36 18.82 -10.71
N2 NAG NA . 25.13 18.23 -13.03
O3 NAG NA . 26.71 15.93 -13.69
O4 NAG NA . 27.03 15.48 -16.51
O5 NAG NA . 23.80 17.23 -16.31
O6 NAG NA . 24.82 16.37 -19.33
O7 NAG NA . 24.63 16.69 -11.49
C1 NAG NA . 27.16 14.03 -16.54
C2 NAG NA . 28.31 13.71 -17.47
C3 NAG NA . 28.50 12.20 -17.61
C4 NAG NA . 28.58 11.53 -16.24
C5 NAG NA . 27.47 12.02 -15.30
C6 NAG NA . 27.66 11.54 -13.88
C7 NAG NA . 27.19 14.16 -19.66
C8 NAG NA . 27.30 14.95 -20.93
N2 NAG NA . 28.18 14.35 -18.77
O3 NAG NA . 29.67 11.94 -18.37
O4 NAG NA . 28.42 10.12 -16.39
O5 NAG NA . 27.41 13.45 -15.25
O6 NAG NA . 26.54 10.80 -13.43
O7 NAG NA . 26.25 13.40 -19.45
C1 BMA NA . 29.67 9.41 -16.37
C2 BMA NA . 29.40 7.97 -15.87
C3 BMA NA . 30.69 7.16 -15.99
C4 BMA NA . 31.25 7.21 -17.41
C5 BMA NA . 31.49 8.68 -17.79
C6 BMA NA . 31.98 8.85 -19.22
O2 BMA NA . 28.45 7.32 -16.69
O3 BMA NA . 30.53 5.81 -15.57
O4 BMA NA . 32.47 6.50 -17.48
O5 BMA NA . 30.24 9.38 -17.67
O6 BMA NA . 30.95 8.42 -20.09
C1 MAN NA . 30.64 5.76 -14.13
C2 MAN NA . 32.04 5.17 -13.76
C3 MAN NA . 32.07 3.65 -13.99
C4 MAN NA . 30.89 2.98 -13.29
C5 MAN NA . 29.59 3.56 -13.84
C6 MAN NA . 28.37 2.98 -13.17
O2 MAN NA . 32.34 5.35 -12.39
O3 MAN NA . 33.30 3.08 -13.55
O4 MAN NA . 30.92 1.59 -13.52
O5 MAN NA . 29.57 4.98 -13.58
O6 MAN NA . 28.23 3.59 -11.89
C1 NAG OA . 33.25 23.50 -21.41
C2 NAG OA . 33.84 24.66 -22.19
C3 NAG OA . 33.31 24.66 -23.62
C4 NAG OA . 33.54 23.30 -24.27
C5 NAG OA . 32.97 22.19 -23.39
C6 NAG OA . 33.29 20.80 -23.91
C7 NAG OA . 34.45 26.52 -20.73
C8 NAG OA . 34.02 27.83 -20.14
N2 NAG OA . 33.58 25.92 -21.54
O3 NAG OA . 33.97 25.68 -24.35
O4 NAG OA . 32.92 23.27 -25.55
O5 NAG OA . 33.54 22.27 -22.07
O6 NAG OA . 34.59 20.76 -24.47
O7 NAG OA . 35.54 26.03 -20.47
C1 NAG OA . 33.95 23.32 -26.54
C2 NAG OA . 33.44 22.69 -27.83
C3 NAG OA . 34.50 22.79 -28.92
C4 NAG OA . 34.96 24.23 -29.10
C5 NAG OA . 35.40 24.82 -27.76
C6 NAG OA . 35.71 26.29 -27.84
C7 NAG OA . 31.82 20.96 -27.22
C8 NAG OA . 31.58 19.48 -27.06
N2 NAG OA . 33.04 21.31 -27.63
O3 NAG OA . 33.97 22.30 -30.15
O4 NAG OA . 36.05 24.28 -30.01
O5 NAG OA . 34.34 24.67 -26.79
O6 NAG OA . 34.77 26.96 -28.66
O7 NAG OA . 30.94 21.78 -27.00
C1 NAG PA . 45.42 7.14 -14.28
C2 NAG PA . 45.48 7.41 -15.78
C3 NAG PA . 45.16 6.14 -16.56
C4 NAG PA . 46.03 4.97 -16.10
C5 NAG PA . 45.98 4.83 -14.57
C6 NAG PA . 46.96 3.82 -14.04
C7 NAG PA . 44.98 9.66 -16.60
C8 NAG PA . 43.91 10.65 -16.93
N2 NAG PA . 44.56 8.47 -16.15
O3 NAG PA . 45.37 6.38 -17.95
O4 NAG PA . 45.55 3.77 -16.68
O5 NAG PA . 46.31 6.09 -13.96
O6 NAG PA . 48.15 3.80 -14.81
O7 NAG PA . 46.17 9.92 -16.72
C1 NAG PA . 46.53 3.26 -17.61
C2 NAG PA . 46.42 1.74 -17.64
C3 NAG PA . 47.41 1.15 -18.64
C4 NAG PA . 47.20 1.80 -20.01
C5 NAG PA . 47.28 3.31 -19.90
C6 NAG PA . 46.95 4.01 -21.19
C7 NAG PA . 45.62 0.86 -15.49
C8 NAG PA . 46.01 0.27 -14.18
N2 NAG PA . 46.63 1.17 -16.32
O3 NAG PA . 47.22 -0.25 -18.73
O4 NAG PA . 48.22 1.34 -20.91
O5 NAG PA . 46.33 3.79 -18.92
O6 NAG PA . 45.71 4.71 -21.10
O7 NAG PA . 44.45 1.04 -15.79
C1 NAG QA . 38.82 26.48 -17.54
C2 NAG QA . 39.62 25.23 -17.84
C3 NAG QA . 41.01 25.36 -17.25
C4 NAG QA . 41.69 26.62 -17.76
C5 NAG QA . 40.79 27.84 -17.53
C6 NAG QA . 41.32 29.11 -18.15
C7 NAG QA . 38.63 23.01 -18.08
C8 NAG QA . 37.93 21.88 -17.38
N2 NAG QA . 38.95 24.06 -17.32
O3 NAG QA . 41.77 24.20 -17.60
O4 NAG QA . 42.98 26.78 -17.18
O5 NAG QA . 39.48 27.62 -18.10
O6 NAG QA . 41.84 28.86 -19.45
O7 NAG QA . 38.89 22.98 -19.27
C1 NAG QA . 43.91 26.56 -18.28
C2 NAG QA . 45.32 26.97 -17.85
C3 NAG QA . 46.30 26.72 -19.00
C4 NAG QA . 46.19 25.30 -19.55
C5 NAG QA . 44.74 24.93 -19.82
C6 NAG QA . 44.57 23.46 -20.16
C7 NAG QA . 46.25 28.82 -16.55
C8 NAG QA . 46.16 30.28 -16.23
N2 NAG QA . 45.37 28.35 -17.44
O3 NAG QA . 47.62 26.99 -18.55
O4 NAG QA . 46.87 25.21 -20.79
O5 NAG QA . 43.91 25.19 -18.69
O6 NAG QA . 44.60 22.67 -18.99
O7 NAG QA . 47.10 28.10 -16.05
C1 BMA QA . 48.20 24.65 -20.64
C2 BMA QA . 48.17 23.21 -21.20
C3 BMA QA . 49.61 22.67 -21.43
C4 BMA QA . 50.58 23.72 -22.01
C5 BMA QA . 50.46 25.04 -21.23
C6 BMA QA . 51.33 26.14 -21.81
O2 BMA QA . 47.52 23.18 -22.47
O3 BMA QA . 49.59 21.54 -22.29
O4 BMA QA . 51.92 23.25 -21.89
O5 BMA QA . 49.12 25.45 -21.34
O6 BMA QA . 51.26 26.06 -23.23
C1 NAG RA . 35.00 37.08 0.38
C2 NAG RA . 35.61 35.97 1.22
C3 NAG RA . 36.57 36.57 2.24
C4 NAG RA . 37.60 37.45 1.55
C5 NAG RA . 36.90 38.48 0.67
C6 NAG RA . 37.85 39.30 -0.16
C7 NAG RA . 34.26 33.95 1.48
C8 NAG RA . 33.17 33.28 2.26
N2 NAG RA . 34.58 35.20 1.88
O3 NAG RA . 37.21 35.51 2.94
O4 NAG RA . 38.37 38.16 2.51
O5 NAG RA . 36.02 37.82 -0.25
O6 NAG RA . 38.11 38.67 -1.41
O7 NAG RA . 34.83 33.41 0.54
C1 NAG RA . 39.67 37.58 2.70
C2 NAG RA . 40.53 38.59 3.43
C3 NAG RA . 41.88 37.98 3.79
C4 NAG RA . 41.69 36.68 4.57
C5 NAG RA . 40.77 35.75 3.79
C6 NAG RA . 40.40 34.50 4.55
C7 NAG RA . 39.89 40.85 2.71
C8 NAG RA . 40.22 42.00 1.83
N2 NAG RA . 40.72 39.80 2.64
O3 NAG RA . 42.63 38.91 4.57
O4 NAG RA . 42.95 36.06 4.79
O5 NAG RA . 39.54 36.42 3.48
O6 NAG RA . 39.03 34.16 4.33
O7 NAG RA . 38.92 40.85 3.45
C1 BMA RA . 43.30 36.05 6.19
C2 BMA RA . 44.80 35.73 6.28
C3 BMA RA . 45.18 35.61 7.75
C4 BMA RA . 44.75 36.85 8.56
C5 BMA RA . 43.27 37.26 8.26
C6 BMA RA . 42.92 38.63 8.81
O2 BMA RA . 45.57 36.80 5.75
O3 BMA RA . 46.56 35.38 7.91
O4 BMA RA . 44.88 36.59 9.95
O5 BMA RA . 43.06 37.29 6.82
O6 BMA RA . 41.56 38.91 8.47
C1 NAG SA . 38.06 32.73 -1.97
C2 NAG SA . 38.57 32.69 -0.52
C3 NAG SA . 39.05 34.08 -0.06
C4 NAG SA . 40.02 34.68 -1.07
C5 NAG SA . 39.37 34.67 -2.45
C6 NAG SA . 40.25 35.19 -3.56
C7 NAG SA . 37.77 31.60 1.53
C8 NAG SA . 36.58 31.17 2.32
N2 NAG SA . 37.53 32.21 0.37
O3 NAG SA . 39.67 33.98 1.21
O4 NAG SA . 40.39 35.99 -0.65
O5 NAG SA . 39.05 33.32 -2.79
O6 NAG SA . 41.55 34.62 -3.50
O7 NAG SA . 38.92 31.43 1.94
C1 NAG SA . 41.85 36.10 -0.58
C2 NAG SA . 42.26 37.55 -0.87
C3 NAG SA . 43.78 37.66 -0.88
C4 NAG SA . 44.37 37.13 0.43
C5 NAG SA . 43.85 35.73 0.73
C6 NAG SA . 44.29 35.19 2.07
C7 NAG SA . 41.20 39.19 -2.38
C8 NAG SA . 41.18 40.16 -1.23
N2 NAG SA . 41.72 37.98 -2.15
O3 NAG SA . 44.17 39.01 -1.08
O4 NAG SA . 45.79 37.07 0.31
O5 NAG SA . 42.41 35.70 0.71
O6 NAG SA . 44.55 36.23 2.99
O7 NAG SA . 40.75 39.50 -3.49
C1 BMA SA . 46.43 38.11 1.07
C2 BMA SA . 47.83 37.62 1.47
C3 BMA SA . 48.59 38.72 2.20
C4 BMA SA . 48.54 40.07 1.47
C5 BMA SA . 47.09 40.42 1.03
C6 BMA SA . 47.07 41.64 0.12
O2 BMA SA . 48.59 37.31 0.31
O3 BMA SA . 49.94 38.36 2.38
O4 BMA SA . 49.04 41.09 2.31
O5 BMA SA . 46.52 39.32 0.32
O6 BMA SA . 47.93 41.38 -1.01
C1 MAN SA . 50.24 38.25 3.78
C2 MAN SA . 51.71 38.64 3.94
C3 MAN SA . 52.57 37.64 3.19
C4 MAN SA . 52.32 36.22 3.68
C5 MAN SA . 50.81 35.89 3.56
C6 MAN SA . 50.43 34.57 4.22
O2 MAN SA . 52.13 38.56 5.31
O3 MAN SA . 53.96 37.96 3.29
O4 MAN SA . 53.05 35.30 2.90
O5 MAN SA . 50.01 36.92 4.20
O6 MAN SA . 50.61 34.70 5.62
C1 MAN SA . 48.79 42.52 -1.25
C2 MAN SA . 48.95 42.70 -2.78
C3 MAN SA . 49.88 41.61 -3.35
C4 MAN SA . 51.19 41.51 -2.57
C5 MAN SA . 50.88 41.27 -1.09
C6 MAN SA . 52.12 41.24 -0.23
O2 MAN SA . 49.57 43.94 -3.10
O3 MAN SA . 50.16 41.83 -4.73
O4 MAN SA . 51.97 40.44 -3.06
O5 MAN SA . 50.04 42.35 -0.59
O6 MAN SA . 51.70 41.25 1.13
C1 NAG TA . 36.90 41.81 -6.99
C2 NAG TA . 38.08 41.09 -7.63
C3 NAG TA . 39.35 41.92 -7.45
C4 NAG TA . 39.14 43.33 -7.97
C5 NAG TA . 37.84 43.94 -7.42
C6 NAG TA . 37.48 45.24 -8.10
C7 NAG TA . 38.49 38.68 -7.80
C8 NAG TA . 38.65 37.39 -7.05
N2 NAG TA . 38.25 39.76 -7.05
O3 NAG TA . 40.40 41.27 -8.15
O4 NAG TA . 40.22 44.15 -7.54
O5 NAG TA . 36.73 43.05 -7.61
O6 NAG TA . 37.63 45.13 -9.51
O7 NAG TA . 38.60 38.74 -9.02
C1 NAG TA . 41.17 44.36 -8.57
C2 NAG TA . 41.86 45.69 -8.29
C3 NAG TA . 42.94 45.96 -9.33
C4 NAG TA . 43.92 44.79 -9.39
C5 NAG TA . 43.16 43.48 -9.60
C6 NAG TA . 44.05 42.26 -9.52
C7 NAG TA . 40.99 47.81 -7.44
C8 NAG TA . 39.91 48.85 -7.53
N2 NAG TA . 40.89 46.77 -8.27
O3 NAG TA . 43.60 47.17 -8.98
O4 NAG TA . 44.84 44.95 -10.47
O5 NAG TA . 42.15 43.32 -8.60
O6 NAG TA . 44.74 42.21 -8.28
O7 NAG TA . 41.91 47.92 -6.63
C1 BMA TA . 46.09 45.57 -10.09
C2 BMA TA . 46.75 44.85 -8.88
C3 BMA TA . 48.04 45.57 -8.53
C4 BMA TA . 48.98 45.69 -9.75
C5 BMA TA . 48.23 46.32 -10.95
C6 BMA TA . 49.04 46.28 -12.23
O2 BMA TA . 47.09 43.53 -9.21
O3 BMA TA . 48.71 44.94 -7.45
O4 BMA TA . 50.10 46.48 -9.43
O5 BMA TA . 47.02 45.57 -11.19
O6 BMA TA . 48.93 44.98 -12.78
C1 NAG UA . 21.92 22.96 -20.99
C2 NAG UA . 20.95 21.77 -21.03
C3 NAG UA . 20.82 21.25 -22.46
C4 NAG UA . 20.39 22.37 -23.40
C5 NAG UA . 21.39 23.51 -23.30
C6 NAG UA . 20.99 24.72 -24.11
C7 NAG UA . 22.47 20.01 -20.13
C8 NAG UA . 22.60 18.97 -19.06
N2 NAG UA . 21.32 20.72 -20.10
O3 NAG UA . 19.84 20.20 -22.47
O4 NAG UA . 20.36 21.89 -24.73
O5 NAG UA . 21.51 23.96 -21.94
O6 NAG UA . 19.58 24.90 -24.12
O7 NAG UA . 23.34 20.19 -20.97
C1 NAG UA . 19.01 21.85 -25.21
C2 NAG UA . 19.03 22.17 -26.70
C3 NAG UA . 17.62 22.11 -27.26
C4 NAG UA . 16.98 20.76 -26.96
C5 NAG UA . 17.05 20.47 -25.46
C6 NAG UA . 16.58 19.07 -25.12
C7 NAG UA . 20.81 23.61 -27.55
C8 NAG UA . 21.28 25.02 -27.75
N2 NAG UA . 19.62 23.47 -26.96
O3 NAG UA . 17.66 22.31 -28.68
O4 NAG UA . 15.62 20.75 -27.39
O5 NAG UA . 18.41 20.57 -25.00
O6 NAG UA . 15.93 18.46 -26.21
O7 NAG UA . 21.48 22.64 -27.90
C1 NAG VA . -30.90 -22.28 16.20
C2 NAG VA . -31.86 -21.96 17.34
C3 NAG VA . -31.17 -22.14 18.69
C4 NAG VA . -30.54 -23.53 18.79
C5 NAG VA . -29.62 -23.77 17.59
C6 NAG VA . -29.07 -25.17 17.57
C7 NAG VA . -33.49 -20.33 16.51
C8 NAG VA . -33.91 -18.88 16.49
N2 NAG VA . -32.40 -20.61 17.22
O3 NAG VA . -32.10 -21.96 19.74
O4 NAG VA . -29.78 -23.63 19.99
O5 NAG VA . -30.36 -23.60 16.38
O6 NAG VA . -29.65 -25.95 16.53
O7 NAG VA . -34.11 -21.19 15.89
C1 NAG WA . -21.13 30.92 5.62
C2 NAG WA . -21.17 32.20 4.79
C3 NAG WA . -19.98 33.09 5.14
C4 NAG WA . -19.92 33.34 6.64
C5 NAG WA . -19.91 32.01 7.38
C6 NAG WA . -19.98 32.18 8.88
C7 NAG WA . -21.97 32.52 2.49
C8 NAG WA . -21.85 32.07 1.05
N2 NAG WA . -21.17 31.90 3.36
O3 NAG WA . -20.10 34.34 4.45
O4 NAG WA . -18.74 34.06 6.97
O5 NAG WA . -21.07 31.24 7.01
O6 NAG WA . -20.61 31.05 9.50
O7 NAG WA . -22.75 33.40 2.83
C1 NAG XA . 47.81 -35.05 14.16
C2 NAG XA . 47.84 -36.35 13.32
C3 NAG XA . 48.42 -36.09 11.92
C4 NAG XA . 47.70 -34.93 11.24
C5 NAG XA . 47.72 -33.70 12.14
C6 NAG XA . 46.94 -32.54 11.57
C7 NAG XA . 49.84 -37.42 14.37
C8 NAG XA . 50.33 -38.65 15.06
N2 NAG XA . 48.55 -37.43 14.00
O3 NAG XA . 48.30 -37.26 11.14
O4 NAG XA . 48.32 -34.63 10.01
O5 NAG XA . 47.12 -34.01 13.41
O6 NAG XA . 46.27 -32.93 10.37
O7 NAG XA . 50.59 -36.45 14.17
C1 NAG YA . 18.76 -56.28 -10.84
C2 NAG YA . 19.33 -57.66 -10.40
C3 NAG YA . 19.42 -58.66 -11.56
C4 NAG YA . 18.11 -58.72 -12.34
C5 NAG YA . 17.71 -57.30 -12.76
C6 NAG YA . 16.39 -57.27 -13.50
C7 NAG YA . 21.81 -57.19 -9.83
C8 NAG YA . 22.15 -56.65 -11.20
N2 NAG YA . 20.54 -57.60 -9.57
O3 NAG YA . 19.74 -59.95 -11.05
O4 NAG YA . 18.27 -59.52 -13.50
O5 NAG YA . 17.55 -56.48 -11.59
O6 NAG YA . 16.17 -58.47 -14.24
O7 NAG YA . 22.67 -57.24 -8.96
C1 NAG ZA . 10.81 -51.48 -27.65
C2 NAG ZA . 9.98 -51.04 -28.86
C3 NAG ZA . 8.50 -50.98 -28.51
C4 NAG ZA . 8.03 -52.30 -27.91
C5 NAG ZA . 8.92 -52.68 -26.73
C6 NAG ZA . 8.57 -54.03 -26.15
C7 NAG ZA . 10.67 -49.52 -30.65
C8 NAG ZA . 11.16 -48.14 -31.00
N2 NAG ZA . 10.45 -49.76 -29.36
O3 NAG ZA . 7.75 -50.69 -29.68
O4 NAG ZA . 6.68 -52.19 -27.49
O5 NAG ZA . 10.29 -52.73 -27.14
O6 NAG ZA . 7.77 -53.90 -24.98
O7 NAG ZA . 10.50 -50.37 -31.52
C1 NAG AB . 11.28 -28.02 -27.06
C2 NAG AB . 11.68 -27.78 -28.51
C3 NAG AB . 10.79 -26.72 -29.16
C4 NAG AB . 9.31 -26.99 -28.90
C5 NAG AB . 9.05 -27.27 -27.43
C6 NAG AB . 7.63 -27.70 -27.15
C7 NAG AB . 14.05 -28.29 -28.95
C8 NAG AB . 15.44 -27.74 -29.02
N2 NAG AB . 13.09 -27.42 -28.62
O3 NAG AB . 11.04 -26.70 -30.56
O4 NAG AB . 8.54 -25.86 -29.30
O5 NAG AB . 9.90 -28.34 -26.99
O6 NAG AB . 7.25 -28.82 -27.93
O7 NAG AB . 13.80 -29.47 -29.20
C1 NAG BB . 30.30 -0.97 52.92
C2 NAG BB . 30.13 -1.06 54.45
C3 NAG BB . 30.12 -2.52 54.93
C4 NAG BB . 29.10 -3.33 54.15
C5 NAG BB . 29.36 -3.19 52.65
C6 NAG BB . 28.32 -3.90 51.82
C7 NAG BB . 32.46 -0.49 55.16
C8 NAG BB . 33.27 0.46 55.99
N2 NAG BB . 31.14 -0.27 55.18
O3 NAG BB . 29.83 -2.56 56.32
O4 NAG BB . 29.20 -4.70 54.51
O5 NAG BB . 29.31 -1.81 52.28
O6 NAG BB . 27.46 -4.68 52.63
O7 NAG BB . 33.00 -1.38 54.51
C1 NAG CB . -10.55 4.36 61.39
C2 NAG CB . -10.04 4.86 62.78
C3 NAG CB . -10.91 4.36 63.94
C4 NAG CB . -12.39 4.59 63.65
C5 NAG CB . -12.75 3.99 62.30
C6 NAG CB . -14.20 4.22 61.91
C7 NAG CB . -7.80 3.62 63.16
C8 NAG CB . -8.42 2.23 63.09
N2 NAG CB . -8.60 4.70 63.01
O3 NAG CB . -10.55 5.04 65.13
O4 NAG CB . -13.19 3.96 64.66
O5 NAG CB . -11.96 4.59 61.28
O6 NAG CB . -14.99 4.51 63.06
O7 NAG CB . -6.60 3.75 63.35
C1 NAG DB . -25.62 -7.31 56.91
C2 NAG DB . -27.01 -7.92 56.79
C3 NAG DB . -27.84 -7.15 55.76
C4 NAG DB . -27.87 -5.67 56.09
C5 NAG DB . -26.44 -5.15 56.22
C6 NAG DB . -26.39 -3.70 56.65
C7 NAG DB . -27.45 -10.29 57.20
C8 NAG DB . -27.29 -11.70 56.70
N2 NAG DB . -26.93 -9.33 56.44
O3 NAG DB . -29.17 -7.67 55.74
O4 NAG DB . -28.54 -4.95 55.06
O5 NAG DB . -25.73 -5.90 57.21
O6 NAG DB . -27.61 -3.03 56.37
O7 NAG DB . -28.02 -10.05 58.26
C1 NAG EB . -17.62 -18.63 38.81
C2 NAG EB . -18.14 -20.01 39.22
C3 NAG EB . -18.75 -20.73 38.00
C4 NAG EB . -19.71 -19.82 37.24
C5 NAG EB . -19.07 -18.46 36.97
C6 NAG EB . -20.02 -17.47 36.34
C7 NAG EB . -16.72 -20.76 41.09
C8 NAG EB . -15.61 -21.68 41.50
N2 NAG EB . -17.08 -20.82 39.80
O3 NAG EB . -19.44 -21.89 38.44
O4 NAG EB . -20.04 -20.43 35.99
O5 NAG EB . -18.64 -17.89 38.21
O6 NAG EB . -19.43 -16.18 36.22
O7 NAG EB . -17.24 -19.98 41.87
C1 NAG FB . -7.44 -13.04 -34.35
C2 NAG FB . -7.63 -13.85 -35.64
C3 NAG FB . -6.37 -14.68 -35.91
C4 NAG FB . -5.13 -13.80 -35.92
C5 NAG FB . -5.04 -13.00 -34.62
C6 NAG FB . -3.90 -12.01 -34.62
C7 NAG FB . -10.03 -14.30 -35.84
C8 NAG FB . -11.12 -15.32 -35.68
N2 NAG FB . -8.79 -14.71 -35.54
O3 NAG FB . -6.51 -15.33 -37.17
O4 NAG FB . -3.97 -14.60 -36.06
O5 NAG FB . -6.24 -12.24 -34.44
O6 NAG FB . -4.29 -10.77 -35.17
O7 NAG FB . -10.27 -13.16 -36.21
C1 NAG GB . 52.67 20.15 6.50
C2 NAG GB . 53.38 21.46 6.17
C3 NAG GB . 53.29 22.44 7.34
C4 NAG GB . 51.84 22.62 7.78
C5 NAG GB . 51.23 21.26 8.09
C6 NAG GB . 49.77 21.35 8.44
C7 NAG GB . 55.75 20.76 6.52
C8 NAG GB . 57.09 20.65 5.85
N2 NAG GB . 54.77 21.26 5.76
O3 NAG GB . 53.83 23.71 6.95
O4 NAG GB . 51.79 23.43 8.95
O5 NAG GB . 51.32 20.41 6.94
O6 NAG GB . 49.39 22.70 8.72
O7 NAG GB . 55.58 20.37 7.68
C1 NAG HB . 29.87 43.81 -18.25
C2 NAG HB . 31.07 44.43 -19.02
C3 NAG HB . 31.01 45.96 -19.08
C4 NAG HB . 29.64 46.43 -19.53
C5 NAG HB . 28.56 45.81 -18.65
C6 NAG HB . 27.16 46.19 -19.06
C7 NAG HB . 33.10 43.98 -17.49
C8 NAG HB . 32.52 44.71 -16.30
N2 NAG HB . 32.40 43.91 -18.64
O3 NAG HB . 31.99 46.44 -20.00
O4 NAG HB . 29.55 47.85 -19.43
O5 NAG HB . 28.64 44.38 -18.74
O6 NAG HB . 27.14 46.81 -20.34
O7 NAG HB . 34.22 43.47 -17.42
C1 NAG IB . 14.74 53.33 -14.74
C2 NAG IB . 13.98 54.59 -15.16
C3 NAG IB . 12.54 54.24 -15.53
C4 NAG IB . 12.51 53.14 -16.58
C5 NAG IB . 13.31 51.93 -16.10
C6 NAG IB . 13.40 50.84 -17.14
C7 NAG IB . 14.47 56.83 -14.27
C8 NAG IB . 14.41 57.73 -13.08
N2 NAG IB . 13.99 55.59 -14.11
O3 NAG IB . 11.87 55.40 -16.02
O4 NAG IB . 11.16 52.74 -16.83
O5 NAG IB . 14.65 52.34 -15.78
O6 NAG IB . 12.86 51.24 -18.38
O7 NAG IB . 14.94 57.20 -15.34
C1 NAG JB . 4.25 40.24 2.76
C2 NAG JB . 3.71 41.38 3.63
C3 NAG JB . 2.28 41.09 4.09
C4 NAG JB . 1.39 40.65 2.92
C5 NAG JB . 2.07 39.56 2.10
C6 NAG JB . 1.31 39.21 0.84
C7 NAG JB . 5.50 42.60 4.81
C8 NAG JB . 6.29 42.70 6.08
N2 NAG JB . 4.58 41.63 4.78
O3 NAG JB . 1.74 42.25 4.70
O4 NAG JB . 0.15 40.16 3.41
O5 NAG JB . 3.37 40.02 1.68
O6 NAG JB . 2.09 39.48 -0.33
O7 NAG JB . 5.69 43.35 3.87
#